data_6WSX
# 
_entry.id   6WSX 
# 
_audit_conform.dict_name       mmcif_pdbx.dic 
_audit_conform.dict_version    5.380 
_audit_conform.dict_location   http://mmcif.pdb.org/dictionaries/ascii/mmcif_pdbx.dic 
# 
loop_
_database_2.database_id 
_database_2.database_code 
_database_2.pdbx_database_accession 
_database_2.pdbx_DOI 
PDB   6WSX         pdb_00006wsx 10.2210/pdb6wsx/pdb 
WWPDB D_1000248891 ?            ?                   
# 
_pdbx_database_status.status_code                     REL 
_pdbx_database_status.status_code_sf                  REL 
_pdbx_database_status.status_code_mr                  ? 
_pdbx_database_status.entry_id                        6WSX 
_pdbx_database_status.recvd_initial_deposition_date   2020-05-01 
_pdbx_database_status.SG_entry                        N 
_pdbx_database_status.deposit_site                    RCSB 
_pdbx_database_status.process_site                    RCSB 
_pdbx_database_status.status_code_cs                  ? 
_pdbx_database_status.status_code_nmr_data            ? 
_pdbx_database_status.methods_development_category    ? 
_pdbx_database_status.pdb_format_compatible           Y 
# 
loop_
_audit_author.name 
_audit_author.pdbx_ordinal 
_audit_author.identifier_ORCID 
'Simmons, C.R.'      1 0000-0002-2290-6132 
'MacCulloch, T.'     2 0000-0001-5875-3361 
'Stephanopoulos, N.' 3 0000-0001-7859-410X 
'Yan, H.'            4 0000-0001-7397-9852 
# 
_citation.abstract                  ? 
_citation.abstract_id_CAS           ? 
_citation.book_id_ISBN              ? 
_citation.book_publisher            ? 
_citation.book_publisher_city       ? 
_citation.book_title                ? 
_citation.coordinate_linkage        ? 
_citation.country                   UK 
_citation.database_id_Medline       ? 
_citation.details                   ? 
_citation.id                        primary 
_citation.journal_abbrev            'Nat Commun' 
_citation.journal_id_ASTM           ? 
_citation.journal_id_CSD            ? 
_citation.journal_id_ISSN           2041-1723 
_citation.journal_full              ? 
_citation.journal_issue             ? 
_citation.journal_volume            13 
_citation.language                  ? 
_citation.page_first                3112 
_citation.page_last                 3112 
_citation.title                     'The influence of Holliday junction sequence and dynamics on DNA crystal self-assembly.' 
_citation.year                      2022 
_citation.database_id_CSD           ? 
_citation.pdbx_database_id_DOI      10.1038/s41467-022-30779-6 
_citation.pdbx_database_id_PubMed   35662248 
_citation.unpublished_flag          ? 
# 
loop_
_citation_author.citation_id 
_citation_author.name 
_citation_author.ordinal 
_citation_author.identifier_ORCID 
primary 'Simmons, C.R.'      1  ?                   
primary 'MacCulloch, T.'     2  ?                   
primary 'Krepl, M.'          3  0000-0002-9833-4281 
primary 'Matthies, M.'       4  ?                   
primary 'Buchberger, A.'     5  ?                   
primary 'Crawford, I.'       6  ?                   
primary 'Sponer, J.'         7  0000-0001-6558-6186 
primary 'Sulc, P.'           8  0000-0003-1565-6769 
primary 'Stephanopoulos, N.' 9  0000-0001-7859-410X 
primary 'Yan, H.'            10 0000-0001-7397-9852 
# 
_cell.angle_alpha                  90.000 
_cell.angle_alpha_esd              ? 
_cell.angle_beta                   90.000 
_cell.angle_beta_esd               ? 
_cell.angle_gamma                  120.000 
_cell.angle_gamma_esd              ? 
_cell.entry_id                     6WSX 
_cell.details                      ? 
_cell.formula_units_Z              ? 
_cell.length_a                     69.441 
_cell.length_a_esd                 ? 
_cell.length_b                     69.441 
_cell.length_b_esd                 ? 
_cell.length_c                     59.459 
_cell.length_c_esd                 ? 
_cell.volume                       ? 
_cell.volume_esd                   ? 
_cell.Z_PDB                        3 
_cell.reciprocal_angle_alpha       ? 
_cell.reciprocal_angle_beta        ? 
_cell.reciprocal_angle_gamma       ? 
_cell.reciprocal_angle_alpha_esd   ? 
_cell.reciprocal_angle_beta_esd    ? 
_cell.reciprocal_angle_gamma_esd   ? 
_cell.reciprocal_length_a          ? 
_cell.reciprocal_length_b          ? 
_cell.reciprocal_length_c          ? 
_cell.reciprocal_length_a_esd      ? 
_cell.reciprocal_length_b_esd      ? 
_cell.reciprocal_length_c_esd      ? 
_cell.pdbx_unique_axis             ? 
# 
_symmetry.entry_id                         6WSX 
_symmetry.cell_setting                     ? 
_symmetry.Int_Tables_number                145 
_symmetry.space_group_name_Hall            ? 
_symmetry.space_group_name_H-M             'P 32' 
_symmetry.pdbx_full_space_group_name_H-M   ? 
# 
loop_
_entity.id 
_entity.type 
_entity.src_method 
_entity.pdbx_description 
_entity.formula_weight 
_entity.pdbx_number_of_molecules 
_entity.pdbx_ec 
_entity.pdbx_mutation 
_entity.pdbx_fragment 
_entity.details 
1 polymer syn 
;DNA (5'-D(*GP*AP*GP*CP*AP*GP*AP*CP*CP*TP*GP*AP*CP*GP*CP*CP*AP*CP*TP*CP*A)-3')
;
6402.151 1 ? ? ? ? 
2 polymer syn 
;DNA (5'-D(P*CP*GP*TP*CP*A)-3')
;
1480.012 1 ? ? ? ? 
3 polymer syn 
;DNA (5'-D(*TP*CP*TP*GP*AP*GP*TP*GP*G)-3')
;
2786.833 1 ? ? ? ? 
4 polymer syn 
;DNA (5'-D(P*GP*GP*TP*CP*TP*GP*C)-3')
;
2129.409 1 ? ? ? ? 
# 
loop_
_entity_poly.entity_id 
_entity_poly.type 
_entity_poly.nstd_linkage 
_entity_poly.nstd_monomer 
_entity_poly.pdbx_seq_one_letter_code 
_entity_poly.pdbx_seq_one_letter_code_can 
_entity_poly.pdbx_strand_id 
_entity_poly.pdbx_target_identifier 
1 polydeoxyribonucleotide no no 
;(DG)(DA)(DG)(DC)(DA)(DG)(DA)(DC)(DC)(DT)(DG)(DA)(DC)(DG)(DC)(DC)(DA)(DC)(DT)(DC)
(DA)
;
GAGCAGACCTGACGCCACTCA A ? 
2 polydeoxyribonucleotide no no '(DC)(DG)(DT)(DC)(DA)'                                                                  CGTCA B ? 
3 polydeoxyribonucleotide no no '(DT)(DC)(DT)(DG)(DA)(DG)(DT)(DG)(DG)'                                                  TCTGAGTGG 
C ? 
4 polydeoxyribonucleotide no no '(DG)(DG)(DT)(DC)(DT)(DG)(DC)'                                                          GGTCTGC D 
? 
# 
loop_
_entity_poly_seq.entity_id 
_entity_poly_seq.num 
_entity_poly_seq.mon_id 
_entity_poly_seq.hetero 
1 1  DG n 
1 2  DA n 
1 3  DG n 
1 4  DC n 
1 5  DA n 
1 6  DG n 
1 7  DA n 
1 8  DC n 
1 9  DC n 
1 10 DT n 
1 11 DG n 
1 12 DA n 
1 13 DC n 
1 14 DG n 
1 15 DC n 
1 16 DC n 
1 17 DA n 
1 18 DC n 
1 19 DT n 
1 20 DC n 
1 21 DA n 
2 1  DC n 
2 2  DG n 
2 3  DT n 
2 4  DC n 
2 5  DA n 
3 1  DT n 
3 2  DC n 
3 3  DT n 
3 4  DG n 
3 5  DA n 
3 6  DG n 
3 7  DT n 
3 8  DG n 
3 9  DG n 
4 1  DG n 
4 2  DG n 
4 3  DT n 
4 4  DC n 
4 5  DT n 
4 6  DG n 
4 7  DC n 
# 
loop_
_pdbx_entity_src_syn.entity_id 
_pdbx_entity_src_syn.pdbx_src_id 
_pdbx_entity_src_syn.pdbx_alt_source_flag 
_pdbx_entity_src_syn.pdbx_beg_seq_num 
_pdbx_entity_src_syn.pdbx_end_seq_num 
_pdbx_entity_src_syn.organism_scientific 
_pdbx_entity_src_syn.organism_common_name 
_pdbx_entity_src_syn.ncbi_taxonomy_id 
_pdbx_entity_src_syn.details 
1 1 sample 1 21 'synthetic construct' ? 32630 ? 
2 1 sample 1 5  'synthetic construct' ? 32630 ? 
3 1 sample 1 9  'synthetic construct' ? 32630 ? 
4 1 sample 1 7  'synthetic construct' ? 32630 ? 
# 
loop_
_struct_ref.id 
_struct_ref.db_name 
_struct_ref.db_code 
_struct_ref.pdbx_db_accession 
_struct_ref.pdbx_db_isoform 
_struct_ref.entity_id 
_struct_ref.pdbx_seq_one_letter_code 
_struct_ref.pdbx_align_begin 
1 PDB 6WSX 6WSX ? 1 ? 1 
2 PDB 6WSX 6WSX ? 2 ? 1 
3 PDB 6WSX 6WSX ? 3 ? 1 
4 PDB 6WSX 6WSX ? 4 ? 1 
# 
loop_
_struct_ref_seq.align_id 
_struct_ref_seq.ref_id 
_struct_ref_seq.pdbx_PDB_id_code 
_struct_ref_seq.pdbx_strand_id 
_struct_ref_seq.seq_align_beg 
_struct_ref_seq.pdbx_seq_align_beg_ins_code 
_struct_ref_seq.seq_align_end 
_struct_ref_seq.pdbx_seq_align_end_ins_code 
_struct_ref_seq.pdbx_db_accession 
_struct_ref_seq.db_align_beg 
_struct_ref_seq.pdbx_db_align_beg_ins_code 
_struct_ref_seq.db_align_end 
_struct_ref_seq.pdbx_db_align_end_ins_code 
_struct_ref_seq.pdbx_auth_seq_align_beg 
_struct_ref_seq.pdbx_auth_seq_align_end 
1 1 6WSX A 1 ? 21 ? 6WSX 1  ? 21 ? 1  21 
2 2 6WSX B 1 ? 5  ? 6WSX 1  ? 5  ? 1  5  
3 3 6WSX C 1 ? 9  ? 6WSX 1  ? 9  ? 1  9  
4 4 6WSX D 1 ? 7  ? 6WSX 10 ? 16 ? 10 16 
# 
loop_
_chem_comp.id 
_chem_comp.type 
_chem_comp.mon_nstd_flag 
_chem_comp.name 
_chem_comp.pdbx_synonyms 
_chem_comp.formula 
_chem_comp.formula_weight 
DA 'DNA linking' y "2'-DEOXYADENOSINE-5'-MONOPHOSPHATE" ? 'C10 H14 N5 O6 P' 331.222 
DC 'DNA linking' y "2'-DEOXYCYTIDINE-5'-MONOPHOSPHATE"  ? 'C9 H14 N3 O7 P'  307.197 
DG 'DNA linking' y "2'-DEOXYGUANOSINE-5'-MONOPHOSPHATE" ? 'C10 H14 N5 O7 P' 347.221 
DT 'DNA linking' y "THYMIDINE-5'-MONOPHOSPHATE"         ? 'C10 H15 N2 O8 P' 322.208 
# 
_exptl.absorpt_coefficient_mu     ? 
_exptl.absorpt_correction_T_max   ? 
_exptl.absorpt_correction_T_min   ? 
_exptl.absorpt_correction_type    ? 
_exptl.absorpt_process_details    ? 
_exptl.entry_id                   6WSX 
_exptl.crystals_number            1 
_exptl.details                    ? 
_exptl.method                     'X-RAY DIFFRACTION' 
_exptl.method_details             ? 
# 
_exptl_crystal.colour                      ? 
_exptl_crystal.density_diffrn              ? 
_exptl_crystal.density_Matthews            6.47 
_exptl_crystal.density_method              ? 
_exptl_crystal.density_percent_sol         80.98 
_exptl_crystal.description                 ? 
_exptl_crystal.F_000                       ? 
_exptl_crystal.id                          1 
_exptl_crystal.preparation                 ? 
_exptl_crystal.size_max                    ? 
_exptl_crystal.size_mid                    ? 
_exptl_crystal.size_min                    ? 
_exptl_crystal.size_rad                    ? 
_exptl_crystal.colour_lustre               ? 
_exptl_crystal.colour_modifier             ? 
_exptl_crystal.colour_primary              ? 
_exptl_crystal.density_meas                ? 
_exptl_crystal.density_meas_esd            ? 
_exptl_crystal.density_meas_gt             ? 
_exptl_crystal.density_meas_lt             ? 
_exptl_crystal.density_meas_temp           ? 
_exptl_crystal.density_meas_temp_esd       ? 
_exptl_crystal.density_meas_temp_gt        ? 
_exptl_crystal.density_meas_temp_lt        ? 
_exptl_crystal.pdbx_crystal_image_url      ? 
_exptl_crystal.pdbx_crystal_image_format   ? 
_exptl_crystal.pdbx_mosaicity              ? 
_exptl_crystal.pdbx_mosaicity_esd          ? 
# 
_exptl_crystal_grow.apparatus       ? 
_exptl_crystal_grow.atmosphere      ? 
_exptl_crystal_grow.crystal_id      1 
_exptl_crystal_grow.details         ? 
_exptl_crystal_grow.method          'VAPOR DIFFUSION, SITTING DROP' 
_exptl_crystal_grow.method_ref      ? 
_exptl_crystal_grow.pH              ? 
_exptl_crystal_grow.pressure        ? 
_exptl_crystal_grow.pressure_esd    ? 
_exptl_crystal_grow.seeding         ? 
_exptl_crystal_grow.seeding_ref     ? 
_exptl_crystal_grow.temp            298 
_exptl_crystal_grow.temp_details    'temperature gradient generated from 60 to 25 C at 0.3 degrees per hour' 
_exptl_crystal_grow.temp_esd        ? 
_exptl_crystal_grow.time            ? 
_exptl_crystal_grow.pdbx_details    
;0.5 mL of 0.05 M Cacodylate pH 6.0, 10 mM MgCl2, 2.5 mM spermine, 5 mM CaCl2, and 10% Isopropanol was added to the reservoir with 2 uL added to the drop containing 4 uL of DNA stock
;
_exptl_crystal_grow.pdbx_pH_range   ? 
# 
_diffrn.ambient_environment              ? 
_diffrn.ambient_temp                     100 
_diffrn.ambient_temp_details             ? 
_diffrn.ambient_temp_esd                 ? 
_diffrn.crystal_id                       1 
_diffrn.crystal_support                  ? 
_diffrn.crystal_treatment                ? 
_diffrn.details                          ? 
_diffrn.id                               1 
_diffrn.ambient_pressure                 ? 
_diffrn.ambient_pressure_esd             ? 
_diffrn.ambient_pressure_gt              ? 
_diffrn.ambient_pressure_lt              ? 
_diffrn.ambient_temp_gt                  ? 
_diffrn.ambient_temp_lt                  ? 
_diffrn.pdbx_serial_crystal_experiment   N 
# 
_diffrn_detector.details                      ? 
_diffrn_detector.detector                     PIXEL 
_diffrn_detector.diffrn_id                    1 
_diffrn_detector.type                         'DECTRIS PILATUS3 6M' 
_diffrn_detector.area_resol_mean              ? 
_diffrn_detector.dtime                        ? 
_diffrn_detector.pdbx_frames_total            ? 
_diffrn_detector.pdbx_collection_time_total   ? 
_diffrn_detector.pdbx_collection_date         2018-04-15 
_diffrn_detector.pdbx_frequency               ? 
# 
_diffrn_radiation.collimation                      ? 
_diffrn_radiation.diffrn_id                        1 
_diffrn_radiation.filter_edge                      ? 
_diffrn_radiation.inhomogeneity                    ? 
_diffrn_radiation.monochromator                    ? 
_diffrn_radiation.polarisn_norm                    ? 
_diffrn_radiation.polarisn_ratio                   ? 
_diffrn_radiation.probe                            ? 
_diffrn_radiation.type                             ? 
_diffrn_radiation.xray_symbol                      ? 
_diffrn_radiation.wavelength_id                    1 
_diffrn_radiation.pdbx_monochromatic_or_laue_m_l   M 
_diffrn_radiation.pdbx_wavelength_list             ? 
_diffrn_radiation.pdbx_wavelength                  ? 
_diffrn_radiation.pdbx_diffrn_protocol             'SINGLE WAVELENGTH' 
_diffrn_radiation.pdbx_analyzer                    ? 
_diffrn_radiation.pdbx_scattering_type             x-ray 
# 
_diffrn_radiation_wavelength.id           1 
_diffrn_radiation_wavelength.wavelength   0.92 
_diffrn_radiation_wavelength.wt           1.0 
# 
_diffrn_source.current                     ? 
_diffrn_source.details                     ? 
_diffrn_source.diffrn_id                   1 
_diffrn_source.power                       ? 
_diffrn_source.size                        ? 
_diffrn_source.source                      SYNCHROTRON 
_diffrn_source.target                      ? 
_diffrn_source.type                        'ALS BEAMLINE 5.0.2' 
_diffrn_source.voltage                     ? 
_diffrn_source.take-off_angle              ? 
_diffrn_source.pdbx_wavelength_list        0.92 
_diffrn_source.pdbx_wavelength             ? 
_diffrn_source.pdbx_synchrotron_beamline   5.0.2 
_diffrn_source.pdbx_synchrotron_site       ALS 
# 
_reflns.B_iso_Wilson_estimate            86.790 
_reflns.entry_id                         6WSX 
_reflns.data_reduction_details           ? 
_reflns.data_reduction_method            ? 
_reflns.d_resolution_high                3.100 
_reflns.d_resolution_low                 50.000 
_reflns.details                          ? 
_reflns.limit_h_max                      ? 
_reflns.limit_h_min                      ? 
_reflns.limit_k_max                      ? 
_reflns.limit_k_min                      ? 
_reflns.limit_l_max                      ? 
_reflns.limit_l_min                      ? 
_reflns.number_all                       ? 
_reflns.number_obs                       4852 
_reflns.observed_criterion               ? 
_reflns.observed_criterion_F_max         ? 
_reflns.observed_criterion_F_min         ? 
_reflns.observed_criterion_I_max         ? 
_reflns.observed_criterion_I_min         ? 
_reflns.observed_criterion_sigma_F       ? 
_reflns.observed_criterion_sigma_I       ? 
_reflns.percent_possible_obs             85.100 
_reflns.R_free_details                   ? 
_reflns.Rmerge_F_all                     ? 
_reflns.Rmerge_F_obs                     ? 
_reflns.Friedel_coverage                 ? 
_reflns.number_gt                        ? 
_reflns.threshold_expression             ? 
_reflns.pdbx_redundancy                  9.200 
_reflns.pdbx_Rmerge_I_obs                0.124 
_reflns.pdbx_Rmerge_I_all                ? 
_reflns.pdbx_Rsym_value                  ? 
_reflns.pdbx_netI_over_av_sigmaI         ? 
_reflns.pdbx_netI_over_sigmaI            6.600 
_reflns.pdbx_res_netI_over_av_sigmaI_2   ? 
_reflns.pdbx_res_netI_over_sigmaI_2      ? 
_reflns.pdbx_chi_squared                 2.732 
_reflns.pdbx_scaling_rejects             ? 
_reflns.pdbx_d_res_high_opt              ? 
_reflns.pdbx_d_res_low_opt               ? 
_reflns.pdbx_d_res_opt_method            ? 
_reflns.phase_calculation_details        ? 
_reflns.pdbx_Rrim_I_all                  0.132 
_reflns.pdbx_Rpim_I_all                  0.043 
_reflns.pdbx_d_opt                       ? 
_reflns.pdbx_number_measured_all         ? 
_reflns.pdbx_diffrn_id                   1 
_reflns.pdbx_ordinal                     1 
_reflns.pdbx_CC_half                     0.974 
_reflns.pdbx_CC_star                     ? 
_reflns.pdbx_R_split                     ? 
# 
loop_
_reflns_shell.d_res_high 
_reflns_shell.d_res_low 
_reflns_shell.meanI_over_sigI_all 
_reflns_shell.meanI_over_sigI_obs 
_reflns_shell.number_measured_all 
_reflns_shell.number_measured_obs 
_reflns_shell.number_possible 
_reflns_shell.number_unique_all 
_reflns_shell.number_unique_obs 
_reflns_shell.percent_possible_all 
_reflns_shell.percent_possible_obs 
_reflns_shell.Rmerge_F_all 
_reflns_shell.Rmerge_F_obs 
_reflns_shell.Rmerge_I_all 
_reflns_shell.Rmerge_I_obs 
_reflns_shell.meanI_over_sigI_gt 
_reflns_shell.meanI_over_uI_all 
_reflns_shell.meanI_over_uI_gt 
_reflns_shell.number_measured_gt 
_reflns_shell.number_unique_gt 
_reflns_shell.percent_possible_gt 
_reflns_shell.Rmerge_F_gt 
_reflns_shell.Rmerge_I_gt 
_reflns_shell.pdbx_redundancy 
_reflns_shell.pdbx_Rsym_value 
_reflns_shell.pdbx_chi_squared 
_reflns_shell.pdbx_netI_over_sigmaI_all 
_reflns_shell.pdbx_netI_over_sigmaI_obs 
_reflns_shell.pdbx_Rrim_I_all 
_reflns_shell.pdbx_Rpim_I_all 
_reflns_shell.pdbx_rejects 
_reflns_shell.pdbx_ordinal 
_reflns_shell.pdbx_diffrn_id 
_reflns_shell.pdbx_CC_half 
_reflns_shell.pdbx_CC_star 
_reflns_shell.pdbx_R_split 
3.100 3.150  ? ? ? ? ? ? 145 51.200  ? ? ? ? 0.854 ? ? ? ? ? ? ? ? 6.400  ? 0.541 ? ? 0.924 0.343 ? 1  1 0.718 ? ? 
3.150 3.210  ? ? ? ? ? ? 140 52.600  ? ? ? ? 0.498 ? ? ? ? ? ? ? ? 5.800  ? 1.447 ? ? 0.537 0.197 ? 2  1 0.883 ? ? 
3.210 3.270  ? ? ? ? ? ? 172 56.200  ? ? ? ? 0.297 ? ? ? ? ? ? ? ? 6.800  ? 3.576 ? ? 0.317 0.108 ? 3  1 0.965 ? ? 
3.270 3.340  ? ? ? ? ? ? 171 62.400  ? ? ? ? 0.284 ? ? ? ? ? ? ? ? 6.600  ? 0.712 ? ? 0.308 0.115 ? 4  1 0.991 ? ? 
3.340 3.410  ? ? ? ? ? ? 205 70.200  ? ? ? ? 0.475 ? ? ? ? ? ? ? ? 7.800  ? 1.389 ? ? 0.504 0.167 ? 5  1 0.932 ? ? 
3.410 3.490  ? ? ? ? ? ? 218 74.100  ? ? ? ? 0.499 ? ? ? ? ? ? ? ? 7.600  ? 1.267 ? ? 0.530 0.175 ? 6  1 0.940 ? ? 
3.490 3.580  ? ? ? ? ? ? 202 75.100  ? ? ? ? 0.494 ? ? ? ? ? ? ? ? 8.400  ? 1.280 ? ? 0.524 0.172 ? 7  1 0.909 ? ? 
3.580 3.680  ? ? ? ? ? ? 245 82.800  ? ? ? ? 0.647 ? ? ? ? ? ? ? ? 8.300  ? 1.271 ? ? 0.686 0.225 ? 8  1 0.915 ? ? 
3.680 3.780  ? ? ? ? ? ? 256 90.100  ? ? ? ? 0.768 ? ? ? ? ? ? ? ? 8.500  ? 0.650 ? ? 0.816 0.272 ? 9  1 0.849 ? ? 
3.780 3.910  ? ? ? ? ? ? 267 96.400  ? ? ? ? 0.508 ? ? ? ? ? ? ? ? 8.700  ? 1.238 ? ? 0.539 0.176 ? 10 1 0.881 ? ? 
3.910 4.040  ? ? ? ? ? ? 280 100.000 ? ? ? ? 0.412 ? ? ? ? ? ? ? ? 9.500  ? 1.298 ? ? 0.435 0.140 ? 11 1 0.943 ? ? 
4.040 4.210  ? ? ? ? ? ? 282 100.000 ? ? ? ? 0.386 ? ? ? ? ? ? ? ? 10.600 ? 1.057 ? ? 0.407 0.126 ? 12 1 0.949 ? ? 
4.210 4.400  ? ? ? ? ? ? 291 100.000 ? ? ? ? 0.327 ? ? ? ? ? ? ? ? 10.600 ? 1.106 ? ? 0.344 0.106 ? 13 1 0.970 ? ? 
4.400 4.630  ? ? ? ? ? ? 290 100.000 ? ? ? ? 0.291 ? ? ? ? ? ? ? ? 10.500 ? 1.262 ? ? 0.305 0.094 ? 14 1 0.958 ? ? 
4.630 4.920  ? ? ? ? ? ? 291 100.000 ? ? ? ? 0.214 ? ? ? ? ? ? ? ? 10.200 ? 2.100 ? ? 0.225 0.070 ? 15 1 0.977 ? ? 
4.920 5.300  ? ? ? ? ? ? 288 100.000 ? ? ? ? 0.151 ? ? ? ? ? ? ? ? 10.000 ? 3.008 ? ? 0.159 0.050 ? 16 1 0.990 ? ? 
5.300 5.830  ? ? ? ? ? ? 269 100.000 ? ? ? ? 0.138 ? ? ? ? ? ? ? ? 10.800 ? 5.385 ? ? 0.145 0.044 ? 17 1 0.987 ? ? 
5.830 6.670  ? ? ? ? ? ? 284 100.000 ? ? ? ? 0.138 ? ? ? ? ? ? ? ? 10.700 ? 5.234 ? ? 0.145 0.044 ? 18 1 0.980 ? ? 
6.670 8.400  ? ? ? ? ? ? 289 98.000  ? ? ? ? 0.112 ? ? ? ? ? ? ? ? 9.700  ? 7.558 ? ? 0.119 0.039 ? 19 1 0.990 ? ? 
8.400 50.000 ? ? ? ? ? ? 267 92.700  ? ? ? ? 0.084 ? ? ? ? ? ? ? ? 9.600  ? 7.479 ? ? 0.089 0.030 ? 20 1 0.995 ? ? 
# 
_refine.aniso_B[1][1]                            ? 
_refine.aniso_B[1][2]                            ? 
_refine.aniso_B[1][3]                            ? 
_refine.aniso_B[2][2]                            ? 
_refine.aniso_B[2][3]                            ? 
_refine.aniso_B[3][3]                            ? 
_refine.B_iso_max                                168.930 
_refine.B_iso_mean                               123.6319 
_refine.B_iso_min                                79.960 
_refine.correlation_coeff_Fo_to_Fc               ? 
_refine.correlation_coeff_Fo_to_Fc_free          ? 
_refine.details                                  ? 
_refine.diff_density_max                         ? 
_refine.diff_density_max_esd                     ? 
_refine.diff_density_min                         ? 
_refine.diff_density_min_esd                     ? 
_refine.diff_density_rms                         ? 
_refine.diff_density_rms_esd                     ? 
_refine.entry_id                                 6WSX 
_refine.pdbx_refine_id                           'X-RAY DIFFRACTION' 
_refine.ls_abs_structure_details                 ? 
_refine.ls_abs_structure_Flack                   ? 
_refine.ls_abs_structure_Flack_esd               ? 
_refine.ls_abs_structure_Rogers                  ? 
_refine.ls_abs_structure_Rogers_esd              ? 
_refine.ls_d_res_high                            3.1220 
_refine.ls_d_res_low                             34.7210 
_refine.ls_extinction_coef                       ? 
_refine.ls_extinction_coef_esd                   ? 
_refine.ls_extinction_expression                 ? 
_refine.ls_extinction_method                     ? 
_refine.ls_goodness_of_fit_all                   ? 
_refine.ls_goodness_of_fit_all_esd               ? 
_refine.ls_goodness_of_fit_obs                   ? 
_refine.ls_goodness_of_fit_obs_esd               ? 
_refine.ls_hydrogen_treatment                    ? 
_refine.ls_matrix_type                           ? 
_refine.ls_number_constraints                    ? 
_refine.ls_number_parameters                     ? 
_refine.ls_number_reflns_all                     ? 
_refine.ls_number_reflns_obs                     4804 
_refine.ls_number_reflns_R_free                  494 
_refine.ls_number_reflns_R_work                  ? 
_refine.ls_number_restraints                     ? 
_refine.ls_percent_reflns_obs                    84.3400 
_refine.ls_percent_reflns_R_free                 10.2800 
_refine.ls_R_factor_all                          ? 
_refine.ls_R_factor_obs                          0.2473 
_refine.ls_R_factor_R_free                       0.2563 
_refine.ls_R_factor_R_free_error                 ? 
_refine.ls_R_factor_R_free_error_details         ? 
_refine.ls_R_factor_R_work                       0.2461 
_refine.ls_R_Fsqd_factor_obs                     ? 
_refine.ls_R_I_factor_obs                        ? 
_refine.ls_redundancy_reflns_all                 ? 
_refine.ls_redundancy_reflns_obs                 ? 
_refine.ls_restrained_S_all                      ? 
_refine.ls_restrained_S_obs                      ? 
_refine.ls_shift_over_esd_max                    ? 
_refine.ls_shift_over_esd_mean                   ? 
_refine.ls_structure_factor_coef                 ? 
_refine.ls_weighting_details                     ? 
_refine.ls_weighting_scheme                      ? 
_refine.ls_wR_factor_all                         ? 
_refine.ls_wR_factor_obs                         ? 
_refine.ls_wR_factor_R_free                      ? 
_refine.ls_wR_factor_R_work                      ? 
_refine.occupancy_max                            ? 
_refine.occupancy_min                            ? 
_refine.solvent_model_details                    ? 
_refine.solvent_model_param_bsol                 ? 
_refine.solvent_model_param_ksol                 ? 
_refine.pdbx_R_complete                          ? 
_refine.ls_R_factor_gt                           ? 
_refine.ls_goodness_of_fit_gt                    ? 
_refine.ls_goodness_of_fit_ref                   ? 
_refine.ls_shift_over_su_max                     ? 
_refine.ls_shift_over_su_max_lt                  ? 
_refine.ls_shift_over_su_mean                    ? 
_refine.ls_shift_over_su_mean_lt                 ? 
_refine.pdbx_ls_sigma_I                          ? 
_refine.pdbx_ls_sigma_F                          1.970 
_refine.pdbx_ls_sigma_Fsqd                       ? 
_refine.pdbx_data_cutoff_high_absF               ? 
_refine.pdbx_data_cutoff_high_rms_absF           ? 
_refine.pdbx_data_cutoff_low_absF                ? 
_refine.pdbx_isotropic_thermal_model             ? 
_refine.pdbx_ls_cross_valid_method               THROUGHOUT 
_refine.pdbx_method_to_determine_struct          'MOLECULAR REPLACEMENT' 
_refine.pdbx_starting_model                      5KEK 
_refine.pdbx_stereochemistry_target_values       ? 
_refine.pdbx_R_Free_selection_details            ? 
_refine.pdbx_stereochem_target_val_spec_case     ? 
_refine.pdbx_overall_ESU_R                       ? 
_refine.pdbx_overall_ESU_R_Free                  ? 
_refine.pdbx_solvent_vdw_probe_radii             1.1100 
_refine.pdbx_solvent_ion_probe_radii             ? 
_refine.pdbx_solvent_shrinkage_radii             0.9000 
_refine.pdbx_real_space_R                        ? 
_refine.pdbx_density_correlation                 ? 
_refine.pdbx_pd_number_of_powder_patterns        ? 
_refine.pdbx_pd_number_of_points                 ? 
_refine.pdbx_pd_meas_number_of_points            ? 
_refine.pdbx_pd_proc_ls_prof_R_factor            ? 
_refine.pdbx_pd_proc_ls_prof_wR_factor           ? 
_refine.pdbx_pd_Marquardt_correlation_coeff      ? 
_refine.pdbx_pd_Fsqrd_R_factor                   ? 
_refine.pdbx_pd_ls_matrix_band_width             ? 
_refine.pdbx_overall_phase_error                 49.6600 
_refine.pdbx_overall_SU_R_free_Cruickshank_DPI   ? 
_refine.pdbx_overall_SU_R_free_Blow_DPI          ? 
_refine.pdbx_overall_SU_R_Blow_DPI               ? 
_refine.pdbx_TLS_residual_ADP_flag               ? 
_refine.pdbx_diffrn_id                           1 
_refine.overall_SU_B                             ? 
_refine.overall_SU_ML                            0.3100 
_refine.overall_SU_R_Cruickshank_DPI             ? 
_refine.overall_SU_R_free                        ? 
_refine.overall_FOM_free_R_set                   ? 
_refine.overall_FOM_work_R_set                   ? 
_refine.pdbx_average_fsc_overall                 ? 
_refine.pdbx_average_fsc_work                    ? 
_refine.pdbx_average_fsc_free                    ? 
# 
_refine_hist.pdbx_refine_id                   'X-RAY DIFFRACTION' 
_refine_hist.cycle_id                         final 
_refine_hist.details                          ? 
_refine_hist.d_res_high                       3.1220 
_refine_hist.d_res_low                        34.7210 
_refine_hist.number_atoms_solvent             0 
_refine_hist.number_atoms_total               855 
_refine_hist.number_reflns_all                ? 
_refine_hist.number_reflns_obs                ? 
_refine_hist.number_reflns_R_free             ? 
_refine_hist.number_reflns_R_work             ? 
_refine_hist.R_factor_all                     ? 
_refine_hist.R_factor_obs                     ? 
_refine_hist.R_factor_R_free                  ? 
_refine_hist.R_factor_R_work                  ? 
_refine_hist.pdbx_number_residues_total       42 
_refine_hist.pdbx_B_iso_mean_ligand           ? 
_refine_hist.pdbx_B_iso_mean_solvent          ? 
_refine_hist.pdbx_number_atoms_protein        0 
_refine_hist.pdbx_number_atoms_nucleic_acid   855 
_refine_hist.pdbx_number_atoms_ligand         0 
_refine_hist.pdbx_number_atoms_lipid          ? 
_refine_hist.pdbx_number_atoms_carb           ? 
_refine_hist.pdbx_pseudo_atom_details         ? 
# 
loop_
_refine_ls_restr.pdbx_refine_id 
_refine_ls_restr.criterion 
_refine_ls_restr.dev_ideal 
_refine_ls_restr.dev_ideal_target 
_refine_ls_restr.number 
_refine_ls_restr.rejects 
_refine_ls_restr.type 
_refine_ls_restr.weight 
_refine_ls_restr.pdbx_restraint_function 
'X-RAY DIFFRACTION' ? 0.011  ? 956  ? f_bond_d           ? ? 
'X-RAY DIFFRACTION' ? 1.072  ? 1467 ? f_angle_d          ? ? 
'X-RAY DIFFRACTION' ? 0.059  ? 166  ? f_chiral_restr     ? ? 
'X-RAY DIFFRACTION' ? 0.008  ? 42   ? f_plane_restr      ? ? 
'X-RAY DIFFRACTION' ? 35.705 ? 406  ? f_dihedral_angle_d ? ? 
# 
loop_
_refine_ls_shell.pdbx_refine_id 
_refine_ls_shell.d_res_high 
_refine_ls_shell.d_res_low 
_refine_ls_shell.number_reflns_all 
_refine_ls_shell.number_reflns_obs 
_refine_ls_shell.number_reflns_R_free 
_refine_ls_shell.number_reflns_R_work 
_refine_ls_shell.percent_reflns_obs 
_refine_ls_shell.percent_reflns_R_free 
_refine_ls_shell.R_factor_all 
_refine_ls_shell.R_factor_obs 
_refine_ls_shell.R_factor_R_free 
_refine_ls_shell.R_factor_R_free_error 
_refine_ls_shell.R_factor_R_work 
_refine_ls_shell.redundancy_reflns_all 
_refine_ls_shell.redundancy_reflns_obs 
_refine_ls_shell.wR_factor_all 
_refine_ls_shell.wR_factor_obs 
_refine_ls_shell.wR_factor_R_free 
_refine_ls_shell.wR_factor_R_work 
_refine_ls_shell.pdbx_R_complete 
_refine_ls_shell.pdbx_total_number_of_bins_used 
_refine_ls_shell.pdbx_phase_error 
_refine_ls_shell.pdbx_fsc_work 
_refine_ls_shell.pdbx_fsc_free 
'X-RAY DIFFRACTION' 3.1220 3.4357 . . 78  720  56.0000  . . . 0.3184 0.0000 0.3187 . . . . . . . . . . . 
'X-RAY DIFFRACTION' 3.4357 3.9323 . . 128 1052 83.0000  . . . 0.3524 0.0000 0.3297 . . . . . . . . . . . 
'X-RAY DIFFRACTION' 3.9323 4.9520 . . 138 1300 100.0000 . . . 0.3306 0.0000 0.3458 . . . . . . . . . . . 
'X-RAY DIFFRACTION' 4.9520 34.721 . . 150 1238 98.0000  . . . 0.2205 0.0000 0.2006 . . . . . . . . . . . 
# 
_struct.entry_id                     6WSX 
_struct.title                        
'Self-assembly of a 3D DNA crystal lattice (4x5 duplex version) containing the J22 immobile Holliday junction' 
_struct.pdbx_model_details           ? 
_struct.pdbx_formula_weight          ? 
_struct.pdbx_formula_weight_method   ? 
_struct.pdbx_model_type_details      ? 
_struct.pdbx_CASP_flag               N 
# 
_struct_keywords.entry_id        6WSX 
_struct_keywords.text            
'Structural DNA nanotechnology, immobile Holliday junctions, 3D DNA self-assembly, designer DNA crystals, DNA' 
_struct_keywords.pdbx_keywords   DNA 
# 
loop_
_struct_asym.id 
_struct_asym.pdbx_blank_PDB_chainid_flag 
_struct_asym.pdbx_modified 
_struct_asym.entity_id 
_struct_asym.details 
A N N 1 ? 
B N N 2 ? 
C N N 3 ? 
D N N 4 ? 
# 
loop_
_struct_conn.id 
_struct_conn.conn_type_id 
_struct_conn.pdbx_leaving_atom_flag 
_struct_conn.pdbx_PDB_id 
_struct_conn.ptnr1_label_asym_id 
_struct_conn.ptnr1_label_comp_id 
_struct_conn.ptnr1_label_seq_id 
_struct_conn.ptnr1_label_atom_id 
_struct_conn.pdbx_ptnr1_label_alt_id 
_struct_conn.pdbx_ptnr1_PDB_ins_code 
_struct_conn.pdbx_ptnr1_standard_comp_id 
_struct_conn.ptnr1_symmetry 
_struct_conn.ptnr2_label_asym_id 
_struct_conn.ptnr2_label_comp_id 
_struct_conn.ptnr2_label_seq_id 
_struct_conn.ptnr2_label_atom_id 
_struct_conn.pdbx_ptnr2_label_alt_id 
_struct_conn.pdbx_ptnr2_PDB_ins_code 
_struct_conn.ptnr1_auth_asym_id 
_struct_conn.ptnr1_auth_comp_id 
_struct_conn.ptnr1_auth_seq_id 
_struct_conn.ptnr2_auth_asym_id 
_struct_conn.ptnr2_auth_comp_id 
_struct_conn.ptnr2_auth_seq_id 
_struct_conn.ptnr2_symmetry 
_struct_conn.pdbx_ptnr3_label_atom_id 
_struct_conn.pdbx_ptnr3_label_seq_id 
_struct_conn.pdbx_ptnr3_label_comp_id 
_struct_conn.pdbx_ptnr3_label_asym_id 
_struct_conn.pdbx_ptnr3_label_alt_id 
_struct_conn.pdbx_ptnr3_PDB_ins_code 
_struct_conn.details 
_struct_conn.pdbx_dist_value 
_struct_conn.pdbx_value_order 
_struct_conn.pdbx_role 
hydrog1  hydrog ? ? A DG 3  N1 ? ? ? 1_555 D DC 7 N3 ? ? A DG 3  D DC 16 1_555 ? ? ? ? ? ? WATSON-CRICK ? ? ? 
hydrog2  hydrog ? ? A DG 3  N2 ? ? ? 1_555 D DC 7 O2 ? ? A DG 3  D DC 16 1_555 ? ? ? ? ? ? WATSON-CRICK ? ? ? 
hydrog3  hydrog ? ? A DG 3  O6 ? ? ? 1_555 D DC 7 N4 ? ? A DG 3  D DC 16 1_555 ? ? ? ? ? ? WATSON-CRICK ? ? ? 
hydrog4  hydrog ? ? A DC 4  N3 ? ? ? 1_555 D DG 6 N1 ? ? A DC 4  D DG 15 1_555 ? ? ? ? ? ? WATSON-CRICK ? ? ? 
hydrog5  hydrog ? ? A DC 4  N4 ? ? ? 1_555 D DG 6 O6 ? ? A DC 4  D DG 15 1_555 ? ? ? ? ? ? WATSON-CRICK ? ? ? 
hydrog6  hydrog ? ? A DC 4  O2 ? ? ? 1_555 D DG 6 N2 ? ? A DC 4  D DG 15 1_555 ? ? ? ? ? ? WATSON-CRICK ? ? ? 
hydrog7  hydrog ? ? A DA 5  N1 ? ? ? 1_555 D DT 5 N3 ? ? A DA 5  D DT 14 1_555 ? ? ? ? ? ? WATSON-CRICK ? ? ? 
hydrog8  hydrog ? ? A DA 5  N6 ? ? ? 1_555 D DT 5 O4 ? ? A DA 5  D DT 14 1_555 ? ? ? ? ? ? WATSON-CRICK ? ? ? 
hydrog9  hydrog ? ? A DG 6  N1 ? ? ? 1_555 D DC 4 N3 ? ? A DG 6  D DC 13 1_555 ? ? ? ? ? ? WATSON-CRICK ? ? ? 
hydrog10 hydrog ? ? A DG 6  N2 ? ? ? 1_555 D DC 4 O2 ? ? A DG 6  D DC 13 1_555 ? ? ? ? ? ? WATSON-CRICK ? ? ? 
hydrog11 hydrog ? ? A DG 6  O6 ? ? ? 1_555 D DC 4 N4 ? ? A DG 6  D DC 13 1_555 ? ? ? ? ? ? WATSON-CRICK ? ? ? 
hydrog12 hydrog ? ? A DA 7  N1 ? ? ? 1_555 D DT 3 N3 ? ? A DA 7  D DT 12 1_555 ? ? ? ? ? ? WATSON-CRICK ? ? ? 
hydrog13 hydrog ? ? A DA 7  N6 ? ? ? 1_555 D DT 3 O4 ? ? A DA 7  D DT 12 1_555 ? ? ? ? ? ? WATSON-CRICK ? ? ? 
hydrog14 hydrog ? ? A DC 8  N3 ? ? ? 1_555 D DG 2 N1 ? ? A DC 8  D DG 11 1_555 ? ? ? ? ? ? WATSON-CRICK ? ? ? 
hydrog15 hydrog ? ? A DC 8  N4 ? ? ? 1_555 D DG 2 O6 ? ? A DC 8  D DG 11 1_555 ? ? ? ? ? ? WATSON-CRICK ? ? ? 
hydrog16 hydrog ? ? A DC 8  O2 ? ? ? 1_555 D DG 2 N2 ? ? A DC 8  D DG 11 1_555 ? ? ? ? ? ? WATSON-CRICK ? ? ? 
hydrog17 hydrog ? ? A DC 9  N3 ? ? ? 1_555 D DG 1 N1 ? ? A DC 9  D DG 10 1_555 ? ? ? ? ? ? WATSON-CRICK ? ? ? 
hydrog18 hydrog ? ? A DC 9  N4 ? ? ? 1_555 D DG 1 O6 ? ? A DC 9  D DG 10 1_555 ? ? ? ? ? ? WATSON-CRICK ? ? ? 
hydrog19 hydrog ? ? A DC 9  O2 ? ? ? 1_555 D DG 1 N2 ? ? A DC 9  D DG 10 1_555 ? ? ? ? ? ? WATSON-CRICK ? ? ? 
hydrog20 hydrog ? ? A DT 10 N3 ? ? ? 1_555 B DA 5 N1 ? ? A DT 10 B DA 5  1_555 ? ? ? ? ? ? 'DT-DA PAIR' ? ? ? 
hydrog21 hydrog ? ? A DG 11 N1 ? ? ? 1_555 B DC 4 N3 ? ? A DG 11 B DC 4  1_555 ? ? ? ? ? ? WATSON-CRICK ? ? ? 
hydrog22 hydrog ? ? A DG 11 N2 ? ? ? 1_555 B DC 4 O2 ? ? A DG 11 B DC 4  1_555 ? ? ? ? ? ? WATSON-CRICK ? ? ? 
hydrog23 hydrog ? ? A DG 11 O6 ? ? ? 1_555 B DC 4 N4 ? ? A DG 11 B DC 4  1_555 ? ? ? ? ? ? WATSON-CRICK ? ? ? 
hydrog24 hydrog ? ? A DA 12 N1 ? ? ? 1_555 B DT 3 N3 ? ? A DA 12 B DT 3  1_555 ? ? ? ? ? ? WATSON-CRICK ? ? ? 
hydrog25 hydrog ? ? A DA 12 N6 ? ? ? 1_555 B DT 3 O4 ? ? A DA 12 B DT 3  1_555 ? ? ? ? ? ? WATSON-CRICK ? ? ? 
hydrog26 hydrog ? ? A DC 13 N3 ? ? ? 1_555 B DG 2 N1 ? ? A DC 13 B DG 2  1_555 ? ? ? ? ? ? WATSON-CRICK ? ? ? 
hydrog27 hydrog ? ? A DC 13 N4 ? ? ? 1_555 B DG 2 O6 ? ? A DC 13 B DG 2  1_555 ? ? ? ? ? ? WATSON-CRICK ? ? ? 
hydrog28 hydrog ? ? A DC 13 O2 ? ? ? 1_555 B DG 2 N2 ? ? A DC 13 B DG 2  1_555 ? ? ? ? ? ? WATSON-CRICK ? ? ? 
hydrog29 hydrog ? ? A DG 14 N1 ? ? ? 1_555 B DC 1 N3 ? ? A DG 14 B DC 1  1_555 ? ? ? ? ? ? WATSON-CRICK ? ? ? 
hydrog30 hydrog ? ? A DG 14 N2 ? ? ? 1_555 B DC 1 O2 ? ? A DG 14 B DC 1  1_555 ? ? ? ? ? ? WATSON-CRICK ? ? ? 
hydrog31 hydrog ? ? A DG 14 O6 ? ? ? 1_555 B DC 1 N4 ? ? A DG 14 B DC 1  1_555 ? ? ? ? ? ? WATSON-CRICK ? ? ? 
hydrog32 hydrog ? ? A DC 15 N3 ? ? ? 1_555 C DG 9 N1 ? ? A DC 15 C DG 9  1_555 ? ? ? ? ? ? WATSON-CRICK ? ? ? 
hydrog33 hydrog ? ? A DC 15 N4 ? ? ? 1_555 C DG 9 O6 ? ? A DC 15 C DG 9  1_555 ? ? ? ? ? ? WATSON-CRICK ? ? ? 
hydrog34 hydrog ? ? A DC 15 O2 ? ? ? 1_555 C DG 9 N2 ? ? A DC 15 C DG 9  1_555 ? ? ? ? ? ? WATSON-CRICK ? ? ? 
hydrog35 hydrog ? ? A DC 16 N3 ? ? ? 1_555 C DG 8 N1 ? ? A DC 16 C DG 8  1_555 ? ? ? ? ? ? WATSON-CRICK ? ? ? 
hydrog36 hydrog ? ? A DC 16 N4 ? ? ? 1_555 C DG 8 O6 ? ? A DC 16 C DG 8  1_555 ? ? ? ? ? ? WATSON-CRICK ? ? ? 
hydrog37 hydrog ? ? A DC 16 O2 ? ? ? 1_555 C DG 8 N2 ? ? A DC 16 C DG 8  1_555 ? ? ? ? ? ? WATSON-CRICK ? ? ? 
hydrog38 hydrog ? ? A DA 17 N1 ? ? ? 1_555 C DT 7 N3 ? ? A DA 17 C DT 7  1_555 ? ? ? ? ? ? WATSON-CRICK ? ? ? 
hydrog39 hydrog ? ? A DA 17 N6 ? ? ? 1_555 C DT 7 O4 ? ? A DA 17 C DT 7  1_555 ? ? ? ? ? ? WATSON-CRICK ? ? ? 
hydrog40 hydrog ? ? A DC 18 N3 ? ? ? 1_555 C DG 6 N1 ? ? A DC 18 C DG 6  1_555 ? ? ? ? ? ? WATSON-CRICK ? ? ? 
hydrog41 hydrog ? ? A DC 18 N4 ? ? ? 1_555 C DG 6 O6 ? ? A DC 18 C DG 6  1_555 ? ? ? ? ? ? WATSON-CRICK ? ? ? 
hydrog42 hydrog ? ? A DC 18 O2 ? ? ? 1_555 C DG 6 N2 ? ? A DC 18 C DG 6  1_555 ? ? ? ? ? ? WATSON-CRICK ? ? ? 
hydrog43 hydrog ? ? A DT 19 N3 ? ? ? 1_555 C DA 5 N1 ? ? A DT 19 C DA 5  1_555 ? ? ? ? ? ? WATSON-CRICK ? ? ? 
hydrog44 hydrog ? ? A DT 19 O4 ? ? ? 1_555 C DA 5 N6 ? ? A DT 19 C DA 5  1_555 ? ? ? ? ? ? WATSON-CRICK ? ? ? 
hydrog45 hydrog ? ? A DA 21 N1 ? ? ? 1_555 C DT 3 N3 ? ? A DA 21 C DT 3  1_555 ? ? ? ? ? ? WATSON-CRICK ? ? ? 
hydrog46 hydrog ? ? A DA 21 N6 ? ? ? 1_555 C DT 3 O4 ? ? A DA 21 C DT 3  1_555 ? ? ? ? ? ? WATSON-CRICK ? ? ? 
# 
_struct_conn_type.id          hydrog 
_struct_conn_type.criteria    ? 
_struct_conn_type.reference   ? 
# 
_atom_sites.entry_id                    6WSX 
_atom_sites.Cartn_transf_matrix[1][1]   ? 
_atom_sites.Cartn_transf_matrix[1][2]   ? 
_atom_sites.Cartn_transf_matrix[1][3]   ? 
_atom_sites.Cartn_transf_matrix[2][1]   ? 
_atom_sites.Cartn_transf_matrix[2][2]   ? 
_atom_sites.Cartn_transf_matrix[2][3]   ? 
_atom_sites.Cartn_transf_matrix[3][1]   ? 
_atom_sites.Cartn_transf_matrix[3][2]   ? 
_atom_sites.Cartn_transf_matrix[3][3]   ? 
_atom_sites.Cartn_transf_vector[1]      ? 
_atom_sites.Cartn_transf_vector[2]      ? 
_atom_sites.Cartn_transf_vector[3]      ? 
_atom_sites.fract_transf_matrix[1][1]   0.01471366 
_atom_sites.fract_transf_matrix[1][2]   0.00473535 
_atom_sites.fract_transf_matrix[1][3]   -0.00613157 
_atom_sites.fract_transf_matrix[2][1]   0.01403782 
_atom_sites.fract_transf_matrix[2][2]   -0.00643628 
_atom_sites.fract_transf_matrix[2][3]   0.00616745 
_atom_sites.fract_transf_matrix[3][1]   -0.00072051 
_atom_sites.fract_transf_matrix[3][2]   -0.01241784 
_atom_sites.fract_transf_matrix[3][3]   -0.01131915 
_atom_sites.fract_transf_vector[1]      0.259762 
_atom_sites.fract_transf_vector[2]      0.636626 
_atom_sites.fract_transf_vector[3]      -0.078943 
_atom_sites.solution_primary            ? 
_atom_sites.solution_secondary          ? 
_atom_sites.solution_hydrogens          ? 
_atom_sites.special_details             ? 
# 
loop_
_atom_type.symbol 
C 
N 
O 
P 
# 
loop_
_atom_site.group_PDB 
_atom_site.id 
_atom_site.type_symbol 
_atom_site.label_atom_id 
_atom_site.label_alt_id 
_atom_site.label_comp_id 
_atom_site.label_asym_id 
_atom_site.label_entity_id 
_atom_site.label_seq_id 
_atom_site.pdbx_PDB_ins_code 
_atom_site.Cartn_x 
_atom_site.Cartn_y 
_atom_site.Cartn_z 
_atom_site.occupancy 
_atom_site.B_iso_or_equiv 
_atom_site.pdbx_formal_charge 
_atom_site.auth_seq_id 
_atom_site.auth_comp_id 
_atom_site.auth_asym_id 
_atom_site.auth_atom_id 
_atom_site.pdbx_PDB_model_num 
ATOM 1   O "O5'" . DG A 1 1  ? 23.203  -17.082 22.238  1.00 147.94 ? 1  DG A "O5'" 1 
ATOM 2   C "C5'" . DG A 1 1  ? 24.326  -17.898 21.871  1.00 147.02 ? 1  DG A "C5'" 1 
ATOM 3   C "C4'" . DG A 1 1  ? 23.870  -19.191 21.215  1.00 146.59 ? 1  DG A "C4'" 1 
ATOM 4   O "O4'" . DG A 1 1  ? 22.984  -19.901 22.123  1.00 142.10 ? 1  DG A "O4'" 1 
ATOM 5   C "C3'" . DG A 1 1  ? 23.078  -19.002 19.918  1.00 147.55 ? 1  DG A "C3'" 1 
ATOM 6   O "O3'" . DG A 1 1  ? 23.339  -20.060 19.005  1.00 150.90 ? 1  DG A "O3'" 1 
ATOM 7   C "C2'" . DG A 1 1  ? 21.638  -19.039 20.397  1.00 142.06 ? 1  DG A "C2'" 1 
ATOM 8   C "C1'" . DG A 1 1  ? 21.721  -20.068 21.511  1.00 139.05 ? 1  DG A "C1'" 1 
ATOM 9   N N9    . DG A 1 1  ? 20.686  -19.879 22.506  1.00 133.93 ? 1  DG A N9    1 
ATOM 10  C C8    . DG A 1 1  ? 20.603  -18.879 23.450  1.00 132.28 ? 1  DG A C8    1 
ATOM 11  N N7    . DG A 1 1  ? 19.530  -18.957 24.195  1.00 132.18 ? 1  DG A N7    1 
ATOM 12  C C5    . DG A 1 1  ? 18.853  -20.070 23.699  1.00 132.06 ? 1  DG A C5    1 
ATOM 13  C C6    . DG A 1 1  ? 17.618  -20.658 24.103  1.00 130.30 ? 1  DG A C6    1 
ATOM 14  O O6    . DG A 1 1  ? 16.849  -20.297 25.014  1.00 127.24 ? 1  DG A O6    1 
ATOM 15  N N1    . DG A 1 1  ? 17.306  -21.779 23.328  1.00 130.67 ? 1  DG A N1    1 
ATOM 16  C C2    . DG A 1 1  ? 18.084  -22.271 22.292  1.00 133.29 ? 1  DG A C2    1 
ATOM 17  N N2    . DG A 1 1  ? 17.613  -23.363 21.661  1.00 131.99 ? 1  DG A N2    1 
ATOM 18  N N3    . DG A 1 1  ? 19.239  -21.730 21.905  1.00 132.85 ? 1  DG A N3    1 
ATOM 19  C C4    . DG A 1 1  ? 19.556  -20.639 22.650  1.00 132.96 ? 1  DG A C4    1 
ATOM 20  P P     . DA A 1 2  ? 22.849  -19.920 17.477  1.00 155.53 ? 2  DA A P     1 
ATOM 21  O OP1   . DA A 1 2  ? 23.908  -20.513 16.620  1.00 150.66 ? 2  DA A OP1   1 
ATOM 22  O OP2   . DA A 1 2  ? 22.383  -18.528 17.248  1.00 153.84 ? 2  DA A OP2   1 
ATOM 23  O "O5'" . DA A 1 2  ? 21.523  -20.803 17.397  1.00 144.62 ? 2  DA A "O5'" 1 
ATOM 24  C "C5'" . DA A 1 2  ? 20.837  -20.865 16.177  1.00 143.00 ? 2  DA A "C5'" 1 
ATOM 25  C "C4'" . DA A 1 2  ? 20.022  -22.118 16.104  1.00 142.77 ? 2  DA A "C4'" 1 
ATOM 26  O "O4'" . DA A 1 2  ? 19.423  -22.353 17.400  1.00 138.97 ? 2  DA A "O4'" 1 
ATOM 27  C "C3'" . DA A 1 2  ? 18.850  -22.013 15.166  1.00 143.93 ? 2  DA A "C3'" 1 
ATOM 28  O "O3'" . DA A 1 2  ? 18.336  -23.294 14.903  1.00 150.20 ? 2  DA A "O3'" 1 
ATOM 29  C "C2'" . DA A 1 2  ? 17.884  -21.213 16.013  1.00 141.16 ? 2  DA A "C2'" 1 
ATOM 30  C "C1'" . DA A 1 2  ? 18.100  -21.844 17.393  1.00 136.72 ? 2  DA A "C1'" 1 
ATOM 31  N N9    . DA A 1 2  ? 17.963  -20.871 18.461  1.00 133.42 ? 2  DA A N9    1 
ATOM 32  C C8    . DA A 1 2  ? 18.838  -19.868 18.778  1.00 136.51 ? 2  DA A C8    1 
ATOM 33  N N7    . DA A 1 2  ? 18.437  -19.114 19.773  1.00 134.58 ? 2  DA A N7    1 
ATOM 34  C C5    . DA A 1 2  ? 17.209  -19.654 20.123  1.00 130.35 ? 2  DA A C5    1 
ATOM 35  C C6    . DA A 1 2  ? 16.264  -19.306 21.114  1.00 132.07 ? 2  DA A C6    1 
ATOM 36  N N6    . DA A 1 2  ? 16.431  -18.285 21.965  1.00 132.06 ? 2  DA A N6    1 
ATOM 37  N N1    . DA A 1 2  ? 15.133  -20.057 21.197  1.00 132.07 ? 2  DA A N1    1 
ATOM 38  C C2    . DA A 1 2  ? 14.974  -21.084 20.343  1.00 131.38 ? 2  DA A C2    1 
ATOM 39  N N3    . DA A 1 2  ? 15.793  -21.498 19.369  1.00 132.36 ? 2  DA A N3    1 
ATOM 40  C C4    . DA A 1 2  ? 16.901  -20.735 19.315  1.00 130.15 ? 2  DA A C4    1 
ATOM 41  P P     . DG A 1 3  ? 17.487  -23.542 13.565  1.00 156.81 ? 3  DG A P     1 
ATOM 42  O OP1   . DG A 1 3  ? 16.854  -24.887 13.620  1.00 149.82 ? 3  DG A OP1   1 
ATOM 43  O OP2   . DG A 1 3  ? 18.411  -23.162 12.464  1.00 148.02 ? 3  DG A OP2   1 
ATOM 44  O "O5'" . DG A 1 3  ? 16.300  -22.470 13.654  1.00 148.06 ? 3  DG A "O5'" 1 
ATOM 45  C "C5'" . DG A 1 3  ? 15.089  -22.719 12.977  1.00 144.54 ? 3  DG A "C5'" 1 
ATOM 46  C "C4'" . DG A 1 3  ? 14.040  -23.199 13.949  1.00 143.20 ? 3  DG A "C4'" 1 
ATOM 47  O "O4'" . DG A 1 3  ? 14.363  -22.690 15.274  1.00 139.15 ? 3  DG A "O4'" 1 
ATOM 48  C "C3'" . DG A 1 3  ? 12.627  -22.708 13.632  1.00 142.85 ? 3  DG A "C3'" 1 
ATOM 49  O "O3'" . DG A 1 3  ? 11.663  -23.714 13.909  1.00 145.53 ? 3  DG A "O3'" 1 
ATOM 50  C "C2'" . DG A 1 3  ? 12.461  -21.513 14.557  1.00 138.89 ? 3  DG A "C2'" 1 
ATOM 51  C "C1'" . DG A 1 3  ? 13.261  -21.957 15.776  1.00 136.45 ? 3  DG A "C1'" 1 
ATOM 52  N N9    . DG A 1 3  ? 13.749  -20.831 16.573  1.00 130.71 ? 3  DG A N9    1 
ATOM 53  C C8    . DG A 1 3  ? 14.954  -20.174 16.451  1.00 127.94 ? 3  DG A C8    1 
ATOM 54  N N7    . DG A 1 3  ? 15.100  -19.187 17.295  1.00 124.83 ? 3  DG A N7    1 
ATOM 55  C C5    . DG A 1 3  ? 13.906  -19.178 18.009  1.00 125.67 ? 3  DG A C5    1 
ATOM 56  C C6    . DG A 1 3  ? 13.475  -18.332 19.063  1.00 127.27 ? 3  DG A C6    1 
ATOM 57  O O6    . DG A 1 3  ? 14.085  -17.384 19.586  1.00 127.36 ? 3  DG A O6    1 
ATOM 58  N N1    . DG A 1 3  ? 12.193  -18.676 19.508  1.00 126.45 ? 3  DG A N1    1 
ATOM 59  C C2    . DG A 1 3  ? 11.428  -19.708 18.997  1.00 126.49 ? 3  DG A C2    1 
ATOM 60  N N2    . DG A 1 3  ? 10.211  -19.895 19.547  1.00 126.77 ? 3  DG A N2    1 
ATOM 61  N N3    . DG A 1 3  ? 11.826  -20.504 18.009  1.00 123.58 ? 3  DG A N3    1 
ATOM 62  C C4    . DG A 1 3  ? 13.066  -20.186 17.572  1.00 125.68 ? 3  DG A C4    1 
ATOM 63  P P     . DC A 1 4  ? 10.256  -23.679 13.128  1.00 153.50 ? 4  DC A P     1 
ATOM 64  O OP1   . DC A 1 4  ? 10.109  -24.944 12.361  1.00 153.11 ? 4  DC A OP1   1 
ATOM 65  O OP2   . DC A 1 4  ? 10.223  -22.364 12.434  1.00 148.12 ? 4  DC A OP2   1 
ATOM 66  O "O5'" . DC A 1 4  ? 9.150   -23.661 14.291  1.00 144.50 ? 4  DC A "O5'" 1 
ATOM 67  C "C5'" . DC A 1 4  ? 9.258   -22.714 15.351  1.00 141.15 ? 4  DC A "C5'" 1 
ATOM 68  C "C4'" . DC A 1 4  ? 7.938   -21.997 15.586  1.00 139.97 ? 4  DC A "C4'" 1 
ATOM 69  O "O4'" . DC A 1 4  ? 8.181   -20.811 16.388  1.00 136.67 ? 4  DC A "O4'" 1 
ATOM 70  C "C3'" . DC A 1 4  ? 7.251   -21.464 14.336  1.00 139.68 ? 4  DC A "C3'" 1 
ATOM 71  O "O3'" . DC A 1 4  ? 5.883   -21.192 14.646  1.00 140.77 ? 4  DC A "O3'" 1 
ATOM 72  C "C2'" . DC A 1 4  ? 8.017   -20.173 14.119  1.00 133.37 ? 4  DC A "C2'" 1 
ATOM 73  C "C1'" . DC A 1 4  ? 8.084   -19.661 15.559  1.00 131.67 ? 4  DC A "C1'" 1 
ATOM 74  N N1    . DC A 1 4  ? 9.246   -18.774 15.836  1.00 126.37 ? 4  DC A N1    1 
ATOM 75  C C2    . DC A 1 4  ? 9.156   -17.831 16.871  1.00 124.69 ? 4  DC A C2    1 
ATOM 76  O O2    . DC A 1 4  ? 8.105   -17.767 17.536  1.00 122.85 ? 4  DC A O2    1 
ATOM 77  N N3    . DC A 1 4  ? 10.225  -17.020 17.115  1.00 123.39 ? 4  DC A N3    1 
ATOM 78  C C4    . DC A 1 4  ? 11.338  -17.133 16.365  1.00 124.75 ? 4  DC A C4    1 
ATOM 79  N N4    . DC A 1 4  ? 12.369  -16.311 16.636  1.00 124.66 ? 4  DC A N4    1 
ATOM 80  C C5    . DC A 1 4  ? 11.440  -18.090 15.304  1.00 123.87 ? 4  DC A C5    1 
ATOM 81  C C6    . DC A 1 4  ? 10.381  -18.880 15.078  1.00 126.67 ? 4  DC A C6    1 
ATOM 82  P P     . DA A 1 5  ? 4.738   -21.340 13.531  1.00 143.91 ? 5  DA A P     1 
ATOM 83  O OP1   . DA A 1 5  ? 4.098   -22.677 13.646  1.00 140.35 ? 5  DA A OP1   1 
ATOM 84  O OP2   . DA A 1 5  ? 5.385   -20.917 12.261  1.00 141.93 ? 5  DA A OP2   1 
ATOM 85  O "O5'" . DA A 1 5  ? 3.635   -20.261 13.978  1.00 143.94 ? 5  DA A "O5'" 1 
ATOM 86  C "C5'" . DA A 1 5  ? 2.971   -20.392 15.247  1.00 141.97 ? 5  DA A "C5'" 1 
ATOM 87  C "C4'" . DA A 1 5  ? 2.754   -19.030 15.906  1.00 143.13 ? 5  DA A "C4'" 1 
ATOM 88  O "O4'" . DA A 1 5  ? 4.035   -18.363 16.103  1.00 137.23 ? 5  DA A "O4'" 1 
ATOM 89  C "C3'" . DA A 1 5  ? 1.872   -18.040 15.132  1.00 140.91 ? 5  DA A "C3'" 1 
ATOM 90  O "O3'" . DA A 1 5  ? 1.053   -17.321 16.051  1.00 143.79 ? 5  DA A "O3'" 1 
ATOM 91  C "C2'" . DA A 1 5  ? 2.894   -17.120 14.467  1.00 136.78 ? 5  DA A "C2'" 1 
ATOM 92  C "C1'" . DA A 1 5  ? 3.995   -17.072 15.522  1.00 133.56 ? 5  DA A "C1'" 1 
ATOM 93  N N9    . DA A 1 5  ? 5.318   -16.787 14.983  1.00 128.45 ? 5  DA A N9    1 
ATOM 94  C C8    . DA A 1 5  ? 5.958   -17.462 13.978  1.00 129.90 ? 5  DA A C8    1 
ATOM 95  N N7    . DA A 1 5  ? 7.161   -16.996 13.700  1.00 127.51 ? 5  DA A N7    1 
ATOM 96  C C5    . DA A 1 5  ? 7.322   -15.942 14.589  1.00 124.73 ? 5  DA A C5    1 
ATOM 97  C C6    . DA A 1 5  ? 8.383   -15.035 14.808  1.00 122.53 ? 5  DA A C6    1 
ATOM 98  N N6    . DA A 1 5  ? 9.528   -15.054 14.109  1.00 118.32 ? 5  DA A N6    1 
ATOM 99  N N1    . DA A 1 5  ? 8.213   -14.103 15.781  1.00 123.82 ? 5  DA A N1    1 
ATOM 100 C C2    . DA A 1 5  ? 7.059   -14.088 16.480  1.00 122.82 ? 5  DA A C2    1 
ATOM 101 N N3    . DA A 1 5  ? 5.996   -14.886 16.364  1.00 122.89 ? 5  DA A N3    1 
ATOM 102 C C4    . DA A 1 5  ? 6.193   -15.801 15.392  1.00 125.52 ? 5  DA A C4    1 
ATOM 103 P P     . DG A 1 6  ? -0.426  -16.841 15.635  1.00 155.87 ? 6  DG A P     1 
ATOM 104 O OP1   . DG A 1 6  ? -1.172  -16.523 16.881  1.00 150.95 ? 6  DG A OP1   1 
ATOM 105 O OP2   . DG A 1 6  ? -0.980  -17.868 14.713  1.00 152.58 ? 6  DG A OP2   1 
ATOM 106 O "O5'" . DG A 1 6  ? -0.172  -15.465 14.838  1.00 148.51 ? 6  DG A "O5'" 1 
ATOM 107 C "C5'" . DG A 1 6  ? -0.815  -14.253 15.269  1.00 143.85 ? 6  DG A "C5'" 1 
ATOM 108 C "C4'" . DG A 1 6  ? 0.143   -13.384 16.064  1.00 143.21 ? 6  DG A "C4'" 1 
ATOM 109 O "O4'" . DG A 1 6  ? 1.510   -13.777 15.783  1.00 138.06 ? 6  DG A "O4'" 1 
ATOM 110 C "C3'" . DG A 1 6  ? 0.049   -11.887 15.755  1.00 141.57 ? 6  DG A "C3'" 1 
ATOM 111 O "O3'" . DG A 1 6  ? -0.340  -11.176 16.917  1.00 144.74 ? 6  DG A "O3'" 1 
ATOM 112 C "C2'" . DG A 1 6  ? 1.462   -11.492 15.297  1.00 135.67 ? 6  DG A "C2'" 1 
ATOM 113 C "C1'" . DG A 1 6  ? 2.328   -12.638 15.798  1.00 132.12 ? 6  DG A "C1'" 1 
ATOM 114 N N9    . DG A 1 6  ? 3.459   -12.883 14.928  1.00 128.07 ? 6  DG A N9    1 
ATOM 115 C C8    . DG A 1 6  ? 3.574   -13.877 13.983  1.00 128.32 ? 6  DG A C8    1 
ATOM 116 N N7    . DG A 1 6  ? 4.707   -13.849 13.328  1.00 121.90 ? 6  DG A N7    1 
ATOM 117 C C5    . DG A 1 6  ? 5.377   -12.759 13.862  1.00 121.34 ? 6  DG A C5    1 
ATOM 118 C C6    . DG A 1 6  ? 6.652   -12.232 13.544  1.00 120.97 ? 6  DG A C6    1 
ATOM 119 O O6    . DG A 1 6  ? 7.460   -12.644 12.695  1.00 121.35 ? 6  DG A O6    1 
ATOM 120 N N1    . DG A 1 6  ? 6.960   -11.116 14.323  1.00 120.99 ? 6  DG A N1    1 
ATOM 121 C C2    . DG A 1 6  ? 6.137   -10.574 15.292  1.00 122.82 ? 6  DG A C2    1 
ATOM 122 N N2    . DG A 1 6  ? 6.607   -9.495  15.936  1.00 122.89 ? 6  DG A N2    1 
ATOM 123 N N3    . DG A 1 6  ? 4.930   -11.057 15.601  1.00 124.60 ? 6  DG A N3    1 
ATOM 124 C C4    . DG A 1 6  ? 4.621   -12.147 14.848  1.00 125.47 ? 6  DG A C4    1 
ATOM 125 P P     . DA A 1 7  ? -1.041  -9.730  16.791  1.00 157.82 ? 7  DA A P     1 
ATOM 126 O OP1   . DA A 1 7  ? -0.609  -8.965  17.986  1.00 154.81 ? 7  DA A OP1   1 
ATOM 127 O OP2   . DA A 1 7  ? -2.485  -9.945  16.513  1.00 156.37 ? 7  DA A OP2   1 
ATOM 128 O "O5'" . DA A 1 7  ? -0.383  -9.053  15.485  1.00 147.06 ? 7  DA A "O5'" 1 
ATOM 129 C "C5'" . DA A 1 7  ? -0.136  -7.642  15.453  1.00 141.54 ? 7  DA A "C5'" 1 
ATOM 130 C "C4'" . DA A 1 7  ? 1.326   -7.365  15.722  1.00 138.65 ? 7  DA A "C4'" 1 
ATOM 131 O "O4'" . DA A 1 7  ? 2.117   -8.337  15.028  1.00 133.92 ? 7  DA A "O4'" 1 
ATOM 132 C "C3'" . DA A 1 7  ? 1.830   -6.006  15.236  1.00 139.28 ? 7  DA A "C3'" 1 
ATOM 133 O "O3'" . DA A 1 7  ? 2.004   -5.127  16.337  1.00 144.40 ? 7  DA A "O3'" 1 
ATOM 134 C "C2'" . DA A 1 7  ? 3.174   -6.303  14.536  1.00 131.32 ? 7  DA A "C2'" 1 
ATOM 135 C "C1'" . DA A 1 7  ? 3.386   -7.785  14.793  1.00 128.98 ? 7  DA A "C1'" 1 
ATOM 136 N N9    . DA A 1 7  ? 4.008   -8.523  13.699  1.00 123.01 ? 7  DA A N9    1 
ATOM 137 C C8    . DA A 1 7  ? 3.503   -9.638  13.084  1.00 122.65 ? 7  DA A C8    1 
ATOM 138 N N7    . DA A 1 7  ? 4.282   -10.135 12.158  1.00 119.27 ? 7  DA A N7    1 
ATOM 139 C C5    . DA A 1 7  ? 5.385   -9.298  12.166  1.00 120.96 ? 7  DA A C5    1 
ATOM 140 C C6    . DA A 1 7  ? 6.574   -9.296  11.407  1.00 119.44 ? 7  DA A C6    1 
ATOM 141 N N6    . DA A 1 7  ? 6.830   -10.210 10.465  1.00 116.63 ? 7  DA A N6    1 
ATOM 142 N N1    . DA A 1 7  ? 7.486   -8.319  11.654  1.00 117.24 ? 7  DA A N1    1 
ATOM 143 C C2    . DA A 1 7  ? 7.215   -7.406  12.606  1.00 118.98 ? 7  DA A C2    1 
ATOM 144 N N3    . DA A 1 7  ? 6.124   -7.307  13.389  1.00 122.51 ? 7  DA A N3    1 
ATOM 145 C C4    . DA A 1 7  ? 5.239   -8.294  13.114  1.00 122.21 ? 7  DA A C4    1 
ATOM 146 P P     . DC A 1 8  ? 1.957   -3.536  16.103  1.00 153.50 ? 8  DC A P     1 
ATOM 147 O OP1   . DC A 1 8  ? 3.162   -2.956  16.750  1.00 145.57 ? 8  DC A OP1   1 
ATOM 148 O OP2   . DC A 1 8  ? 0.585   -3.108  16.499  1.00 152.65 ? 8  DC A OP2   1 
ATOM 149 O "O5'" . DC A 1 8  ? 2.085   -3.365  14.503  1.00 143.33 ? 8  DC A "O5'" 1 
ATOM 150 C "C5'" . DC A 1 8  ? 2.522   -2.132  13.936  1.00 138.72 ? 8  DC A "C5'" 1 
ATOM 151 C "C4'" . DC A 1 8  ? 4.024   -2.138  13.731  1.00 136.77 ? 8  DC A "C4'" 1 
ATOM 152 O "O4'" . DC A 1 8  ? 4.461   -3.463  13.351  1.00 133.90 ? 8  DC A "O4'" 1 
ATOM 153 C "C3'" . DC A 1 8  ? 4.519   -1.198  12.646  1.00 135.43 ? 8  DC A "C3'" 1 
ATOM 154 O "O3'" . DC A 1 8  ? 5.632   -0.498  13.108  1.00 137.98 ? 8  DC A "O3'" 1 
ATOM 155 C "C2'" . DC A 1 8  ? 4.874   -2.114  11.473  1.00 130.01 ? 8  DC A "C2'" 1 
ATOM 156 C "C1'" . DC A 1 8  ? 5.247   -3.404  12.173  1.00 130.34 ? 8  DC A "C1'" 1 
ATOM 157 N N1    . DC A 1 8  ? 4.928   -4.619  11.368  1.00 127.72 ? 8  DC A N1    1 
ATOM 158 C C2    . DC A 1 8  ? 5.859   -5.133  10.442  1.00 125.10 ? 8  DC A C2    1 
ATOM 159 O O2    . DC A 1 8  ? 6.944   -4.548  10.275  1.00 123.18 ? 8  DC A O2    1 
ATOM 160 N N3    . DC A 1 8  ? 5.519   -6.249  9.724   1.00 122.70 ? 8  DC A N3    1 
ATOM 161 C C4    . DC A 1 8  ? 4.331   -6.846  9.925   1.00 120.76 ? 8  DC A C4    1 
ATOM 162 N N4    . DC A 1 8  ? 4.039   -7.944  9.204   1.00 117.07 ? 8  DC A N4    1 
ATOM 163 C C5    . DC A 1 8  ? 3.389   -6.342  10.874  1.00 122.39 ? 8  DC A C5    1 
ATOM 164 C C6    . DC A 1 8  ? 3.721   -5.238  11.554  1.00 124.87 ? 8  DC A C6    1 
ATOM 165 P P     . DC A 1 9  ? 5.949   0.940   12.483  1.00 146.90 ? 9  DC A P     1 
ATOM 166 O OP1   . DC A 1 9  ? 6.823   1.690   13.418  1.00 148.46 ? 9  DC A OP1   1 
ATOM 167 O OP2   . DC A 1 9  ? 4.650   1.501   12.032  1.00 143.44 ? 9  DC A OP2   1 
ATOM 168 O "O5'" . DC A 1 9  ? 6.813   0.578   11.206  1.00 141.79 ? 9  DC A "O5'" 1 
ATOM 169 C "C5'" . DC A 1 9  ? 7.844   -0.382  11.330  1.00 139.40 ? 9  DC A "C5'" 1 
ATOM 170 C "C4'" . DC A 1 9  ? 8.443   -0.636  9.978   1.00 139.87 ? 9  DC A "C4'" 1 
ATOM 171 O "O4'" . DC A 1 9  ? 7.944   -1.887  9.452   1.00 135.60 ? 9  DC A "O4'" 1 
ATOM 172 C "C3'" . DC A 1 9  ? 8.091   0.441   8.952   1.00 140.96 ? 9  DC A "C3'" 1 
ATOM 173 O "O3'" . DC A 1 9  ? 9.296   1.094   8.545   1.00 140.85 ? 9  DC A "O3'" 1 
ATOM 174 C "C2'" . DC A 1 9  ? 7.357   -0.320  7.818   1.00 135.93 ? 9  DC A "C2'" 1 
ATOM 175 C "C1'" . DC A 1 9  ? 7.785   -1.767  8.056   1.00 136.01 ? 9  DC A "C1'" 1 
ATOM 176 N N1    . DC A 1 9  ? 6.773   -2.817  7.607   1.00 129.45 ? 9  DC A N1    1 
ATOM 177 C C2    . DC A 1 9  ? 7.103   -3.733  6.580   1.00 123.15 ? 9  DC A C2    1 
ATOM 178 O O2    . DC A 1 9  ? 8.211   -3.644  6.019   1.00 125.31 ? 9  DC A O2    1 
ATOM 179 N N3    . DC A 1 9  ? 6.183   -4.677  6.214   1.00 115.06 ? 9  DC A N3    1 
ATOM 180 C C4    . DC A 1 9  ? 5.005   -4.739  6.837   1.00 120.38 ? 9  DC A C4    1 
ATOM 181 N N4    . DC A 1 9  ? 4.125   -5.686  6.444   1.00 119.69 ? 9  DC A N4    1 
ATOM 182 C C5    . DC A 1 9  ? 4.658   -3.822  7.883   1.00 126.04 ? 9  DC A C5    1 
ATOM 183 C C6    . DC A 1 9  ? 5.562   -2.894  8.232   1.00 127.62 ? 9  DC A C6    1 
ATOM 184 P P     . DT A 1 10 ? 9.546   1.545   7.025   1.00 150.96 ? 10 DT A P     1 
ATOM 185 O OP1   . DT A 1 10 ? 10.794  2.352   7.052   1.00 148.38 ? 10 DT A OP1   1 
ATOM 186 O OP2   . DT A 1 10 ? 8.314   2.183   6.475   1.00 148.93 ? 10 DT A OP2   1 
ATOM 187 O "O5'" . DT A 1 10 ? 9.834   0.149   6.265   1.00 143.64 ? 10 DT A "O5'" 1 
ATOM 188 C "C5'" . DT A 1 10 ? 11.098  -0.093  5.615   1.00 144.38 ? 10 DT A "C5'" 1 
ATOM 189 C "C4'" . DT A 1 10 ? 10.949  -0.015  4.101   1.00 143.02 ? 10 DT A "C4'" 1 
ATOM 190 O "O4'" . DT A 1 10 ? 10.154  -1.140  3.622   1.00 140.79 ? 10 DT A "O4'" 1 
ATOM 191 C "C3'" . DT A 1 10 ? 10.254  1.252   3.578   1.00 140.97 ? 10 DT A "C3'" 1 
ATOM 192 O "O3'" . DT A 1 10 ? 10.979  1.772   2.486   1.00 144.92 ? 10 DT A "O3'" 1 
ATOM 193 C "C2'" . DT A 1 10 ? 8.875   0.751   3.143   1.00 135.66 ? 10 DT A "C2'" 1 
ATOM 194 C "C1'" . DT A 1 10 ? 9.198   -0.667  2.698   1.00 133.62 ? 10 DT A "C1'" 1 
ATOM 195 N N1    . DT A 1 10 ? 8.012   -1.590  2.703   1.00 126.53 ? 10 DT A N1    1 
ATOM 196 C C2    . DT A 1 10 ? 7.908   -2.555  1.721   1.00 122.88 ? 10 DT A C2    1 
ATOM 197 O O2    . DT A 1 10 ? 8.749   -2.712  0.842   1.00 125.01 ? 10 DT A O2    1 
ATOM 198 N N3    . DT A 1 10 ? 6.784   -3.338  1.802   1.00 115.09 ? 10 DT A N3    1 
ATOM 199 C C4    . DT A 1 10 ? 5.771   -3.249  2.739   1.00 116.69 ? 10 DT A C4    1 
ATOM 200 O O4    . DT A 1 10 ? 4.793   -4.005  2.727   1.00 114.02 ? 10 DT A O4    1 
ATOM 201 C C5    . DT A 1 10 ? 5.943   -2.209  3.736   1.00 120.68 ? 10 DT A C5    1 
ATOM 202 C C7    . DT A 1 10 ? 4.910   -2.008  4.807   1.00 122.93 ? 10 DT A C7    1 
ATOM 203 C C6    . DT A 1 10 ? 7.039   -1.440  3.667   1.00 123.45 ? 10 DT A C6    1 
ATOM 204 P P     . DG A 1 11 ? 10.730  3.283   1.988   1.00 151.81 ? 11 DG A P     1 
ATOM 205 O OP1   . DG A 1 11 ? 11.931  4.043   2.429   1.00 154.48 ? 11 DG A OP1   1 
ATOM 206 O OP2   . DG A 1 11 ? 9.369   3.695   2.424   1.00 147.18 ? 11 DG A OP2   1 
ATOM 207 O "O5'" . DG A 1 11 ? 10.744  3.164   0.380   1.00 141.69 ? 11 DG A "O5'" 1 
ATOM 208 C "C5'" . DG A 1 11 ? 11.846  2.496   -0.278  1.00 143.14 ? 11 DG A "C5'" 1 
ATOM 209 C "C4'" . DG A 1 11 ? 11.373  1.683   -1.483  1.00 139.73 ? 11 DG A "C4'" 1 
ATOM 210 O "O4'" . DG A 1 11 ? 10.361  0.731   -1.074  1.00 133.41 ? 11 DG A "O4'" 1 
ATOM 211 C "C3'" . DG A 1 11 ? 10.769  2.500   -2.620  1.00 136.68 ? 11 DG A "C3'" 1 
ATOM 212 O "O3'" . DG A 1 11 ? 11.415  2.193   -3.830  1.00 137.73 ? 11 DG A "O3'" 1 
ATOM 213 C "C2'" . DG A 1 11 ? 9.293   2.089   -2.656  1.00 130.06 ? 11 DG A "C2'" 1 
ATOM 214 C "C1'" . DG A 1 11 ? 9.293   0.728   -1.984  1.00 125.72 ? 11 DG A "C1'" 1 
ATOM 215 N N9    . DG A 1 11 ? 8.078   0.485   -1.220  1.00 124.43 ? 11 DG A N9    1 
ATOM 216 C C8    . DG A 1 11 ? 7.651   1.189   -0.113  1.00 125.77 ? 11 DG A C8    1 
ATOM 217 N N7    . DG A 1 11 ? 6.520   0.760   0.378   1.00 117.35 ? 11 DG A N7    1 
ATOM 218 C C5    . DG A 1 11 ? 6.166   -0.296  -0.450  1.00 114.47 ? 11 DG A C5    1 
ATOM 219 C C6    . DG A 1 11 ? 5.035   -1.145  -0.402  1.00 114.06 ? 11 DG A C6    1 
ATOM 220 O O6    . DG A 1 11 ? 4.089   -1.122  0.412   1.00 116.12 ? 11 DG A O6    1 
ATOM 221 N N1    . DG A 1 11 ? 5.054   -2.089  -1.430  1.00 111.65 ? 11 DG A N1    1 
ATOM 222 C C2    . DG A 1 11 ? 6.045   -2.206  -2.386  1.00 111.31 ? 11 DG A C2    1 
ATOM 223 N N2    . DG A 1 11 ? 5.881   -3.185  -3.294  1.00 109.25 ? 11 DG A N2    1 
ATOM 224 N N3    . DG A 1 11 ? 7.120   -1.414  -2.444  1.00 114.74 ? 11 DG A N3    1 
ATOM 225 C C4    . DG A 1 11 ? 7.113   -0.484  -1.444  1.00 117.70 ? 11 DG A C4    1 
ATOM 226 P P     . DA A 1 12 ? 10.999  2.982   -5.166  1.00 149.84 ? 12 DA A P     1 
ATOM 227 O OP1   . DA A 1 12 ? 12.233  3.061   -5.994  1.00 146.82 ? 12 DA A OP1   1 
ATOM 228 O OP2   . DA A 1 12 ? 10.299  4.232   -4.762  1.00 143.30 ? 12 DA A OP2   1 
ATOM 229 O "O5'" . DA A 1 12 ? 9.896   2.024   -5.855  1.00 139.57 ? 12 DA A "O5'" 1 
ATOM 230 C "C5'" . DA A 1 12 ? 10.211  0.637   -6.092  1.00 135.55 ? 12 DA A "C5'" 1 
ATOM 231 C "C4'" . DA A 1 12 ? 9.039   -0.119  -6.711  1.00 130.27 ? 12 DA A "C4'" 1 
ATOM 232 O "O4'" . DA A 1 12 ? 8.034   -0.385  -5.698  1.00 125.19 ? 12 DA A "O4'" 1 
ATOM 233 C "C3'" . DA A 1 12 ? 8.308   0.588   -7.857  1.00 126.17 ? 12 DA A "C3'" 1 
ATOM 234 O "O3'" . DA A 1 12 ? 7.991   -0.376  -8.883  1.00 130.29 ? 12 DA A "O3'" 1 
ATOM 235 C "C2'" . DA A 1 12 ? 7.050   1.128   -7.171  1.00 121.16 ? 12 DA A "C2'" 1 
ATOM 236 C "C1'" . DA A 1 12 ? 6.771   0.028   -6.165  1.00 115.45 ? 12 DA A "C1'" 1 
ATOM 237 N N9    . DA A 1 12 ? 5.986   0.451   -5.014  1.00 110.11 ? 12 DA A N9    1 
ATOM 238 C C8    . DA A 1 12 ? 6.284   1.454   -4.131  1.00 111.04 ? 12 DA A C8    1 
ATOM 239 N N7    . DA A 1 12 ? 5.398   1.599   -3.172  1.00 106.40 ? 12 DA A N7    1 
ATOM 240 C C5    . DA A 1 12 ? 4.455   0.613   -3.439  1.00 108.85 ? 12 DA A C5    1 
ATOM 241 C C6    . DA A 1 12 ? 3.238   0.236   -2.791  1.00 108.47 ? 12 DA A C6    1 
ATOM 242 N N6    . DA A 1 12 ? 2.764   0.841   -1.687  1.00 104.34 ? 12 DA A N6    1 
ATOM 243 N N1    . DA A 1 12 ? 2.528   -0.792  -3.337  1.00 106.97 ? 12 DA A N1    1 
ATOM 244 C C2    . DA A 1 12 ? 3.011   -1.399  -4.442  1.00 108.26 ? 12 DA A C2    1 
ATOM 245 N N3    . DA A 1 12 ? 4.127   -1.124  -5.138  1.00 107.89 ? 12 DA A N3    1 
ATOM 246 C C4    . DA A 1 12 ? 4.811   -0.108  -4.571  1.00 108.46 ? 12 DA A C4    1 
ATOM 247 P P     . DC A 1 13 ? 7.361   0.081   -10.305 1.00 135.27 ? 13 DC A P     1 
ATOM 248 O OP1   . DC A 1 13 ? 8.303   -0.338  -11.374 1.00 134.05 ? 13 DC A OP1   1 
ATOM 249 O OP2   . DC A 1 13 ? 6.915   1.490   -10.248 1.00 128.06 ? 13 DC A OP2   1 
ATOM 250 O "O5'" . DC A 1 13 ? 6.024   -0.784  -10.418 1.00 124.51 ? 13 DC A "O5'" 1 
ATOM 251 C "C5'" . DC A 1 13 ? 4.812   -0.138  -10.662 1.00 117.45 ? 13 DC A "C5'" 1 
ATOM 252 C "C4'" . DC A 1 13 ? 3.719   -0.709  -9.792  1.00 115.73 ? 13 DC A "C4'" 1 
ATOM 253 O "O4'" . DC A 1 13 ? 3.778   -0.110  -8.493  1.00 114.75 ? 13 DC A "O4'" 1 
ATOM 254 C "C3'" . DC A 1 13 ? 2.317   -0.398  -10.287 1.00 117.99 ? 13 DC A "C3'" 1 
ATOM 255 O "O3'" . DC A 1 13 ? 1.759   -1.510  -10.934 1.00 121.37 ? 13 DC A "O3'" 1 
ATOM 256 C "C2'" . DC A 1 13 ? 1.516   -0.011  -9.033  1.00 113.49 ? 13 DC A "C2'" 1 
ATOM 257 C "C1'" . DC A 1 13 ? 2.502   -0.240  -7.908  1.00 111.57 ? 13 DC A "C1'" 1 
ATOM 258 N N1    . DC A 1 13 ? 2.395   0.742   -6.795  1.00 107.33 ? 13 DC A N1    1 
ATOM 259 C C2    . DC A 1 13 ? 1.287   0.714   -5.895  1.00 106.95 ? 13 DC A C2    1 
ATOM 260 O O2    . DC A 1 13 ? 0.379   -0.130  -6.038  1.00 106.63 ? 13 DC A O2    1 
ATOM 261 N N3    . DC A 1 13 ? 1.254   1.623   -4.876  1.00 105.32 ? 13 DC A N3    1 
ATOM 262 C C4    . DC A 1 13 ? 2.243   2.520   -4.745  1.00 105.81 ? 13 DC A C4    1 
ATOM 263 N N4    . DC A 1 13 ? 2.162   3.400   -3.729  1.00 105.99 ? 13 DC A N4    1 
ATOM 264 C C5    . DC A 1 13 ? 3.358   2.560   -5.649  1.00 107.23 ? 13 DC A C5    1 
ATOM 265 C C6    . DC A 1 13 ? 3.388   1.667   -6.644  1.00 107.37 ? 13 DC A C6    1 
ATOM 266 P P     . DG A 1 14 ? 0.669   -1.243  -12.087 1.00 138.12 ? 14 DG A P     1 
ATOM 267 O OP1   . DG A 1 14 ? 0.745   -2.403  -13.011 1.00 138.02 ? 14 DG A OP1   1 
ATOM 268 O OP2   . DG A 1 14 ? 0.885   0.149   -12.587 1.00 121.87 ? 14 DG A OP2   1 
ATOM 269 O "O5'" . DG A 1 14 ? -0.727  -1.316  -11.303 1.00 124.33 ? 14 DG A "O5'" 1 
ATOM 270 C "C5'" . DG A 1 14 ? -0.981  -2.450  -10.503 1.00 119.00 ? 14 DG A "C5'" 1 
ATOM 271 C "C4'" . DG A 1 14 ? -2.404  -2.450  -9.995  1.00 119.37 ? 14 DG A "C4'" 1 
ATOM 272 O "O4'" . DG A 1 14 ? -2.471  -1.704  -8.754  1.00 114.75 ? 14 DG A "O4'" 1 
ATOM 273 C "C3'" . DG A 1 14 ? -3.440  -1.837  -10.930 1.00 118.94 ? 14 DG A "C3'" 1 
ATOM 274 O "O3'" . DG A 1 14 ? -4.651  -2.589  -10.829 1.00 125.86 ? 14 DG A "O3'" 1 
ATOM 275 C "C2'" . DG A 1 14 ? -3.599  -0.412  -10.391 1.00 115.93 ? 14 DG A "C2'" 1 
ATOM 276 C "C1'" . DG A 1 14 ? -3.323  -0.584  -8.892  1.00 112.84 ? 14 DG A "C1'" 1 
ATOM 277 N N9    . DG A 1 14 ? -2.644  0.564   -8.291  1.00 106.26 ? 14 DG A N9    1 
ATOM 278 C C8    . DG A 1 14 ? -1.458  1.120   -8.711  1.00 106.30 ? 14 DG A C8    1 
ATOM 279 N N7    . DG A 1 14 ? -1.074  2.139   -7.995  1.00 103.03 ? 14 DG A N7    1 
ATOM 280 C C5    . DG A 1 14 ? -2.072  2.273   -7.030  1.00 100.55 ? 14 DG A C5    1 
ATOM 281 C C6    . DG A 1 14 ? -2.198  3.218   -5.974  1.00 97.20  ? 14 DG A C6    1 
ATOM 282 O O6    . DG A 1 14 ? -1.421  4.148   -5.684  1.00 94.22  ? 14 DG A O6    1 
ATOM 283 N N1    . DG A 1 14 ? -3.367  3.010   -5.219  1.00 93.88  ? 14 DG A N1    1 
ATOM 284 C C2    . DG A 1 14 ? -4.293  2.012   -5.454  1.00 94.19  ? 14 DG A C2    1 
ATOM 285 N N2    . DG A 1 14 ? -5.357  1.970   -4.622  1.00 89.90  ? 14 DG A N2    1 
ATOM 286 N N3    . DG A 1 14 ? -4.187  1.117   -6.453  1.00 98.43  ? 14 DG A N3    1 
ATOM 287 C C4    . DG A 1 14 ? -3.047  1.306   -7.189  1.00 101.79 ? 14 DG A C4    1 
ATOM 288 P P     . DC A 1 15 ? -6.000  -2.131  -11.581 1.00 130.05 ? 15 DC A P     1 
ATOM 289 O OP1   . DC A 1 15 ? -6.862  -3.340  -11.699 1.00 127.66 ? 15 DC A OP1   1 
ATOM 290 O OP2   . DC A 1 15 ? -5.629  -1.350  -12.786 1.00 129.58 ? 15 DC A OP2   1 
ATOM 291 O "O5'" . DC A 1 15 ? -6.725  -1.183  -10.517 1.00 120.73 ? 15 DC A "O5'" 1 
ATOM 292 C "C5'" . DC A 1 15 ? -7.326  -1.769  -9.357  1.00 120.42 ? 15 DC A "C5'" 1 
ATOM 293 C "C4'" . DC A 1 15 ? -8.084  -0.725  -8.565  1.00 118.44 ? 15 DC A "C4'" 1 
ATOM 294 O "O4'" . DC A 1 15 ? -7.149  0.259   -8.024  1.00 115.23 ? 15 DC A "O4'" 1 
ATOM 295 C "C3'" . DC A 1 15 ? -9.110  0.067   -9.374  1.00 120.28 ? 15 DC A "C3'" 1 
ATOM 296 O "O3'" . DC A 1 15 ? -10.293 0.211   -8.602  1.00 123.99 ? 15 DC A "O3'" 1 
ATOM 297 C "C2'" . DC A 1 15 ? -8.403  1.418   -9.606  1.00 116.16 ? 15 DC A "C2'" 1 
ATOM 298 C "C1'" . DC A 1 15 ? -7.629  1.560   -8.305  1.00 110.02 ? 15 DC A "C1'" 1 
ATOM 299 N N1    . DC A 1 15 ? -6.443  2.559   -8.309  1.00 100.48 ? 15 DC A N1    1 
ATOM 300 C C2    . DC A 1 15 ? -6.411  3.595   -7.341  1.00 96.51  ? 15 DC A C2    1 
ATOM 301 O O2    . DC A 1 15 ? -7.359  3.684   -6.533  1.00 95.27  ? 15 DC A O2    1 
ATOM 302 N N3    . DC A 1 15 ? -5.351  4.470   -7.318  1.00 90.39  ? 15 DC A N3    1 
ATOM 303 C C4    . DC A 1 15 ? -4.356  4.336   -8.205  1.00 93.57  ? 15 DC A C4    1 
ATOM 304 N N4    . DC A 1 15 ? -3.336  5.222   -8.150  1.00 91.13  ? 15 DC A N4    1 
ATOM 305 C C5    . DC A 1 15 ? -4.366  3.289   -9.196  1.00 99.57  ? 15 DC A C5    1 
ATOM 306 C C6    . DC A 1 15 ? -5.413  2.424   -9.202  1.00 101.11 ? 15 DC A C6    1 
ATOM 307 P P     . DC A 1 16 ? -11.739 0.244   -9.318  1.00 135.84 ? 16 DC A P     1 
ATOM 308 O OP1   . DC A 1 16 ? -12.203 -1.160  -9.490  1.00 136.64 ? 16 DC A OP1   1 
ATOM 309 O OP2   . DC A 1 16 ? -11.590 1.166   -10.481 1.00 125.41 ? 16 DC A OP2   1 
ATOM 310 O "O5'" . DC A 1 16 ? -12.708 0.914   -8.214  1.00 127.89 ? 16 DC A "O5'" 1 
ATOM 311 C "C5'" . DC A 1 16 ? -12.136 1.657   -7.111  1.00 124.33 ? 16 DC A "C5'" 1 
ATOM 312 C "C4'" . DC A 1 16 ? -12.634 3.100   -7.097  1.00 120.22 ? 16 DC A "C4'" 1 
ATOM 313 O "O4'" . DC A 1 16 ? -11.508 4.037   -7.052  1.00 113.25 ? 16 DC A "O4'" 1 
ATOM 314 C "C3'" . DC A 1 16 ? -13.430 3.530   -8.324  1.00 120.04 ? 16 DC A "C3'" 1 
ATOM 315 O "O3'" . DC A 1 16 ? -14.271 4.553   -7.936  1.00 120.34 ? 16 DC A "O3'" 1 
ATOM 316 C "C2'" . DC A 1 16 ? -12.341 4.098   -9.201  1.00 113.90 ? 16 DC A "C2'" 1 
ATOM 317 C "C1'" . DC A 1 16 ? -11.634 4.924   -8.149  1.00 110.66 ? 16 DC A "C1'" 1 
ATOM 318 N N1    . DC A 1 16 ? -10.292 5.400   -8.574  1.00 106.02 ? 16 DC A N1    1 
ATOM 319 C C2    . DC A 1 16 ? -9.686  6.514   -7.929  1.00 99.89  ? 16 DC A C2    1 
ATOM 320 O O2    . DC A 1 16 ? -10.277 7.081   -6.994  1.00 101.10 ? 16 DC A O2    1 
ATOM 321 N N3    . DC A 1 16 ? -8.458  6.928   -8.350  1.00 95.00  ? 16 DC A N3    1 
ATOM 322 C C4    . DC A 1 16 ? -7.848  6.290   -9.365  1.00 97.81  ? 16 DC A C4    1 
ATOM 323 N N4    . DC A 1 16 ? -6.636  6.728   -9.751  1.00 92.76  ? 16 DC A N4    1 
ATOM 324 C C5    . DC A 1 16 ? -8.453  5.174   -10.035 1.00 102.67 ? 16 DC A C5    1 
ATOM 325 C C6    . DC A 1 16 ? -9.664  4.772   -9.612  1.00 106.08 ? 16 DC A C6    1 
ATOM 326 P P     . DA A 1 17 ? -15.603 4.870   -8.756  1.00 125.10 ? 17 DA A P     1 
ATOM 327 O OP1   . DA A 1 17 ? -16.531 3.748   -8.413  1.00 123.00 ? 17 DA A OP1   1 
ATOM 328 O OP2   . DA A 1 17 ? -15.236 5.194   -10.162 1.00 117.13 ? 17 DA A OP2   1 
ATOM 329 O "O5'" . DA A 1 17 ? -16.127 6.204   -8.045  1.00 122.20 ? 17 DA A "O5'" 1 
ATOM 330 C "C5'" . DA A 1 17 ? -16.268 6.226   -6.607  1.00 118.37 ? 17 DA A "C5'" 1 
ATOM 331 C "C4'" . DA A 1 17 ? -15.781 7.547   -6.035  1.00 118.07 ? 17 DA A "C4'" 1 
ATOM 332 O "O4'" . DA A 1 17 ? -14.419 7.783   -6.460  1.00 113.73 ? 17 DA A "O4'" 1 
ATOM 333 C "C3'" . DA A 1 17 ? -16.544 8.782   -6.499  1.00 121.48 ? 17 DA A "C3'" 1 
ATOM 334 O "O3'" . DA A 1 17 ? -16.418 9.817   -5.508  1.00 127.92 ? 17 DA A "O3'" 1 
ATOM 335 C "C2'" . DA A 1 17 ? -15.811 9.146   -7.791  1.00 111.88 ? 17 DA A "C2'" 1 
ATOM 336 C "C1'" . DA A 1 17 ? -14.380 8.870   -7.378  1.00 110.93 ? 17 DA A "C1'" 1 
ATOM 337 N N9    . DA A 1 17 ? -13.493 8.497   -8.460  1.00 107.92 ? 17 DA A N9    1 
ATOM 338 C C8    . DA A 1 17 ? -13.634 7.463   -9.343  1.00 108.87 ? 17 DA A C8    1 
ATOM 339 N N7    . DA A 1 17 ? -12.631 7.345   -10.187 1.00 104.56 ? 17 DA A N7    1 
ATOM 340 C C5    . DA A 1 17 ? -11.777 8.370   -9.813  1.00 100.41 ? 17 DA A C5    1 
ATOM 341 C C6    . DA A 1 17 ? -10.524 8.800   -10.306 1.00 100.68 ? 17 DA A C6    1 
ATOM 342 N N6    . DA A 1 17 ? -9.893  8.212   -11.335 1.00 98.17  ? 17 DA A N6    1 
ATOM 343 N N1    . DA A 1 17 ? -9.943  9.875   -9.692  1.00 97.31  ? 17 DA A N1    1 
ATOM 344 C C2    . DA A 1 17 ? -10.583 10.455  -8.658  1.00 98.28  ? 17 DA A C2    1 
ATOM 345 N N3    . DA A 1 17 ? -11.758 10.134  -8.113  1.00 96.17  ? 17 DA A N3    1 
ATOM 346 C C4    . DA A 1 17 ? -12.298 9.077   -8.742  1.00 100.21 ? 17 DA A C4    1 
ATOM 347 P P     . DC A 1 18 ? -17.401 11.102  -5.525  1.00 136.63 ? 18 DC A P     1 
ATOM 348 O OP1   . DC A 1 18 ? -17.492 11.634  -4.138  1.00 130.22 ? 18 DC A OP1   1 
ATOM 349 O OP2   . DC A 1 18 ? -18.675 10.660  -6.143  1.00 127.96 ? 18 DC A OP2   1 
ATOM 350 O "O5'" . DC A 1 18 ? -16.639 12.140  -6.512  1.00 123.91 ? 18 DC A "O5'" 1 
ATOM 351 C "C5'" . DC A 1 18 ? -16.671 13.551  -6.258  1.00 121.93 ? 18 DC A "C5'" 1 
ATOM 352 C "C4'" . DC A 1 18 ? -15.293 14.159  -6.455  1.00 121.28 ? 18 DC A "C4'" 1 
ATOM 353 O "O4'" . DC A 1 18 ? -14.455 13.215  -7.159  1.00 114.65 ? 18 DC A "O4'" 1 
ATOM 354 C "C3'" . DC A 1 18 ? -15.270 15.455  -7.277  1.00 120.70 ? 18 DC A "C3'" 1 
ATOM 355 O "O3'" . DC A 1 18 ? -14.709 16.519  -6.526  1.00 127.35 ? 18 DC A "O3'" 1 
ATOM 356 C "C2'" . DC A 1 18 ? -14.410 15.134  -8.505  1.00 113.87 ? 18 DC A "C2'" 1 
ATOM 357 C "C1'" . DC A 1 18 ? -13.636 13.906  -8.076  1.00 108.01 ? 18 DC A "C1'" 1 
ATOM 358 N N1    . DC A 1 18 ? -13.334 12.983  -9.193  1.00 101.45 ? 18 DC A N1    1 
ATOM 359 C C2    . DC A 1 18 ? -12.152 13.146  -9.928  1.00 98.81  ? 18 DC A C2    1 
ATOM 360 O O2    . DC A 1 18 ? -11.392 14.077  -9.640  1.00 95.09  ? 18 DC A O2    1 
ATOM 361 N N3    . DC A 1 18 ? -11.875 12.273  -10.939 1.00 95.34  ? 18 DC A N3    1 
ATOM 362 C C4    . DC A 1 18 ? -12.734 11.278  -11.217 1.00 98.79  ? 18 DC A C4    1 
ATOM 363 N N4    . DC A 1 18 ? -12.424 10.439  -12.226 1.00 95.83  ? 18 DC A N4    1 
ATOM 364 C C5    . DC A 1 18 ? -13.950 11.099  -10.474 1.00 96.87  ? 18 DC A C5    1 
ATOM 365 C C6    . DC A 1 18 ? -14.203 11.964  -9.480  1.00 100.22 ? 18 DC A C6    1 
ATOM 366 P P     . DT A 1 19 ? -15.066 18.041  -6.915  1.00 141.71 ? 19 DT A P     1 
ATOM 367 O OP1   . DT A 1 19 ? -15.005 18.822  -5.653  1.00 138.68 ? 19 DT A OP1   1 
ATOM 368 O OP2   . DT A 1 19 ? -16.325 18.008  -7.697  1.00 136.68 ? 19 DT A OP2   1 
ATOM 369 O "O5'" . DT A 1 19 ? -13.878 18.487  -7.904  1.00 128.50 ? 19 DT A "O5'" 1 
ATOM 370 C "C5'" . DT A 1 19 ? -12.534 18.341  -7.480  1.00 123.36 ? 19 DT A "C5'" 1 
ATOM 371 C "C4'" . DT A 1 19 ? -11.597 18.495  -8.649  1.00 122.23 ? 19 DT A "C4'" 1 
ATOM 372 O "O4'" . DT A 1 19 ? -11.667 17.319  -9.464  1.00 117.30 ? 19 DT A "O4'" 1 
ATOM 373 C "C3'" . DT A 1 19 ? -11.956 19.646  -9.570  1.00 126.15 ? 19 DT A "C3'" 1 
ATOM 374 O "O3'" . DT A 1 19 ? -11.100 20.746  -9.318  1.00 130.52 ? 19 DT A "O3'" 1 
ATOM 375 C "C2'" . DT A 1 19 ? -11.769 19.094  -10.991 1.00 121.30 ? 19 DT A "C2'" 1 
ATOM 376 C "C1'" . DT A 1 19 ? -11.346 17.663  -10.792 1.00 116.31 ? 19 DT A "C1'" 1 
ATOM 377 N N1    . DT A 1 19 ? -11.993 16.647  -11.703 1.00 110.29 ? 19 DT A N1    1 
ATOM 378 C C2    . DT A 1 19 ? -11.252 16.124  -12.746 1.00 106.63 ? 19 DT A C2    1 
ATOM 379 O O2    . DT A 1 19 ? -10.113 16.498  -13.016 1.00 104.92 ? 19 DT A O2    1 
ATOM 380 N N3    . DT A 1 19 ? -11.892 15.151  -13.478 1.00 100.89 ? 19 DT A N3    1 
ATOM 381 C C4    . DT A 1 19 ? -13.167 14.648  -13.270 1.00 101.83 ? 19 DT A C4    1 
ATOM 382 O O4    . DT A 1 19 ? -13.650 13.766  -13.985 1.00 100.94 ? 19 DT A O4    1 
ATOM 383 C C5    . DT A 1 19 ? -13.886 15.225  -12.149 1.00 100.59 ? 19 DT A C5    1 
ATOM 384 C C7    . DT A 1 19 ? -15.269 14.755  -11.830 1.00 93.18  ? 19 DT A C7    1 
ATOM 385 C C6    . DT A 1 19 ? -13.272 16.182  -11.424 1.00 105.73 ? 19 DT A C6    1 
ATOM 386 P P     . DC A 1 20 ? -11.699 22.075  -8.640  1.00 137.94 ? 20 DC A P     1 
ATOM 387 O OP1   . DC A 1 20 ? -10.615 22.652  -7.804  1.00 139.66 ? 20 DC A OP1   1 
ATOM 388 O OP2   . DC A 1 20 ? -13.013 21.717  -8.028  1.00 131.13 ? 20 DC A OP2   1 
ATOM 389 O "O5'" . DC A 1 20 ? -11.935 23.060  -9.884  1.00 133.91 ? 20 DC A "O5'" 1 
ATOM 390 C "C5'" . DC A 1 20 ? -10.926 24.014  -10.238 1.00 135.35 ? 20 DC A "C5'" 1 
ATOM 391 C "C4'" . DC A 1 20 ? -9.959  23.447  -11.270 1.00 135.58 ? 20 DC A "C4'" 1 
ATOM 392 O "O4'" . DC A 1 20 ? -10.376 22.116  -11.694 1.00 131.91 ? 20 DC A "O4'" 1 
ATOM 393 C "C3'" . DC A 1 20 ? -9.843  24.247  -12.559 1.00 133.47 ? 20 DC A "C3'" 1 
ATOM 394 O "O3'" . DC A 1 20 ? -8.539  24.080  -13.057 1.00 138.58 ? 20 DC A "O3'" 1 
ATOM 395 C "C2'" . DC A 1 20 ? -10.861 23.548  -13.460 1.00 131.76 ? 20 DC A "C2'" 1 
ATOM 396 C "C1'" . DC A 1 20 ? -10.539 22.111  -13.107 1.00 131.51 ? 20 DC A "C1'" 1 
ATOM 397 N N1    . DC A 1 20 ? -11.599 21.109  -13.450 1.00 126.76 ? 20 DC A N1    1 
ATOM 398 C C2    . DC A 1 20 ? -11.288 20.034  -14.307 1.00 121.90 ? 20 DC A C2    1 
ATOM 399 O O2    . DC A 1 20 ? -10.150 19.956  -14.798 1.00 120.69 ? 20 DC A O2    1 
ATOM 400 N N3    . DC A 1 20 ? -12.251 19.115  -14.579 1.00 116.73 ? 20 DC A N3    1 
ATOM 401 C C4    . DC A 1 20 ? -13.466 19.233  -14.029 1.00 118.83 ? 20 DC A C4    1 
ATOM 402 N N4    . DC A 1 20 ? -14.386 18.299  -14.328 1.00 113.64 ? 20 DC A N4    1 
ATOM 403 C C5    . DC A 1 20 ? -13.799 20.320  -13.158 1.00 122.80 ? 20 DC A C5    1 
ATOM 404 C C6    . DC A 1 20 ? -12.847 21.231  -12.907 1.00 124.27 ? 20 DC A C6    1 
ATOM 405 P P     . DA A 1 21 ? -8.086  24.853  -14.383 1.00 145.69 ? 21 DA A P     1 
ATOM 406 O OP1   . DA A 1 21 ? -6.611  25.053  -14.310 1.00 138.61 ? 21 DA A OP1   1 
ATOM 407 O OP2   . DA A 1 21 ? -9.028  25.991  -14.500 1.00 143.59 ? 21 DA A OP2   1 
ATOM 408 O "O5'" . DA A 1 21 ? -8.439  23.837  -15.579 1.00 139.87 ? 21 DA A "O5'" 1 
ATOM 409 C "C5'" . DA A 1 21 ? -7.567  22.729  -15.876 1.00 139.05 ? 21 DA A "C5'" 1 
ATOM 410 C "C4'" . DA A 1 21 ? -7.136  22.730  -17.344 1.00 137.57 ? 21 DA A "C4'" 1 
ATOM 411 O "O4'" . DA A 1 21 ? -8.033  21.916  -18.127 1.00 136.01 ? 21 DA A "O4'" 1 
ATOM 412 C "C3'" . DA A 1 21 ? -7.145  24.083  -18.035 1.00 139.71 ? 21 DA A "C3'" 1 
ATOM 413 O "O3'" . DA A 1 21 ? -6.198  24.092  -19.094 1.00 145.48 ? 21 DA A "O3'" 1 
ATOM 414 C "C2'" . DA A 1 21 ? -8.579  24.195  -18.570 1.00 136.59 ? 21 DA A "C2'" 1 
ATOM 415 C "C1'" . DA A 1 21 ? -9.024  22.734  -18.711 1.00 134.58 ? 21 DA A "C1'" 1 
ATOM 416 N N9    . DA A 1 21 ? -10.290 22.450  -18.051 1.00 130.54 ? 21 DA A N9    1 
ATOM 417 C C8    . DA A 1 21 ? -10.851 23.125  -16.999 1.00 129.74 ? 21 DA A C8    1 
ATOM 418 N N7    . DA A 1 21 ? -12.010 22.639  -16.614 1.00 127.37 ? 21 DA A N7    1 
ATOM 419 C C5    . DA A 1 21 ? -12.220 21.577  -17.479 1.00 127.05 ? 21 DA A C5    1 
ATOM 420 C C6    . DA A 1 21 ? -13.268 20.650  -17.601 1.00 125.20 ? 21 DA A C6    1 
ATOM 421 N N6    . DA A 1 21 ? -14.348 20.655  -16.808 1.00 121.05 ? 21 DA A N6    1 
ATOM 422 N N1    . DA A 1 21 ? -13.161 19.710  -18.581 1.00 125.86 ? 21 DA A N1    1 
ATOM 423 C C2    . DA A 1 21 ? -12.074 19.717  -19.369 1.00 126.24 ? 21 DA A C2    1 
ATOM 424 N N3    . DA A 1 21 ? -11.031 20.539  -19.348 1.00 127.30 ? 21 DA A N3    1 
ATOM 425 C C4    . DA A 1 21 ? -11.167 21.451  -18.371 1.00 128.59 ? 21 DA A C4    1 
ATOM 426 P P     . DC B 2 1  ? -3.840  6.100   4.881   1.00 117.57 ? 1  DC B P     1 
ATOM 427 O OP1   . DC B 2 1  ? -4.366  7.130   5.830   1.00 109.86 ? 1  DC B OP1   1 
ATOM 428 O OP2   . DC B 2 1  ? -2.412  6.085   4.452   1.00 100.59 ? 1  DC B OP2   1 
ATOM 429 O "O5'" . DC B 2 1  ? -4.685  5.987   3.497   1.00 110.61 ? 1  DC B "O5'" 1 
ATOM 430 C "C5'" . DC B 2 1  ? -6.094  6.316   3.424   1.00 101.01 ? 1  DC B "C5'" 1 
ATOM 431 C "C4'" . DC B 2 1  ? -6.695  5.814   2.110   1.00 96.30  ? 1  DC B "C4'" 1 
ATOM 432 O "O4'" . DC B 2 1  ? -5.921  6.310   1.015   1.00 86.87  ? 1  DC B "O4'" 1 
ATOM 433 C "C3'" . DC B 2 1  ? -6.647  4.306   1.898   1.00 97.48  ? 1  DC B "C3'" 1 
ATOM 434 O "O3'" . DC B 2 1  ? -7.711  3.675   2.548   1.00 97.80  ? 1  DC B "O3'" 1 
ATOM 435 C "C2'" . DC B 2 1  ? -6.751  4.164   0.384   1.00 89.43  ? 1  DC B "C2'" 1 
ATOM 436 C "C1'" . DC B 2 1  ? -6.170  5.488   -0.112  1.00 85.53  ? 1  DC B "C1'" 1 
ATOM 437 N N1    . DC B 2 1  ? -4.914  5.419   -0.915  1.00 84.46  ? 1  DC B N1    1 
ATOM 438 C C2    . DC B 2 1  ? -4.747  4.493   -1.984  1.00 85.45  ? 1  DC B C2    1 
ATOM 439 O O2    . DC B 2 1  ? -5.631  3.651   -2.234  1.00 79.96  ? 1  DC B O2    1 
ATOM 440 N N3    . DC B 2 1  ? -3.584  4.540   -2.708  1.00 82.94  ? 1  DC B N3    1 
ATOM 441 C C4    . DC B 2 1  ? -2.657  5.463   -2.432  1.00 86.10  ? 1  DC B C4    1 
ATOM 442 N N4    . DC B 2 1  ? -1.539  5.479   -3.164  1.00 90.54  ? 1  DC B N4    1 
ATOM 443 C C5    . DC B 2 1  ? -2.821  6.410   -1.380  1.00 85.36  ? 1  DC B C5    1 
ATOM 444 C C6    . DC B 2 1  ? -3.950  6.354   -0.664  1.00 87.70  ? 1  DC B C6    1 
ATOM 445 P P     . DG B 2 2  ? -7.339  2.701   3.760   1.00 107.39 ? 2  DG B P     1 
ATOM 446 O OP1   . DG B 2 2  ? -8.583  2.423   4.537   1.00 108.95 ? 2  DG B OP1   1 
ATOM 447 O OP2   . DG B 2 2  ? -6.155  3.360   4.384   1.00 92.63  ? 2  DG B OP2   1 
ATOM 448 O "O5'" . DG B 2 2  ? -6.829  1.353   3.035   1.00 95.95  ? 2  DG B "O5'" 1 
ATOM 449 C "C5'" . DG B 2 2  ? -7.740  0.544   2.246   1.00 97.64  ? 2  DG B "C5'" 1 
ATOM 450 C "C4'" . DG B 2 2  ? -7.076  0.198   0.942   1.00 99.17  ? 2  DG B "C4'" 1 
ATOM 451 O "O4'" . DG B 2 2  ? -6.083  1.193   0.689   1.00 94.96  ? 2  DG B "O4'" 1 
ATOM 452 C "C3'" . DG B 2 2  ? -6.236  -1.079  0.940   1.00 106.71 ? 2  DG B "C3'" 1 
ATOM 453 O "O3'" . DG B 2 2  ? -6.989  -2.218  0.543   1.00 112.91 ? 2  DG B "O3'" 1 
ATOM 454 C "C2'" . DG B 2 2  ? -5.116  -0.781  -0.075  1.00 99.64  ? 2  DG B "C2'" 1 
ATOM 455 C "C1'" . DG B 2 2  ? -5.289  0.693   -0.344  1.00 91.73  ? 2  DG B "C1'" 1 
ATOM 456 N N9    . DG B 2 2  ? -4.063  1.428   -0.393  1.00 89.32  ? 2  DG B N9    1 
ATOM 457 C C8    . DG B 2 2  ? -3.704  2.492   0.404   1.00 90.27  ? 2  DG B C8    1 
ATOM 458 N N7    . DG B 2 2  ? -2.529  2.994   0.102   1.00 91.66  ? 2  DG B N7    1 
ATOM 459 C C5    . DG B 2 2  ? -2.087  2.218   -0.973  1.00 93.07  ? 2  DG B C5    1 
ATOM 460 C C6    . DG B 2 2  ? -0.883  2.288   -1.722  1.00 93.47  ? 2  DG B C6    1 
ATOM 461 O O6    . DG B 2 2  ? 0.051   3.077   -1.578  1.00 94.80  ? 2  DG B O6    1 
ATOM 462 N N1    . DG B 2 2  ? -0.827  1.314   -2.730  1.00 96.62  ? 2  DG B N1    1 
ATOM 463 C C2    . DG B 2 2  ? -1.819  0.376   -2.980  1.00 99.28  ? 2  DG B C2    1 
ATOM 464 N N2    . DG B 2 2  ? -1.587  -0.491  -3.988  1.00 100.15 ? 2  DG B N2    1 
ATOM 465 N N3    . DG B 2 2  ? -2.967  0.296   -2.280  1.00 96.86  ? 2  DG B N3    1 
ATOM 466 C C4    . DG B 2 2  ? -3.026  1.247   -1.293  1.00 95.33  ? 2  DG B C4    1 
ATOM 467 P P     . DT B 2 3  ? -6.446  -3.685  0.960   1.00 128.67 ? 3  DT B P     1 
ATOM 468 O OP1   . DT B 2 3  ? -7.634  -4.573  0.885   1.00 123.59 ? 3  DT B OP1   1 
ATOM 469 O OP2   . DT B 2 3  ? -5.676  -3.518  2.225   1.00 116.47 ? 3  DT B OP2   1 
ATOM 470 O "O5'" . DT B 2 3  ? -5.354  -4.091  -0.173  1.00 118.01 ? 3  DT B "O5'" 1 
ATOM 471 C "C5'" . DT B 2 3  ? -5.677  -3.936  -1.570  1.00 115.55 ? 3  DT B "C5'" 1 
ATOM 472 C "C4'" . DT B 2 3  ? -4.680  -4.645  -2.493  1.00 122.36 ? 3  DT B "C4'" 1 
ATOM 473 O "O4'" . DT B 2 3  ? -3.530  -3.795  -2.790  1.00 121.94 ? 3  DT B "O4'" 1 
ATOM 474 C "C3'" . DT B 2 3  ? -4.092  -5.960  -2.001  1.00 122.30 ? 3  DT B "C3'" 1 
ATOM 475 O "O3'" . DT B 2 3  ? -3.886  -6.787  -3.146  1.00 129.12 ? 3  DT B "O3'" 1 
ATOM 476 C "C2'" . DT B 2 3  ? -2.762  -5.510  -1.387  1.00 115.65 ? 3  DT B "C2'" 1 
ATOM 477 C "C1'" . DT B 2 3  ? -2.330  -4.449  -2.387  1.00 114.00 ? 3  DT B "C1'" 1 
ATOM 478 N N1    . DT B 2 3  ? -1.441  -3.415  -1.820  1.00 107.66 ? 3  DT B N1    1 
ATOM 479 C C2    . DT B 2 3  ? -0.261  -3.091  -2.469  1.00 108.53 ? 3  DT B C2    1 
ATOM 480 O O2    . DT B 2 3  ? 0.128   -3.653  -3.481  1.00 109.44 ? 3  DT B O2    1 
ATOM 481 N N3    . DT B 2 3  ? 0.467   -2.091  -1.861  1.00 108.42 ? 3  DT B N3    1 
ATOM 482 C C4    . DT B 2 3  ? 0.127   -1.383  -0.712  1.00 106.72 ? 3  DT B C4    1 
ATOM 483 O O4    . DT B 2 3  ? 0.848   -0.498  -0.239  1.00 107.01 ? 3  DT B O4    1 
ATOM 484 C C5    . DT B 2 3  ? -1.128  -1.769  -0.097  1.00 101.96 ? 3  DT B C5    1 
ATOM 485 C C7    . DT B 2 3  ? -1.598  -1.079  1.149   1.00 97.07  ? 3  DT B C7    1 
ATOM 486 C C6    . DT B 2 3  ? -1.841  -2.751  -0.676  1.00 104.49 ? 3  DT B C6    1 
ATOM 487 P P     . DC B 2 4  ? -3.351  -8.292  -3.008  1.00 132.59 ? 4  DC B P     1 
ATOM 488 O OP1   . DC B 2 4  ? -4.103  -9.090  -4.011  1.00 132.31 ? 4  DC B OP1   1 
ATOM 489 O OP2   . DC B 2 4  ? -3.437  -8.691  -1.582  1.00 128.14 ? 4  DC B OP2   1 
ATOM 490 O "O5'" . DC B 2 4  ? -1.800  -8.173  -3.421  1.00 122.09 ? 4  DC B "O5'" 1 
ATOM 491 C "C5'" . DC B 2 4  ? -1.437  -7.515  -4.620  1.00 117.66 ? 4  DC B "C5'" 1 
ATOM 492 C "C4'" . DC B 2 4  ? 0.068   -7.547  -4.807  1.00 117.83 ? 4  DC B "C4'" 1 
ATOM 493 O "O4'" . DC B 2 4  ? 0.691   -6.437  -4.098  1.00 116.94 ? 4  DC B "O4'" 1 
ATOM 494 C "C3'" . DC B 2 4  ? 0.759   -8.811  -4.301  1.00 116.89 ? 4  DC B "C3'" 1 
ATOM 495 O "O3'" . DC B 2 4  ? 1.754   -9.222  -5.259  1.00 116.13 ? 4  DC B "O3'" 1 
ATOM 496 C "C2'" . DC B 2 4  ? 1.389   -8.351  -2.973  1.00 115.65 ? 4  DC B "C2'" 1 
ATOM 497 C "C1'" . DC B 2 4  ? 1.772   -6.920  -3.318  1.00 114.72 ? 4  DC B "C1'" 1 
ATOM 498 N N1    . DC B 2 4  ? 1.953   -5.973  -2.134  1.00 113.35 ? 4  DC B N1    1 
ATOM 499 C C2    . DC B 2 4  ? 3.132   -5.190  -2.031  1.00 111.33 ? 4  DC B C2    1 
ATOM 500 O O2    . DC B 2 4  ? 4.032   -5.315  -2.880  1.00 110.48 ? 4  DC B O2    1 
ATOM 501 N N3    . DC B 2 4  ? 3.257   -4.316  -0.992  1.00 109.83 ? 4  DC B N3    1 
ATOM 502 C C4    . DC B 2 4  ? 2.278   -4.194  -0.095  1.00 110.44 ? 4  DC B C4    1 
ATOM 503 N N4    . DC B 2 4  ? 2.461   -3.320  0.908   1.00 109.03 ? 4  DC B N4    1 
ATOM 504 C C5    . DC B 2 4  ? 1.066   -4.970  -0.183  1.00 111.42 ? 4  DC B C5    1 
ATOM 505 C C6    . DC B 2 4  ? 0.947   -5.832  -1.212  1.00 112.09 ? 4  DC B C6    1 
ATOM 506 P P     . DA B 2 5  ? 1.875   -10.768 -5.711  1.00 120.87 ? 5  DA B P     1 
ATOM 507 O OP1   . DA B 2 5  ? 1.642   -10.840 -7.176  1.00 109.79 ? 5  DA B OP1   1 
ATOM 508 O OP2   . DA B 2 5  ? 1.055   -11.572 -4.753  1.00 117.47 ? 5  DA B OP2   1 
ATOM 509 O "O5'" . DA B 2 5  ? 3.423   -11.081 -5.497  1.00 107.55 ? 5  DA B "O5'" 1 
ATOM 510 C "C5'" . DA B 2 5  ? 4.354   -10.092 -5.882  1.00 115.37 ? 5  DA B "C5'" 1 
ATOM 511 C "C4'" . DA B 2 5  ? 5.639   -10.222 -5.101  1.00 113.25 ? 5  DA B "C4'" 1 
ATOM 512 O "O4'" . DA B 2 5  ? 5.858   -9.032  -4.288  1.00 114.75 ? 5  DA B "O4'" 1 
ATOM 513 C "C3'" . DA B 2 5  ? 5.673   -11.376 -4.134  1.00 108.25 ? 5  DA B "C3'" 1 
ATOM 514 O "O3'" . DA B 2 5  ? 6.093   -12.553 -4.793  1.00 102.54 ? 5  DA B "O3'" 1 
ATOM 515 C "C2'" . DA B 2 5  ? 6.706   -10.886 -3.142  1.00 109.84 ? 5  DA B "C2'" 1 
ATOM 516 C "C1'" . DA B 2 5  ? 6.347   -9.409  -3.017  1.00 110.86 ? 5  DA B "C1'" 1 
ATOM 517 N N9    . DA B 2 5  ? 5.316   -9.147  -1.996  1.00 107.91 ? 5  DA B N9    1 
ATOM 518 C C8    . DA B 2 5  ? 4.186   -9.879  -1.771  1.00 109.07 ? 5  DA B C8    1 
ATOM 519 N N7    . DA B 2 5  ? 3.445   -9.440  -0.780  1.00 111.26 ? 5  DA B N7    1 
ATOM 520 C C5    . DA B 2 5  ? 4.135   -8.333  -0.310  1.00 109.52 ? 5  DA B C5    1 
ATOM 521 C C6    . DA B 2 5  ? 3.864   -7.418  0.740   1.00 108.63 ? 5  DA B C6    1 
ATOM 522 N N6    . DA B 2 5  ? 2.777   -7.493  1.525   1.00 110.62 ? 5  DA B N6    1 
ATOM 523 N N1    . DA B 2 5  ? 4.757   -6.427  0.947   1.00 106.29 ? 5  DA B N1    1 
ATOM 524 C C2    . DA B 2 5  ? 5.844   -6.359  0.158   1.00 109.58 ? 5  DA B C2    1 
ATOM 525 N N3    . DA B 2 5  ? 6.205   -7.158  -0.858  1.00 109.81 ? 5  DA B N3    1 
ATOM 526 C C4    . DA B 2 5  ? 5.297   -8.136  -1.043  1.00 108.67 ? 5  DA B C4    1 
ATOM 527 O "O5'" . DT C 3 1  ? -25.351 21.699  -19.098 1.00 149.86 ? 1  DT C "O5'" 1 
ATOM 528 C "C5'" . DT C 3 1  ? -26.326 21.015  -19.874 1.00 149.26 ? 1  DT C "C5'" 1 
ATOM 529 C "C4'" . DT C 3 1  ? -25.658 20.050  -20.836 1.00 152.18 ? 1  DT C "C4'" 1 
ATOM 530 O "O4'" . DT C 3 1  ? -24.541 20.715  -21.487 1.00 148.37 ? 1  DT C "O4'" 1 
ATOM 531 C "C3'" . DT C 3 1  ? -25.073 18.794  -20.187 1.00 154.93 ? 1  DT C "C3'" 1 
ATOM 532 O "O3'" . DT C 3 1  ? -25.313 17.651  -21.015 1.00 160.77 ? 1  DT C "O3'" 1 
ATOM 533 C "C2'" . DT C 3 1  ? -23.584 19.118  -20.091 1.00 146.97 ? 1  DT C "C2'" 1 
ATOM 534 C "C1'" . DT C 3 1  ? -23.380 19.929  -21.354 1.00 144.67 ? 1  DT C "C1'" 1 
ATOM 535 N N1    . DT C 3 1  ? -22.202 20.836  -21.295 1.00 142.36 ? 1  DT C N1    1 
ATOM 536 C C2    . DT C 3 1  ? -21.193 20.695  -22.228 1.00 141.11 ? 1  DT C C2    1 
ATOM 537 O O2    . DT C 3 1  ? -21.207 19.842  -23.103 1.00 140.15 ? 1  DT C O2    1 
ATOM 538 N N3    . DT C 3 1  ? -20.145 21.580  -22.088 1.00 139.75 ? 1  DT C N3    1 
ATOM 539 C C4    . DT C 3 1  ? -20.014 22.582  -21.136 1.00 140.21 ? 1  DT C C4    1 
ATOM 540 O O4    . DT C 3 1  ? -19.032 23.333  -21.099 1.00 136.57 ? 1  DT C O4    1 
ATOM 541 C C5    . DT C 3 1  ? -21.116 22.678  -20.189 1.00 143.10 ? 1  DT C C5    1 
ATOM 542 C C7    . DT C 3 1  ? -21.094 23.721  -19.110 1.00 143.82 ? 1  DT C C7    1 
ATOM 543 C C6    . DT C 3 1  ? -22.143 21.809  -20.316 1.00 142.28 ? 1  DT C C6    1 
ATOM 544 P P     . DC C 3 2  ? -24.840 16.188  -20.533 1.00 168.93 ? 2  DC C P     1 
ATOM 545 O OP1   . DC C 3 2  ? -25.806 15.194  -21.069 1.00 163.04 ? 2  DC C OP1   1 
ATOM 546 O OP2   . DC C 3 2  ? -24.594 16.241  -19.073 1.00 162.95 ? 2  DC C OP2   1 
ATOM 547 O "O5'" . DC C 3 2  ? -23.424 15.991  -21.251 1.00 152.21 ? 2  DC C "O5'" 1 
ATOM 548 C "C5'" . DC C 3 2  ? -23.384 15.528  -22.575 1.00 150.04 ? 2  DC C "C5'" 1 
ATOM 549 C "C4'" . DC C 3 2  ? -21.978 15.607  -23.096 1.00 150.27 ? 2  DC C "C4'" 1 
ATOM 550 O "O4'" . DC C 3 2  ? -21.380 16.850  -22.659 1.00 148.89 ? 2  DC C "O4'" 1 
ATOM 551 C "C3'" . DC C 3 2  ? -21.050 14.492  -22.615 1.00 148.96 ? 2  DC C "C3'" 1 
ATOM 552 O "O3'" . DC C 3 2  ? -20.491 13.829  -23.759 1.00 152.33 ? 2  DC C "O3'" 1 
ATOM 553 C "C2'" . DC C 3 2  ? -19.983 15.236  -21.779 1.00 147.56 ? 2  DC C "C2'" 1 
ATOM 554 C "C1'" . DC C 3 2  ? -20.025 16.624  -22.386 1.00 144.13 ? 2  DC C "C1'" 1 
ATOM 555 N N1    . DC C 3 2  ? -19.536 17.733  -21.493 1.00 140.80 ? 2  DC C N1    1 
ATOM 556 C C2    . DC C 3 2  ? -18.283 18.324  -21.732 1.00 141.21 ? 2  DC C C2    1 
ATOM 557 O O2    . DC C 3 2  ? -17.576 17.895  -22.662 1.00 142.61 ? 2  DC C O2    1 
ATOM 558 N N3    . DC C 3 2  ? -17.871 19.348  -20.929 1.00 139.34 ? 2  DC C N3    1 
ATOM 559 C C4    . DC C 3 2  ? -18.658 19.783  -19.937 1.00 137.82 ? 2  DC C C4    1 
ATOM 560 N N4    . DC C 3 2  ? -18.207 20.794  -19.175 1.00 136.12 ? 2  DC C N4    1 
ATOM 561 C C5    . DC C 3 2  ? -19.939 19.201  -19.687 1.00 137.89 ? 2  DC C C5    1 
ATOM 562 C C6    . DC C 3 2  ? -20.334 18.193  -20.483 1.00 140.09 ? 2  DC C C6    1 
ATOM 563 P P     . DT C 3 3  ? -19.716 12.421  -23.634 1.00 158.08 ? 3  DT C P     1 
ATOM 564 O OP1   . DT C 3 3  ? -20.405 11.441  -24.511 1.00 154.44 ? 3  DT C OP1   1 
ATOM 565 O OP2   . DT C 3 3  ? -19.525 12.083  -22.206 1.00 156.57 ? 3  DT C OP2   1 
ATOM 566 O "O5'" . DT C 3 3  ? -18.269 12.764  -24.232 1.00 150.78 ? 3  DT C "O5'" 1 
ATOM 567 C "C5'" . DT C 3 3  ? -17.755 14.104  -24.125 1.00 148.51 ? 3  DT C "C5'" 1 
ATOM 568 C "C4'" . DT C 3 3  ? -16.308 14.084  -23.674 1.00 148.50 ? 3  DT C "C4'" 1 
ATOM 569 O "O4'" . DT C 3 3  ? -16.012 15.257  -22.845 1.00 146.94 ? 3  DT C "O4'" 1 
ATOM 570 C "C3'" . DT C 3 3  ? -15.932 12.868  -22.823 1.00 147.30 ? 3  DT C "C3'" 1 
ATOM 571 O "O3'" . DT C 3 3  ? -14.597 12.437  -23.158 1.00 147.15 ? 3  DT C "O3'" 1 
ATOM 572 C "C2'" . DT C 3 3  ? -15.998 13.442  -21.406 1.00 142.52 ? 3  DT C "C2'" 1 
ATOM 573 C "C1'" . DT C 3 3  ? -15.386 14.814  -21.654 1.00 140.99 ? 3  DT C "C1'" 1 
ATOM 574 N N1    . DT C 3 3  ? -15.607 15.836  -20.526 1.00 137.51 ? 3  DT C N1    1 
ATOM 575 C C2    . DT C 3 3  ? -14.620 16.781  -20.244 1.00 132.57 ? 3  DT C C2    1 
ATOM 576 O O2    . DT C 3 3  ? -13.562 16.860  -20.857 1.00 130.51 ? 3  DT C O2    1 
ATOM 577 N N3    . DT C 3 3  ? -14.933 17.644  -19.205 1.00 131.35 ? 3  DT C N3    1 
ATOM 578 C C4    . DT C 3 3  ? -16.090 17.662  -18.437 1.00 132.90 ? 3  DT C C4    1 
ATOM 579 O O4    . DT C 3 3  ? -16.275 18.482  -17.526 1.00 128.84 ? 3  DT C O4    1 
ATOM 580 C C5    . DT C 3 3  ? -17.070 16.648  -18.780 1.00 135.48 ? 3  DT C C5    1 
ATOM 581 C C7    . DT C 3 3  ? -18.358 16.565  -18.021 1.00 133.88 ? 3  DT C C7    1 
ATOM 582 C C6    . DT C 3 3  ? -16.784 15.795  -19.790 1.00 136.76 ? 3  DT C C6    1 
ATOM 583 P P     . DG C 3 4  ? -14.348 11.193  -24.155 1.00 153.14 ? 4  DG C P     1 
ATOM 584 O OP1   . DG C 3 4  ? -14.940 11.528  -25.474 1.00 154.80 ? 4  DG C OP1   1 
ATOM 585 O OP2   . DG C 3 4  ? -14.775 9.956   -23.458 1.00 148.85 ? 4  DG C OP2   1 
ATOM 586 O "O5'" . DG C 3 4  ? -12.759 11.173  -24.320 1.00 142.36 ? 4  DG C "O5'" 1 
ATOM 587 C "C5'" . DG C 3 4  ? -12.071 12.399  -24.559 1.00 143.19 ? 4  DG C "C5'" 1 
ATOM 588 C "C4'" . DG C 3 4  ? -11.024 12.672  -23.482 1.00 145.16 ? 4  DG C "C4'" 1 
ATOM 589 O "O4'" . DG C 3 4  ? -11.604 13.376  -22.349 1.00 144.05 ? 4  DG C "O4'" 1 
ATOM 590 C "C3'" . DG C 3 4  ? -10.318 11.451  -22.890 1.00 140.43 ? 4  DG C "C3'" 1 
ATOM 591 O "O3'" . DG C 3 4  ? -8.980  11.781  -22.741 1.00 138.25 ? 4  DG C "O3'" 1 
ATOM 592 C "C2'" . DG C 3 4  ? -10.982 11.301  -21.518 1.00 134.80 ? 4  DG C "C2'" 1 
ATOM 593 C "C1'" . DG C 3 4  ? -11.153 12.763  -21.150 1.00 134.64 ? 4  DG C "C1'" 1 
ATOM 594 N N9    . DG C 3 4  ? -12.148 13.026  -20.110 1.00 130.27 ? 4  DG C N9    1 
ATOM 595 C C8    . DG C 3 4  ? -13.311 12.327  -19.868 1.00 131.11 ? 4  DG C C8    1 
ATOM 596 N N7    . DG C 3 4  ? -14.027 12.818  -18.888 1.00 126.38 ? 4  DG C N7    1 
ATOM 597 C C5    . DG C 3 4  ? -13.296 13.921  -18.453 1.00 124.66 ? 4  DG C C5    1 
ATOM 598 C C6    . DG C 3 4  ? -13.570 14.850  -17.413 1.00 120.20 ? 4  DG C C6    1 
ATOM 599 O O6    . DG C 3 4  ? -14.557 14.883  -16.644 1.00 113.33 ? 4  DG C O6    1 
ATOM 600 N N1    . DG C 3 4  ? -12.555 15.818  -17.307 1.00 118.04 ? 4  DG C N1    1 
ATOM 601 C C2    . DG C 3 4  ? -11.422 15.878  -18.108 1.00 118.26 ? 4  DG C C2    1 
ATOM 602 N N2    . DG C 3 4  ? -10.560 16.885  -17.855 1.00 113.75 ? 4  DG C N2    1 
ATOM 603 N N3    . DG C 3 4  ? -11.155 15.011  -19.086 1.00 120.31 ? 4  DG C N3    1 
ATOM 604 C C4    . DG C 3 4  ? -12.132 14.064  -19.200 1.00 125.30 ? 4  DG C C4    1 
ATOM 605 P P     . DA C 3 5  ? -7.836  10.680  -22.914 1.00 148.01 ? 5  DA C P     1 
ATOM 606 O OP1   . DA C 3 5  ? -7.483  10.633  -24.358 1.00 146.92 ? 5  DA C OP1   1 
ATOM 607 O OP2   . DA C 3 5  ? -8.292  9.458   -22.197 1.00 147.12 ? 5  DA C OP2   1 
ATOM 608 O "O5'" . DA C 3 5  ? -6.608  11.336  -22.119 1.00 144.23 ? 5  DA C "O5'" 1 
ATOM 609 C "C5'" . DA C 3 5  ? -6.296  12.718  -22.337 1.00 139.22 ? 5  DA C "C5'" 1 
ATOM 610 C "C4'" . DA C 3 5  ? -5.808  13.397  -21.062 1.00 137.63 ? 5  DA C "C4'" 1 
ATOM 611 O "O4'" . DA C 3 5  ? -6.905  13.589  -20.124 1.00 134.81 ? 5  DA C "O4'" 1 
ATOM 612 C "C3'" . DA C 3 5  ? -4.731  12.659  -20.280 1.00 136.15 ? 5  DA C "C3'" 1 
ATOM 613 O "O3'" . DA C 3 5  ? -3.862  13.634  -19.720 1.00 136.60 ? 5  DA C "O3'" 1 
ATOM 614 C "C2'" . DA C 3 5  ? -5.547  11.925  -19.203 1.00 127.68 ? 5  DA C "C2'" 1 
ATOM 615 C "C1'" . DA C 3 5  ? -6.575  12.991  -18.877 1.00 126.28 ? 5  DA C "C1'" 1 
ATOM 616 N N9    . DA C 3 5  ? -7.821  12.515  -18.292 1.00 122.41 ? 5  DA C N9    1 
ATOM 617 C C8    . DA C 3 5  ? -8.580  11.451  -18.701 1.00 124.25 ? 5  DA C C8    1 
ATOM 618 N N7    . DA C 3 5  ? -9.695  11.299  -18.014 1.00 119.24 ? 5  DA C N7    1 
ATOM 619 C C5    . DA C 3 5  ? -9.672  12.350  -17.101 1.00 115.25 ? 5  DA C C5    1 
ATOM 620 C C6    . DA C 3 5  ? -10.571 12.765  -16.078 1.00 109.85 ? 5  DA C C6    1 
ATOM 621 N N6    . DA C 3 5  ? -11.727 12.134  -15.791 1.00 106.03 ? 5  DA C N6    1 
ATOM 622 N N1    . DA C 3 5  ? -10.226 13.864  -15.359 1.00 107.24 ? 5  DA C N1    1 
ATOM 623 C C2    . DA C 3 5  ? -9.073  14.499  -15.645 1.00 106.75 ? 5  DA C C2    1 
ATOM 624 N N3    . DA C 3 5  ? -8.164  14.207  -16.574 1.00 110.94 ? 5  DA C N3    1 
ATOM 625 C C4    . DA C 3 5  ? -8.525  13.113  -17.273 1.00 116.09 ? 5  DA C C4    1 
ATOM 626 P P     . DG C 3 6  ? -2.398  13.239  -19.180 1.00 142.39 ? 6  DG C P     1 
ATOM 627 O OP1   . DG C 3 6  ? -1.378  14.048  -19.896 1.00 142.42 ? 6  DG C OP1   1 
ATOM 628 O OP2   . DG C 3 6  ? -2.301  11.760  -19.156 1.00 139.30 ? 6  DG C OP2   1 
ATOM 629 O "O5'" . DG C 3 6  ? -2.448  13.728  -17.673 1.00 133.18 ? 6  DG C "O5'" 1 
ATOM 630 C "C5'" . DG C 3 6  ? -3.700  13.823  -17.039 1.00 127.76 ? 6  DG C "C5'" 1 
ATOM 631 C "C4'" . DG C 3 6  ? -3.585  14.649  -15.801 1.00 122.98 ? 6  DG C "C4'" 1 
ATOM 632 O "O4'" . DG C 3 6  ? -4.874  14.703  -15.158 1.00 114.46 ? 6  DG C "O4'" 1 
ATOM 633 C "C3'" . DG C 3 6  ? -2.631  14.076  -14.777 1.00 120.30 ? 6  DG C "C3'" 1 
ATOM 634 O "O3'" . DG C 3 6  ? -2.080  15.118  -13.998 1.00 122.99 ? 6  DG C "O3'" 1 
ATOM 635 C "C2'" . DG C 3 6  ? -3.531  13.160  -13.960 1.00 112.14 ? 6  DG C "C2'" 1 
ATOM 636 C "C1'" . DG C 3 6  ? -4.883  13.868  -14.028 1.00 107.94 ? 6  DG C "C1'" 1 
ATOM 637 N N9    . DG C 3 6  ? -5.993  12.943  -14.149 1.00 105.41 ? 6  DG C N9    1 
ATOM 638 C C8    . DG C 3 6  ? -6.102  11.878  -15.020 1.00 108.28 ? 6  DG C C8    1 
ATOM 639 N N7    . DG C 3 6  ? -7.214  11.197  -14.875 1.00 104.58 ? 6  DG C N7    1 
ATOM 640 C C5    . DG C 3 6  ? -7.880  11.855  -13.844 1.00 101.41 ? 6  DG C C5    1 
ATOM 641 C C6    . DG C 3 6  ? -9.149  11.587  -13.235 1.00 101.33 ? 6  DG C C6    1 
ATOM 642 O O6    . DG C 3 6  ? -9.973  10.680  -13.502 1.00 94.94  ? 6  DG C O6    1 
ATOM 643 N N1    . DG C 3 6  ? -9.431  12.516  -12.223 1.00 99.36  ? 6  DG C N1    1 
ATOM 644 C C2    . DG C 3 6  ? -8.599  13.564  -11.842 1.00 101.07 ? 6  DG C C2    1 
ATOM 645 N N2    . DG C 3 6  ? -9.039  14.353  -10.845 1.00 99.61  ? 6  DG C N2    1 
ATOM 646 N N3    . DG C 3 6  ? -7.415  13.818  -12.402 1.00 98.41  ? 6  DG C N3    1 
ATOM 647 C C4    . DG C 3 6  ? -7.127  12.931  -13.387 1.00 101.02 ? 6  DG C C4    1 
ATOM 648 P P     . DT C 3 7  ? -1.015  14.779  -12.845 1.00 121.15 ? 7  DT C P     1 
ATOM 649 O OP1   . DT C 3 7  ? -0.155  15.987  -12.671 1.00 113.78 ? 7  DT C OP1   1 
ATOM 650 O OP2   . DT C 3 7  ? -0.359  13.521  -13.274 1.00 121.32 ? 7  DT C OP2   1 
ATOM 651 O "O5'" . DT C 3 7  ? -1.948  14.525  -11.533 1.00 113.43 ? 7  DT C "O5'" 1 
ATOM 652 C "C5'" . DT C 3 7  ? -3.078  15.410  -11.298 1.00 111.32 ? 7  DT C "C5'" 1 
ATOM 653 C "C4'" . DT C 3 7  ? -3.743  15.224  -9.927  1.00 111.48 ? 7  DT C "C4'" 1 
ATOM 654 O "O4'" . DT C 3 7  ? -4.980  14.448  -10.041 1.00 110.75 ? 7  DT C "O4'" 1 
ATOM 655 C "C3'" . DT C 3 7  ? -2.935  14.553  -8.826  1.00 107.38 ? 7  DT C "C3'" 1 
ATOM 656 O "O3'" . DT C 3 7  ? -3.252  15.203  -7.588  1.00 110.87 ? 7  DT C "O3'" 1 
ATOM 657 C "C2'" . DT C 3 7  ? -3.486  13.127  -8.844  1.00 105.26 ? 7  DT C "C2'" 1 
ATOM 658 C "C1'" . DT C 3 7  ? -4.963  13.381  -9.113  1.00 99.29  ? 7  DT C "C1'" 1 
ATOM 659 N N1    . DT C 3 7  ? -5.631  12.236  -9.761  1.00 95.83  ? 7  DT C N1    1 
ATOM 660 C C2    . DT C 3 7  ? -6.890  11.811  -9.333  1.00 97.44  ? 7  DT C C2    1 
ATOM 661 O O2    . DT C 3 7  ? -7.510  12.326  -8.401  1.00 93.95  ? 7  DT C O2    1 
ATOM 662 N N3    . DT C 3 7  ? -7.395  10.734  -10.047 1.00 96.98  ? 7  DT C N3    1 
ATOM 663 C C4    . DT C 3 7  ? -6.800  10.075  -11.113 1.00 99.02  ? 7  DT C C4    1 
ATOM 664 O O4    . DT C 3 7  ? -7.336  9.119   -11.688 1.00 97.41  ? 7  DT C O4    1 
ATOM 665 C C5    . DT C 3 7  ? -5.496  10.581  -11.497 1.00 97.84  ? 7  DT C C5    1 
ATOM 666 C C7    . DT C 3 7  ? -4.751  9.946   -12.631 1.00 100.39 ? 7  DT C C7    1 
ATOM 667 C C6    . DT C 3 7  ? -4.989  11.619  -10.814 1.00 97.34  ? 7  DT C C6    1 
ATOM 668 P P     . DG C 3 8  ? -2.287  15.090  -6.307  1.00 118.56 ? 8  DG C P     1 
ATOM 669 O OP1   . DG C 3 8  ? -1.644  16.428  -6.130  1.00 107.33 ? 8  DG C OP1   1 
ATOM 670 O OP2   . DG C 3 8  ? -1.427  13.882  -6.492  1.00 115.16 ? 8  DG C OP2   1 
ATOM 671 O "O5'" . DG C 3 8  ? -3.307  14.775  -5.085  1.00 107.98 ? 8  DG C "O5'" 1 
ATOM 672 C "C5'" . DG C 3 8  ? -4.127  15.818  -4.533  1.00 105.83 ? 8  DG C "C5'" 1 
ATOM 673 C "C4'" . DG C 3 8  ? -5.267  15.253  -3.683  1.00 108.06 ? 8  DG C "C4'" 1 
ATOM 674 O "O4'" . DG C 3 8  ? -5.912  14.148  -4.370  1.00 109.62 ? 8  DG C "O4'" 1 
ATOM 675 C "C3'" . DG C 3 8  ? -4.906  14.677  -2.321  1.00 101.50 ? 8  DG C "C3'" 1 
ATOM 676 O "O3'" . DG C 3 8  ? -6.089  14.699  -1.532  1.00 109.62 ? 8  DG C "O3'" 1 
ATOM 677 C "C2'" . DG C 3 8  ? -4.521  13.240  -2.688  1.00 98.82  ? 8  DG C "C2'" 1 
ATOM 678 C "C1'" . DG C 3 8  ? -5.601  12.910  -3.717  1.00 98.19  ? 8  DG C "C1'" 1 
ATOM 679 N N9    . DG C 3 8  ? -5.204  11.983  -4.776  1.00 92.95  ? 8  DG C N9    1 
ATOM 680 C C8    . DG C 3 8  ? -4.049  12.031  -5.531  1.00 91.53  ? 8  DG C C8    1 
ATOM 681 N N7    . DG C 3 8  ? -3.995  11.114  -6.457  1.00 90.52  ? 8  DG C N7    1 
ATOM 682 C C5    . DG C 3 8  ? -5.207  10.427  -6.332  1.00 88.18  ? 8  DG C C5    1 
ATOM 683 C C6    . DG C 3 8  ? -5.720  9.321   -7.077  1.00 87.73  ? 8  DG C C6    1 
ATOM 684 O O6    . DG C 3 8  ? -5.180  8.714   -8.023  1.00 87.00  ? 8  DG C O6    1 
ATOM 685 N N1    . DG C 3 8  ? -6.987  8.929   -6.626  1.00 85.25  ? 8  DG C N1    1 
ATOM 686 C C2    . DG C 3 8  ? -7.673  9.530   -5.587  1.00 86.10  ? 8  DG C C2    1 
ATOM 687 N N2    . DG C 3 8  ? -8.885  9.010   -5.293  1.00 84.88  ? 8  DG C N2    1 
ATOM 688 N N3    . DG C 3 8  ? -7.200  10.574  -4.879  1.00 84.45  ? 8  DG C N3    1 
ATOM 689 C C4    . DG C 3 8  ? -5.969  10.961  -5.309  1.00 87.60  ? 8  DG C C4    1 
ATOM 690 P P     . DG C 3 9  ? -6.050  14.352  0.030   1.00 118.05 ? 9  DG C P     1 
ATOM 691 O OP1   . DG C 3 9  ? -7.215  14.991  0.718   1.00 113.60 ? 9  DG C OP1   1 
ATOM 692 O OP2   . DG C 3 9  ? -4.666  14.735  0.403   1.00 108.18 ? 9  DG C OP2   1 
ATOM 693 O "O5'" . DG C 3 9  ? -6.297  12.752  0.088   1.00 111.24 ? 9  DG C "O5'" 1 
ATOM 694 C "C5'" . DG C 3 9  ? -7.627  12.204  -0.216  1.00 110.44 ? 9  DG C "C5'" 1 
ATOM 695 C "C4'" . DG C 3 9  ? -7.696  10.677  -0.034  1.00 106.07 ? 9  DG C "C4'" 1 
ATOM 696 O "O4'" . DG C 3 9  ? -7.248  9.981   -1.247  1.00 102.70 ? 9  DG C "O4'" 1 
ATOM 697 C "C3'" . DG C 3 9  ? -6.824  10.112  1.077   1.00 103.99 ? 9  DG C "C3'" 1 
ATOM 698 O "O3'" . DG C 3 9  ? -7.439  8.939   1.599   1.00 104.35 ? 9  DG C "O3'" 1 
ATOM 699 C "C2'" . DG C 3 9  ? -5.557  9.770   0.314   1.00 96.46  ? 9  DG C "C2'" 1 
ATOM 700 C "C1'" . DG C 3 9  ? -6.191  9.117   -0.887  1.00 90.12  ? 9  DG C "C1'" 1 
ATOM 701 N N9    . DG C 3 9  ? -5.283  8.910   -1.998  1.00 83.23  ? 9  DG C N9    1 
ATOM 702 C C8    . DG C 3 9  ? -4.065  9.509   -2.205  1.00 87.95  ? 9  DG C C8    1 
ATOM 703 N N7    . DG C 3 9  ? -3.445  9.081   -3.280  1.00 86.04  ? 9  DG C N7    1 
ATOM 704 C C5    . DG C 3 9  ? -4.310  8.125   -3.804  1.00 84.08  ? 9  DG C C5    1 
ATOM 705 C C6    . DG C 3 9  ? -4.191  7.308   -4.969  1.00 85.08  ? 9  DG C C6    1 
ATOM 706 O O6    . DG C 3 9  ? -3.262  7.270   -5.808  1.00 85.66  ? 9  DG C O6    1 
ATOM 707 N N1    . DG C 3 9  ? -5.305  6.473   -5.120  1.00 81.32  ? 9  DG C N1    1 
ATOM 708 C C2    . DG C 3 9  ? -6.390  6.436   -4.245  1.00 84.99  ? 9  DG C C2    1 
ATOM 709 N N2    . DG C 3 9  ? -7.386  5.577   -4.532  1.00 84.80  ? 9  DG C N2    1 
ATOM 710 N N3    . DG C 3 9  ? -6.501  7.194   -3.162  1.00 82.15  ? 9  DG C N3    1 
ATOM 711 C C4    . DG C 3 9  ? -5.437  8.006   -3.010  1.00 83.82  ? 9  DG C C4    1 
ATOM 712 P P     . DG D 4 1  ? 8.101   -14.462 0.482   1.00 133.27 ? 10 DG D P     1 
ATOM 713 O OP1   . DG D 4 1  ? 8.393   -15.827 -0.026  1.00 128.84 ? 10 DG D OP1   1 
ATOM 714 O OP2   . DG D 4 1  ? 6.718   -14.027 0.845   1.00 117.06 ? 10 DG D OP2   1 
ATOM 715 O "O5'" . DG D 4 1  ? 8.621   -13.404 -0.585  1.00 117.81 ? 10 DG D "O5'" 1 
ATOM 716 C "C5'" . DG D 4 1  ? 8.104   -12.129 -0.532  1.00 113.32 ? 10 DG D "C5'" 1 
ATOM 717 C "C4'" . DG D 4 1  ? 9.188   -11.089 -0.650  1.00 116.04 ? 10 DG D "C4'" 1 
ATOM 718 O "O4'" . DG D 4 1  ? 8.556   -9.812  -0.824  1.00 117.29 ? 10 DG D "O4'" 1 
ATOM 719 C "C3'" . DG D 4 1  ? 10.064  -10.948 0.586   1.00 117.72 ? 10 DG D "C3'" 1 
ATOM 720 O "O3'" . DG D 4 1  ? 11.317  -11.493 0.342   1.00 121.65 ? 10 DG D "O3'" 1 
ATOM 721 C "C2'" . DG D 4 1  ? 10.176  -9.449  0.798   1.00 114.87 ? 10 DG D "C2'" 1 
ATOM 722 C "C1'" . DG D 4 1  ? 8.864   -8.985  0.264   1.00 112.29 ? 10 DG D "C1'" 1 
ATOM 723 N N9    . DG D 4 1  ? 7.774   -9.002  1.232   1.00 106.21 ? 10 DG D N9    1 
ATOM 724 C C8    . DG D 4 1  ? 6.653   -9.801  1.246   1.00 105.96 ? 10 DG D C8    1 
ATOM 725 N N7    . DG D 4 1  ? 5.824   -9.507  2.215   1.00 107.09 ? 10 DG D N7    1 
ATOM 726 C C5    . DG D 4 1  ? 6.438   -8.447  2.872   1.00 105.21 ? 10 DG D C5    1 
ATOM 727 C C6    . DG D 4 1  ? 6.025   -7.702  4.004   1.00 105.71 ? 10 DG D C6    1 
ATOM 728 O O6    . DG D 4 1  ? 4.999   -7.829  4.672   1.00 108.19 ? 10 DG D O6    1 
ATOM 729 N N1    . DG D 4 1  ? 6.951   -6.709  4.336   1.00 106.18 ? 10 DG D N1    1 
ATOM 730 C C2    . DG D 4 1  ? 8.132   -6.471  3.646   1.00 111.56 ? 10 DG D C2    1 
ATOM 731 N N2    . DG D 4 1  ? 8.926   -5.474  4.093   1.00 114.51 ? 10 DG D N2    1 
ATOM 732 N N3    . DG D 4 1  ? 8.522   -7.168  2.589   1.00 109.67 ? 10 DG D N3    1 
ATOM 733 C C4    . DG D 4 1  ? 7.630   -8.134  2.266   1.00 106.68 ? 10 DG D C4    1 
ATOM 734 P P     . DG D 4 2  ? 12.104  -12.141 1.571   1.00 125.55 ? 11 DG D P     1 
ATOM 735 O OP1   . DG D 4 2  ? 13.440  -12.546 1.050   1.00 124.44 ? 11 DG D OP1   1 
ATOM 736 O OP2   . DG D 4 2  ? 11.131  -13.083 2.204   1.00 116.46 ? 11 DG D OP2   1 
ATOM 737 O "O5'" . DG D 4 2  ? 12.269  -10.941 2.618   1.00 116.56 ? 11 DG D "O5'" 1 
ATOM 738 C "C5'" . DG D 4 2  ? 13.323  -9.975  2.492   1.00 115.29 ? 11 DG D "C5'" 1 
ATOM 739 C "C4'" . DG D 4 2  ? 12.979  -8.830  3.398   1.00 116.02 ? 11 DG D "C4'" 1 
ATOM 740 O "O4'" . DG D 4 2  ? 11.543  -8.816  3.496   1.00 111.29 ? 11 DG D "O4'" 1 
ATOM 741 C "C3'" . DG D 4 2  ? 13.377  -9.004  4.852   1.00 120.47 ? 11 DG D "C3'" 1 
ATOM 742 O "O3'" . DG D 4 2  ? 14.731  -8.624  5.076   1.00 123.86 ? 11 DG D "O3'" 1 
ATOM 743 C "C2'" . DG D 4 2  ? 12.393  -8.065  5.569   1.00 115.87 ? 11 DG D "C2'" 1 
ATOM 744 C "C1'" . DG D 4 2  ? 11.184  -8.087  4.638   1.00 108.08 ? 11 DG D "C1'" 1 
ATOM 745 N N9    . DG D 4 2  ? 9.954   -8.633  5.190   1.00 107.31 ? 11 DG D N9    1 
ATOM 746 C C8    . DG D 4 2  ? 9.233   -9.719  4.732   1.00 109.01 ? 11 DG D C8    1 
ATOM 747 N N7    . DG D 4 2  ? 8.113   -9.926  5.398   1.00 104.63 ? 11 DG D N7    1 
ATOM 748 C C5    . DG D 4 2  ? 8.093   -8.899  6.338   1.00 106.32 ? 11 DG D C5    1 
ATOM 749 C C6    . DG D 4 2  ? 7.140   -8.595  7.345   1.00 107.56 ? 11 DG D C6    1 
ATOM 750 O O6    . DG D 4 2  ? 6.090   -9.192  7.612   1.00 107.13 ? 11 DG D O6    1 
ATOM 751 N N1    . DG D 4 2  ? 7.509   -7.461  8.080   1.00 109.89 ? 11 DG D N1    1 
ATOM 752 C C2    . DG D 4 2  ? 8.656   -6.714  7.865   1.00 113.28 ? 11 DG D C2    1 
ATOM 753 N N2    . DG D 4 2  ? 8.854   -5.657  8.672   1.00 116.38 ? 11 DG D N2    1 
ATOM 754 N N3    . DG D 4 2  ? 9.560   -6.991  6.926   1.00 110.82 ? 11 DG D N3    1 
ATOM 755 C C4    . DG D 4 2  ? 9.216   -8.089  6.208   1.00 109.73 ? 11 DG D C4    1 
ATOM 756 P P     . DT D 4 3  ? 15.322  -8.744  6.574   1.00 127.64 ? 12 DT D P     1 
ATOM 757 O OP1   . DT D 4 3  ? 16.794  -8.951  6.479   1.00 128.33 ? 12 DT D OP1   1 
ATOM 758 O OP2   . DT D 4 3  ? 14.419  -9.649  7.328   1.00 111.85 ? 12 DT D OP2   1 
ATOM 759 O "O5'" . DT D 4 3  ? 15.068  -7.296  7.182   1.00 123.49 ? 12 DT D "O5'" 1 
ATOM 760 C "C5'" . DT D 4 3  ? 15.982  -6.739  8.099   1.00 125.01 ? 12 DT D "C5'" 1 
ATOM 761 C "C4'" . DT D 4 3  ? 15.214  -5.976  9.136   1.00 125.41 ? 12 DT D "C4'" 1 
ATOM 762 O "O4'" . DT D 4 3  ? 13.793  -6.224  8.940   1.00 117.80 ? 12 DT D "O4'" 1 
ATOM 763 C "C3'" . DT D 4 3  ? 15.507  -6.392  10.563  1.00 129.98 ? 12 DT D "C3'" 1 
ATOM 764 O "O3'" . DT D 4 3  ? 15.428  -5.271  11.380  1.00 136.61 ? 12 DT D "O3'" 1 
ATOM 765 C "C2'" . DT D 4 3  ? 14.368  -7.351  10.863  1.00 125.87 ? 12 DT D "C2'" 1 
ATOM 766 C "C1'" . DT D 4 3  ? 13.236  -6.641  10.156  1.00 120.69 ? 12 DT D "C1'" 1 
ATOM 767 N N1    . DT D 4 3  ? 12.134  -7.527  9.879   1.00 114.97 ? 12 DT D N1    1 
ATOM 768 C C2    . DT D 4 3  ? 10.950  -7.371  10.560  1.00 114.68 ? 12 DT D C2    1 
ATOM 769 O O2    . DT D 4 3  ? 10.761  -6.482  11.374  1.00 114.81 ? 12 DT D O2    1 
ATOM 770 N N3    . DT D 4 3  ? 9.982   -8.295  10.239  1.00 113.39 ? 12 DT D N3    1 
ATOM 771 C C4    . DT D 4 3  ? 10.094  -9.337  9.335   1.00 111.55 ? 12 DT D C4    1 
ATOM 772 O O4    . DT D 4 3  ? 9.183   -10.122 9.104   1.00 112.07 ? 12 DT D O4    1 
ATOM 773 C C5    . DT D 4 3  ? 11.361  -9.443  8.672   1.00 111.57 ? 12 DT D C5    1 
ATOM 774 C C7    . DT D 4 3  ? 11.578  -10.545 7.680   1.00 111.40 ? 12 DT D C7    1 
ATOM 775 C C6    . DT D 4 3  ? 12.315  -8.546  8.977   1.00 113.34 ? 12 DT D C6    1 
ATOM 776 P P     . DC D 4 4  ? 16.051  -5.320  12.853  1.00 150.49 ? 13 DC D P     1 
ATOM 777 O OP1   . DC D 4 4  ? 17.140  -4.303  12.849  1.00 146.28 ? 13 DC D OP1   1 
ATOM 778 O OP2   . DC D 4 4  ? 16.334  -6.744  13.185  1.00 145.18 ? 13 DC D OP2   1 
ATOM 779 O "O5'" . DC D 4 4  ? 14.831  -4.879  13.790  1.00 137.31 ? 13 DC D "O5'" 1 
ATOM 780 C "C5'" . DC D 4 4  ? 13.546  -5.377  13.526  1.00 131.87 ? 13 DC D "C5'" 1 
ATOM 781 C "C4'" . DC D 4 4  ? 12.687  -5.212  14.739  1.00 138.24 ? 13 DC D "C4'" 1 
ATOM 782 O "O4'" . DC D 4 4  ? 11.493  -6.024  14.598  1.00 135.39 ? 13 DC D "O4'" 1 
ATOM 783 C "C3'" . DC D 4 4  ? 13.343  -5.698  16.013  1.00 145.12 ? 13 DC D "C3'" 1 
ATOM 784 O "O3'" . DC D 4 4  ? 12.707  -5.067  17.145  1.00 154.38 ? 13 DC D "O3'" 1 
ATOM 785 C "C2'" . DC D 4 4  ? 13.044  -7.194  15.944  1.00 143.74 ? 13 DC D "C2'" 1 
ATOM 786 C "C1'" . DC D 4 4  ? 11.606  -7.182  15.416  1.00 137.52 ? 13 DC D "C1'" 1 
ATOM 787 N N1    . DC D 4 4  ? 11.234  -8.381  14.588  1.00 129.81 ? 13 DC D N1    1 
ATOM 788 C C2    . DC D 4 4  ? 9.981   -9.004  14.790  1.00 127.89 ? 13 DC D C2    1 
ATOM 789 O O2    . DC D 4 4  ? 9.213   -8.560  15.663  1.00 129.37 ? 13 DC D O2    1 
ATOM 790 N N3    . DC D 4 4  ? 9.648   -10.079 14.025  1.00 124.82 ? 13 DC D N3    1 
ATOM 791 C C4    . DC D 4 4  ? 10.501  -10.530 13.094  1.00 124.80 ? 13 DC D C4    1 
ATOM 792 N N4    . DC D 4 4  ? 10.119  -11.596 12.366  1.00 124.56 ? 13 DC D N4    1 
ATOM 793 C C5    . DC D 4 4  ? 11.788  -9.908  12.867  1.00 122.04 ? 13 DC D C5    1 
ATOM 794 C C6    . DC D 4 4  ? 12.105  -8.846  13.626  1.00 126.17 ? 13 DC D C6    1 
ATOM 795 P P     . DT D 4 5  ? 13.230  -5.334  18.646  1.00 160.06 ? 14 DT D P     1 
ATOM 796 O OP1   . DT D 4 5  ? 12.871  -4.149  19.466  1.00 157.45 ? 14 DT D OP1   1 
ATOM 797 O OP2   . DT D 4 5  ? 14.653  -5.757  18.522  1.00 155.15 ? 14 DT D OP2   1 
ATOM 798 O "O5'" . DT D 4 5  ? 12.315  -6.553  19.170  1.00 148.14 ? 14 DT D "O5'" 1 
ATOM 799 C "C5'" . DT D 4 5  ? 10.896  -6.366  19.333  1.00 147.37 ? 14 DT D "C5'" 1 
ATOM 800 C "C4'" . DT D 4 5  ? 10.228  -7.613  19.915  1.00 150.76 ? 14 DT D "C4'" 1 
ATOM 801 O "O4'" . DT D 4 5  ? 10.039  -8.615  18.874  1.00 146.87 ? 14 DT D "O4'" 1 
ATOM 802 C "C3'" . DT D 4 5  ? 11.001  -8.323  21.045  1.00 152.07 ? 14 DT D "C3'" 1 
ATOM 803 O "O3'" . DT D 4 5  ? 10.083  -8.704  22.120  1.00 154.15 ? 14 DT D "O3'" 1 
ATOM 804 C "C2'" . DT D 4 5  ? 11.590  -9.546  20.332  1.00 146.18 ? 14 DT D "C2'" 1 
ATOM 805 C "C1'" . DT D 4 5  ? 10.446  -9.868  19.384  1.00 143.66 ? 14 DT D "C1'" 1 
ATOM 806 N N1    . DT D 4 5  ? 10.796  -10.776 18.240  1.00 137.47 ? 14 DT D N1    1 
ATOM 807 C C2    . DT D 4 5  ? 9.840   -11.665 17.793  1.00 134.52 ? 14 DT D C2    1 
ATOM 808 O O2    . DT D 4 5  ? 8.720   -11.754 18.286  1.00 134.13 ? 14 DT D O2    1 
ATOM 809 N N3    . DT D 4 5  ? 10.235  -12.452 16.741  1.00 129.55 ? 14 DT D N3    1 
ATOM 810 C C4    . DT D 4 5  ? 11.466  -12.442 16.106  1.00 129.13 ? 14 DT D C4    1 
ATOM 811 O O4    . DT D 4 5  ? 11.722  -13.195 15.168  1.00 126.60 ? 14 DT D O4    1 
ATOM 812 C C5    . DT D 4 5  ? 12.426  -11.486 16.627  1.00 131.11 ? 14 DT D C5    1 
ATOM 813 C C7    . DT D 4 5  ? 13.795  -11.382 16.015  1.00 128.56 ? 14 DT D C7    1 
ATOM 814 C C6    . DT D 4 5  ? 12.048  -10.707 17.658  1.00 133.75 ? 14 DT D C6    1 
ATOM 815 P P     . DG D 4 6  ? 9.864   -7.721  23.386  1.00 160.85 ? 15 DG D P     1 
ATOM 816 O OP1   . DG D 4 6  ? 8.838   -6.712  23.002  1.00 156.12 ? 15 DG D OP1   1 
ATOM 817 O OP2   . DG D 4 6  ? 11.218  -7.289  23.821  1.00 158.83 ? 15 DG D OP2   1 
ATOM 818 O "O5'" . DG D 4 6  ? 9.277   -8.659  24.550  1.00 153.70 ? 15 DG D "O5'" 1 
ATOM 819 C "C5'" . DG D 4 6  ? 7.890   -8.972  24.580  1.00 154.69 ? 15 DG D "C5'" 1 
ATOM 820 C "C4'" . DG D 4 6  ? 7.691   -10.466 24.437  1.00 155.52 ? 15 DG D "C4'" 1 
ATOM 821 O "O4'" . DG D 4 6  ? 8.286   -10.906 23.202  1.00 153.38 ? 15 DG D "O4'" 1 
ATOM 822 C "C3'" . DG D 4 6  ? 8.369   -11.304 25.521  1.00 154.14 ? 15 DG D "C3'" 1 
ATOM 823 O "O3'" . DG D 4 6  ? 7.439   -11.667 26.596  1.00 156.31 ? 15 DG D "O3'" 1 
ATOM 824 C "C2'" . DG D 4 6  ? 8.940   -12.529 24.777  1.00 149.09 ? 15 DG D "C2'" 1 
ATOM 825 C "C1'" . DG D 4 6  ? 8.568   -12.276 23.313  1.00 149.61 ? 15 DG D "C1'" 1 
ATOM 826 N N9    . DG D 4 6  ? 9.636   -12.621 22.372  1.00 144.88 ? 15 DG D N9    1 
ATOM 827 C C8    . DG D 4 6  ? 10.909  -12.101 22.330  1.00 144.86 ? 15 DG D C8    1 
ATOM 828 N N7    . DG D 4 6  ? 11.653  -12.612 21.380  1.00 142.77 ? 15 DG D N7    1 
ATOM 829 C C5    . DG D 4 6  ? 10.821  -13.535 20.756  1.00 140.24 ? 15 DG D C5    1 
ATOM 830 C C6    . DG D 4 6  ? 11.075  -14.400 19.658  1.00 135.13 ? 15 DG D C6    1 
ATOM 831 O O6    . DG D 4 6  ? 12.126  -14.518 18.998  1.00 134.71 ? 15 DG D O6    1 
ATOM 832 N N1    . DG D 4 6  ? 9.956   -15.178 19.345  1.00 132.36 ? 15 DG D N1    1 
ATOM 833 C C2    . DG D 4 6  ? 8.740   -15.127 20.015  1.00 136.20 ? 15 DG D C2    1 
ATOM 834 N N2    . DG D 4 6  ? 7.769   -15.951 19.578  1.00 131.37 ? 15 DG D N2    1 
ATOM 835 N N3    . DG D 4 6  ? 8.494   -14.321 21.046  1.00 140.35 ? 15 DG D N3    1 
ATOM 836 C C4    . DG D 4 6  ? 9.574   -13.555 21.358  1.00 142.29 ? 15 DG D C4    1 
ATOM 837 P P     . DC D 4 7  ? 6.006   -12.365 26.321  1.00 165.68 ? 16 DC D P     1 
ATOM 838 O OP1   . DC D 4 7  ? 5.159   -11.491 25.470  1.00 163.50 ? 16 DC D OP1   1 
ATOM 839 O OP2   . DC D 4 7  ? 5.496   -12.822 27.636  1.00 161.45 ? 16 DC D OP2   1 
ATOM 840 O "O5'" . DC D 4 7  ? 6.346   -13.704 25.524  1.00 157.23 ? 16 DC D "O5'" 1 
ATOM 841 C "C5'" . DC D 4 7  ? 6.119   -14.969 26.118  1.00 150.96 ? 16 DC D "C5'" 1 
ATOM 842 C "C4'" . DC D 4 7  ? 6.280   -16.049 25.072  1.00 148.03 ? 16 DC D "C4'" 1 
ATOM 843 O "O4'" . DC D 4 7  ? 7.395   -15.728 24.215  1.00 144.78 ? 16 DC D "O4'" 1 
ATOM 844 C "C3'" . DC D 4 7  ? 6.583   -17.428 25.625  1.00 145.16 ? 16 DC D "C3'" 1 
ATOM 845 O "O3'" . DC D 4 7  ? 5.405   -18.214 25.593  1.00 146.47 ? 16 DC D "O3'" 1 
ATOM 846 C "C2'" . DC D 4 7  ? 7.686   -17.990 24.694  1.00 143.80 ? 16 DC D "C2'" 1 
ATOM 847 C "C1'" . DC D 4 7  ? 7.851   -16.913 23.625  1.00 142.28 ? 16 DC D "C1'" 1 
ATOM 848 N N1    . DC D 4 7  ? 9.268   -16.694 23.187  1.00 141.81 ? 16 DC D N1    1 
ATOM 849 C C2    . DC D 4 7  ? 9.840   -17.489 22.169  1.00 138.99 ? 16 DC D C2    1 
ATOM 850 O O2    . DC D 4 7  ? 9.161   -18.384 21.642  1.00 136.11 ? 16 DC D O2    1 
ATOM 851 N N3    . DC D 4 7  ? 11.138  -17.250 21.795  1.00 137.21 ? 16 DC D N3    1 
ATOM 852 C C4    . DC D 4 7  ? 11.840  -16.270 22.383  1.00 139.12 ? 16 DC D C4    1 
ATOM 853 N N4    . DC D 4 7  ? 13.109  -16.065 21.985  1.00 139.30 ? 16 DC D N4    1 
ATOM 854 C C5    . DC D 4 7  ? 11.273  -15.459 23.412  1.00 142.68 ? 16 DC D C5    1 
ATOM 855 C C6    . DC D 4 7  ? 10.000  -15.701 23.775  1.00 143.86 ? 16 DC D C6    1 
# 
loop_
_pdbx_poly_seq_scheme.asym_id 
_pdbx_poly_seq_scheme.entity_id 
_pdbx_poly_seq_scheme.seq_id 
_pdbx_poly_seq_scheme.mon_id 
_pdbx_poly_seq_scheme.ndb_seq_num 
_pdbx_poly_seq_scheme.pdb_seq_num 
_pdbx_poly_seq_scheme.auth_seq_num 
_pdbx_poly_seq_scheme.pdb_mon_id 
_pdbx_poly_seq_scheme.auth_mon_id 
_pdbx_poly_seq_scheme.pdb_strand_id 
_pdbx_poly_seq_scheme.pdb_ins_code 
_pdbx_poly_seq_scheme.hetero 
A 1 1  DG 1  1  1  DG DG A . n 
A 1 2  DA 2  2  2  DA DA A . n 
A 1 3  DG 3  3  3  DG DG A . n 
A 1 4  DC 4  4  4  DC DC A . n 
A 1 5  DA 5  5  5  DA DA A . n 
A 1 6  DG 6  6  6  DG DG A . n 
A 1 7  DA 7  7  7  DA DA A . n 
A 1 8  DC 8  8  8  DC DC A . n 
A 1 9  DC 9  9  9  DC DC A . n 
A 1 10 DT 10 10 10 DT DT A . n 
A 1 11 DG 11 11 11 DG DG A . n 
A 1 12 DA 12 12 12 DA DA A . n 
A 1 13 DC 13 13 13 DC DC A . n 
A 1 14 DG 14 14 14 DG DG A . n 
A 1 15 DC 15 15 15 DC DC A . n 
A 1 16 DC 16 16 16 DC DC A . n 
A 1 17 DA 17 17 17 DA DA A . n 
A 1 18 DC 18 18 18 DC DC A . n 
A 1 19 DT 19 19 19 DT DT A . n 
A 1 20 DC 20 20 20 DC DC A . n 
A 1 21 DA 21 21 21 DA DA A . n 
B 2 1  DC 1  1  1  DC DC B . n 
B 2 2  DG 2  2  2  DG DG B . n 
B 2 3  DT 3  3  3  DT DT B . n 
B 2 4  DC 4  4  4  DC DC B . n 
B 2 5  DA 5  5  5  DA DA B . n 
C 3 1  DT 1  1  1  DT DT C . n 
C 3 2  DC 2  2  2  DC DC C . n 
C 3 3  DT 3  3  3  DT DT C . n 
C 3 4  DG 4  4  4  DG DG C . n 
C 3 5  DA 5  5  5  DA DA C . n 
C 3 6  DG 6  6  6  DG DG C . n 
C 3 7  DT 7  7  7  DT DT C . n 
C 3 8  DG 8  8  8  DG DG C . n 
C 3 9  DG 9  9  9  DG DG C . n 
D 4 1  DG 1  10 10 DG DG D . n 
D 4 2  DG 2  11 11 DG DG D . n 
D 4 3  DT 3  12 12 DT DT D . n 
D 4 4  DC 4  13 13 DC DC D . n 
D 4 5  DT 5  14 14 DT DT D . n 
D 4 6  DG 6  15 15 DG DG D . n 
D 4 7  DC 7  16 16 DC DC D . n 
# 
_pdbx_struct_assembly.id                   1 
_pdbx_struct_assembly.details              author_defined_assembly 
_pdbx_struct_assembly.method_details       ? 
_pdbx_struct_assembly.oligomeric_details   tetrameric 
_pdbx_struct_assembly.oligomeric_count     4 
# 
_pdbx_struct_assembly_gen.assembly_id       1 
_pdbx_struct_assembly_gen.oper_expression   1 
_pdbx_struct_assembly_gen.asym_id_list      A,B,C,D 
# 
_pdbx_struct_oper_list.id                   1 
_pdbx_struct_oper_list.type                 'identity operation' 
_pdbx_struct_oper_list.name                 1_555 
_pdbx_struct_oper_list.symmetry_operation   x,y,z 
_pdbx_struct_oper_list.matrix[1][1]         1.0000000000 
_pdbx_struct_oper_list.matrix[1][2]         0.0000000000 
_pdbx_struct_oper_list.matrix[1][3]         0.0000000000 
_pdbx_struct_oper_list.vector[1]            0.0000000000 
_pdbx_struct_oper_list.matrix[2][1]         0.0000000000 
_pdbx_struct_oper_list.matrix[2][2]         1.0000000000 
_pdbx_struct_oper_list.matrix[2][3]         0.0000000000 
_pdbx_struct_oper_list.vector[2]            0.0000000000 
_pdbx_struct_oper_list.matrix[3][1]         0.0000000000 
_pdbx_struct_oper_list.matrix[3][2]         0.0000000000 
_pdbx_struct_oper_list.matrix[3][3]         1.0000000000 
_pdbx_struct_oper_list.vector[3]            0.0000000000 
# 
loop_
_pdbx_audit_revision_history.ordinal 
_pdbx_audit_revision_history.data_content_type 
_pdbx_audit_revision_history.major_revision 
_pdbx_audit_revision_history.minor_revision 
_pdbx_audit_revision_history.revision_date 
1 'Structure model' 1 0 2021-07-14 
2 'Structure model' 1 1 2022-07-06 
3 'Structure model' 1 2 2023-10-18 
# 
_pdbx_audit_revision_details.ordinal             1 
_pdbx_audit_revision_details.revision_ordinal    1 
_pdbx_audit_revision_details.data_content_type   'Structure model' 
_pdbx_audit_revision_details.provider            repository 
_pdbx_audit_revision_details.type                'Initial release' 
_pdbx_audit_revision_details.description         ? 
_pdbx_audit_revision_details.details             ? 
# 
loop_
_pdbx_audit_revision_group.ordinal 
_pdbx_audit_revision_group.revision_ordinal 
_pdbx_audit_revision_group.data_content_type 
_pdbx_audit_revision_group.group 
1 2 'Structure model' 'Database references'    
2 3 'Structure model' 'Data collection'        
3 3 'Structure model' 'Refinement description' 
# 
loop_
_pdbx_audit_revision_category.ordinal 
_pdbx_audit_revision_category.revision_ordinal 
_pdbx_audit_revision_category.data_content_type 
_pdbx_audit_revision_category.category 
1 2 'Structure model' citation                      
2 2 'Structure model' citation_author               
3 2 'Structure model' database_2                    
4 3 'Structure model' chem_comp_atom                
5 3 'Structure model' chem_comp_bond                
6 3 'Structure model' pdbx_initial_refinement_model 
# 
loop_
_pdbx_audit_revision_item.ordinal 
_pdbx_audit_revision_item.revision_ordinal 
_pdbx_audit_revision_item.data_content_type 
_pdbx_audit_revision_item.item 
1  2 'Structure model' '_citation.country'                   
2  2 'Structure model' '_citation.journal_abbrev'            
3  2 'Structure model' '_citation.journal_id_CSD'            
4  2 'Structure model' '_citation.journal_id_ISSN'           
5  2 'Structure model' '_citation.journal_volume'            
6  2 'Structure model' '_citation.page_first'                
7  2 'Structure model' '_citation.page_last'                 
8  2 'Structure model' '_citation.pdbx_database_id_DOI'      
9  2 'Structure model' '_citation.pdbx_database_id_PubMed'   
10 2 'Structure model' '_citation.title'                     
11 2 'Structure model' '_citation.year'                      
12 2 'Structure model' '_database_2.pdbx_DOI'                
13 2 'Structure model' '_database_2.pdbx_database_accession' 
# 
loop_
_software.citation_id 
_software.classification 
_software.compiler_name 
_software.compiler_version 
_software.contact_author 
_software.contact_author_email 
_software.date 
_software.description 
_software.dependencies 
_software.hardware 
_software.language 
_software.location 
_software.mods 
_software.name 
_software.os 
_software.os_version 
_software.type 
_software.version 
_software.pdbx_ordinal 
? 'data reduction'  ? ? ? ? ? ? ? ? ? ? ? HKL-2000    ? ? ? .           1 
? 'data scaling'    ? ? ? ? ? ? ? ? ? ? ? HKL-2000    ? ? ? .           2 
? refinement        ? ? ? ? ? ? ? ? ? ? ? PHENIX      ? ? ? 1.11.1_2575 3 
? 'data extraction' ? ? ? ? ? ? ? ? ? ? ? PDB_EXTRACT ? ? ? 3.25        4 
? phasing           ? ? ? ? ? ? ? ? ? ? ? PHASER      ? ? ? .           5 
# 
_pdbx_validate_rmsd_bond.id                        1 
_pdbx_validate_rmsd_bond.PDB_model_num             1 
_pdbx_validate_rmsd_bond.auth_atom_id_1            "O3'" 
_pdbx_validate_rmsd_bond.auth_asym_id_1            A 
_pdbx_validate_rmsd_bond.auth_comp_id_1            DC 
_pdbx_validate_rmsd_bond.auth_seq_id_1             16 
_pdbx_validate_rmsd_bond.PDB_ins_code_1            ? 
_pdbx_validate_rmsd_bond.label_alt_id_1            ? 
_pdbx_validate_rmsd_bond.auth_atom_id_2            "C3'" 
_pdbx_validate_rmsd_bond.auth_asym_id_2            A 
_pdbx_validate_rmsd_bond.auth_comp_id_2            DC 
_pdbx_validate_rmsd_bond.auth_seq_id_2             16 
_pdbx_validate_rmsd_bond.PDB_ins_code_2            ? 
_pdbx_validate_rmsd_bond.label_alt_id_2            ? 
_pdbx_validate_rmsd_bond.bond_value                1.380 
_pdbx_validate_rmsd_bond.bond_target_value         1.419 
_pdbx_validate_rmsd_bond.bond_deviation            -0.039 
_pdbx_validate_rmsd_bond.bond_standard_deviation   0.006 
_pdbx_validate_rmsd_bond.linker_flag               N 
# 
loop_
_pdbx_validate_rmsd_angle.id 
_pdbx_validate_rmsd_angle.PDB_model_num 
_pdbx_validate_rmsd_angle.auth_atom_id_1 
_pdbx_validate_rmsd_angle.auth_asym_id_1 
_pdbx_validate_rmsd_angle.auth_comp_id_1 
_pdbx_validate_rmsd_angle.auth_seq_id_1 
_pdbx_validate_rmsd_angle.PDB_ins_code_1 
_pdbx_validate_rmsd_angle.label_alt_id_1 
_pdbx_validate_rmsd_angle.auth_atom_id_2 
_pdbx_validate_rmsd_angle.auth_asym_id_2 
_pdbx_validate_rmsd_angle.auth_comp_id_2 
_pdbx_validate_rmsd_angle.auth_seq_id_2 
_pdbx_validate_rmsd_angle.PDB_ins_code_2 
_pdbx_validate_rmsd_angle.label_alt_id_2 
_pdbx_validate_rmsd_angle.auth_atom_id_3 
_pdbx_validate_rmsd_angle.auth_asym_id_3 
_pdbx_validate_rmsd_angle.auth_comp_id_3 
_pdbx_validate_rmsd_angle.auth_seq_id_3 
_pdbx_validate_rmsd_angle.PDB_ins_code_3 
_pdbx_validate_rmsd_angle.label_alt_id_3 
_pdbx_validate_rmsd_angle.angle_value 
_pdbx_validate_rmsd_angle.angle_target_value 
_pdbx_validate_rmsd_angle.angle_deviation 
_pdbx_validate_rmsd_angle.angle_standard_deviation 
_pdbx_validate_rmsd_angle.linker_flag 
1 1 "O4'" B DG 2  ? ? "C4'" B DG 2  ? ? "C3'" B DG 2  ? ? 101.53 104.50 -2.97 0.40 N 
2 1 "O4'" C DT 3  ? ? "C1'" C DT 3  ? ? N1    C DT 3  ? ? 110.22 108.30 1.92  0.30 N 
3 1 "O4'" C DG 9  ? ? "C1'" C DG 9  ? ? N9    C DG 9  ? ? 111.15 108.30 2.85  0.30 N 
4 1 "O4'" D DG 10 ? ? "C1'" D DG 10 ? ? N9    D DG 10 ? ? 110.12 108.30 1.82  0.30 N 
5 1 "O4'" D DG 11 ? ? "C4'" D DG 11 ? ? "C3'" D DG 11 ? ? 101.40 104.50 -3.10 0.40 N 
# 
loop_
_chem_comp_atom.comp_id 
_chem_comp_atom.atom_id 
_chem_comp_atom.type_symbol 
_chem_comp_atom.pdbx_aromatic_flag 
_chem_comp_atom.pdbx_stereo_config 
_chem_comp_atom.pdbx_ordinal 
DA OP3    O N N 1   
DA P      P N N 2   
DA OP1    O N N 3   
DA OP2    O N N 4   
DA "O5'"  O N N 5   
DA "C5'"  C N N 6   
DA "C4'"  C N R 7   
DA "O4'"  O N N 8   
DA "C3'"  C N S 9   
DA "O3'"  O N N 10  
DA "C2'"  C N N 11  
DA "C1'"  C N R 12  
DA N9     N Y N 13  
DA C8     C Y N 14  
DA N7     N Y N 15  
DA C5     C Y N 16  
DA C6     C Y N 17  
DA N6     N N N 18  
DA N1     N Y N 19  
DA C2     C Y N 20  
DA N3     N Y N 21  
DA C4     C Y N 22  
DA HOP3   H N N 23  
DA HOP2   H N N 24  
DA "H5'"  H N N 25  
DA "H5''" H N N 26  
DA "H4'"  H N N 27  
DA "H3'"  H N N 28  
DA "HO3'" H N N 29  
DA "H2'"  H N N 30  
DA "H2''" H N N 31  
DA "H1'"  H N N 32  
DA H8     H N N 33  
DA H61    H N N 34  
DA H62    H N N 35  
DA H2     H N N 36  
DC OP3    O N N 37  
DC P      P N N 38  
DC OP1    O N N 39  
DC OP2    O N N 40  
DC "O5'"  O N N 41  
DC "C5'"  C N N 42  
DC "C4'"  C N R 43  
DC "O4'"  O N N 44  
DC "C3'"  C N S 45  
DC "O3'"  O N N 46  
DC "C2'"  C N N 47  
DC "C1'"  C N R 48  
DC N1     N N N 49  
DC C2     C N N 50  
DC O2     O N N 51  
DC N3     N N N 52  
DC C4     C N N 53  
DC N4     N N N 54  
DC C5     C N N 55  
DC C6     C N N 56  
DC HOP3   H N N 57  
DC HOP2   H N N 58  
DC "H5'"  H N N 59  
DC "H5''" H N N 60  
DC "H4'"  H N N 61  
DC "H3'"  H N N 62  
DC "HO3'" H N N 63  
DC "H2'"  H N N 64  
DC "H2''" H N N 65  
DC "H1'"  H N N 66  
DC H41    H N N 67  
DC H42    H N N 68  
DC H5     H N N 69  
DC H6     H N N 70  
DG OP3    O N N 71  
DG P      P N N 72  
DG OP1    O N N 73  
DG OP2    O N N 74  
DG "O5'"  O N N 75  
DG "C5'"  C N N 76  
DG "C4'"  C N R 77  
DG "O4'"  O N N 78  
DG "C3'"  C N S 79  
DG "O3'"  O N N 80  
DG "C2'"  C N N 81  
DG "C1'"  C N R 82  
DG N9     N Y N 83  
DG C8     C Y N 84  
DG N7     N Y N 85  
DG C5     C Y N 86  
DG C6     C N N 87  
DG O6     O N N 88  
DG N1     N N N 89  
DG C2     C N N 90  
DG N2     N N N 91  
DG N3     N N N 92  
DG C4     C Y N 93  
DG HOP3   H N N 94  
DG HOP2   H N N 95  
DG "H5'"  H N N 96  
DG "H5''" H N N 97  
DG "H4'"  H N N 98  
DG "H3'"  H N N 99  
DG "HO3'" H N N 100 
DG "H2'"  H N N 101 
DG "H2''" H N N 102 
DG "H1'"  H N N 103 
DG H8     H N N 104 
DG H1     H N N 105 
DG H21    H N N 106 
DG H22    H N N 107 
DT OP3    O N N 108 
DT P      P N N 109 
DT OP1    O N N 110 
DT OP2    O N N 111 
DT "O5'"  O N N 112 
DT "C5'"  C N N 113 
DT "C4'"  C N R 114 
DT "O4'"  O N N 115 
DT "C3'"  C N S 116 
DT "O3'"  O N N 117 
DT "C2'"  C N N 118 
DT "C1'"  C N R 119 
DT N1     N N N 120 
DT C2     C N N 121 
DT O2     O N N 122 
DT N3     N N N 123 
DT C4     C N N 124 
DT O4     O N N 125 
DT C5     C N N 126 
DT C7     C N N 127 
DT C6     C N N 128 
DT HOP3   H N N 129 
DT HOP2   H N N 130 
DT "H5'"  H N N 131 
DT "H5''" H N N 132 
DT "H4'"  H N N 133 
DT "H3'"  H N N 134 
DT "HO3'" H N N 135 
DT "H2'"  H N N 136 
DT "H2''" H N N 137 
DT "H1'"  H N N 138 
DT H3     H N N 139 
DT H71    H N N 140 
DT H72    H N N 141 
DT H73    H N N 142 
DT H6     H N N 143 
# 
loop_
_chem_comp_bond.comp_id 
_chem_comp_bond.atom_id_1 
_chem_comp_bond.atom_id_2 
_chem_comp_bond.value_order 
_chem_comp_bond.pdbx_aromatic_flag 
_chem_comp_bond.pdbx_stereo_config 
_chem_comp_bond.pdbx_ordinal 
DA OP3   P      sing N N 1   
DA OP3   HOP3   sing N N 2   
DA P     OP1    doub N N 3   
DA P     OP2    sing N N 4   
DA P     "O5'"  sing N N 5   
DA OP2   HOP2   sing N N 6   
DA "O5'" "C5'"  sing N N 7   
DA "C5'" "C4'"  sing N N 8   
DA "C5'" "H5'"  sing N N 9   
DA "C5'" "H5''" sing N N 10  
DA "C4'" "O4'"  sing N N 11  
DA "C4'" "C3'"  sing N N 12  
DA "C4'" "H4'"  sing N N 13  
DA "O4'" "C1'"  sing N N 14  
DA "C3'" "O3'"  sing N N 15  
DA "C3'" "C2'"  sing N N 16  
DA "C3'" "H3'"  sing N N 17  
DA "O3'" "HO3'" sing N N 18  
DA "C2'" "C1'"  sing N N 19  
DA "C2'" "H2'"  sing N N 20  
DA "C2'" "H2''" sing N N 21  
DA "C1'" N9     sing N N 22  
DA "C1'" "H1'"  sing N N 23  
DA N9    C8     sing Y N 24  
DA N9    C4     sing Y N 25  
DA C8    N7     doub Y N 26  
DA C8    H8     sing N N 27  
DA N7    C5     sing Y N 28  
DA C5    C6     sing Y N 29  
DA C5    C4     doub Y N 30  
DA C6    N6     sing N N 31  
DA C6    N1     doub Y N 32  
DA N6    H61    sing N N 33  
DA N6    H62    sing N N 34  
DA N1    C2     sing Y N 35  
DA C2    N3     doub Y N 36  
DA C2    H2     sing N N 37  
DA N3    C4     sing Y N 38  
DC OP3   P      sing N N 39  
DC OP3   HOP3   sing N N 40  
DC P     OP1    doub N N 41  
DC P     OP2    sing N N 42  
DC P     "O5'"  sing N N 43  
DC OP2   HOP2   sing N N 44  
DC "O5'" "C5'"  sing N N 45  
DC "C5'" "C4'"  sing N N 46  
DC "C5'" "H5'"  sing N N 47  
DC "C5'" "H5''" sing N N 48  
DC "C4'" "O4'"  sing N N 49  
DC "C4'" "C3'"  sing N N 50  
DC "C4'" "H4'"  sing N N 51  
DC "O4'" "C1'"  sing N N 52  
DC "C3'" "O3'"  sing N N 53  
DC "C3'" "C2'"  sing N N 54  
DC "C3'" "H3'"  sing N N 55  
DC "O3'" "HO3'" sing N N 56  
DC "C2'" "C1'"  sing N N 57  
DC "C2'" "H2'"  sing N N 58  
DC "C2'" "H2''" sing N N 59  
DC "C1'" N1     sing N N 60  
DC "C1'" "H1'"  sing N N 61  
DC N1    C2     sing N N 62  
DC N1    C6     sing N N 63  
DC C2    O2     doub N N 64  
DC C2    N3     sing N N 65  
DC N3    C4     doub N N 66  
DC C4    N4     sing N N 67  
DC C4    C5     sing N N 68  
DC N4    H41    sing N N 69  
DC N4    H42    sing N N 70  
DC C5    C6     doub N N 71  
DC C5    H5     sing N N 72  
DC C6    H6     sing N N 73  
DG OP3   P      sing N N 74  
DG OP3   HOP3   sing N N 75  
DG P     OP1    doub N N 76  
DG P     OP2    sing N N 77  
DG P     "O5'"  sing N N 78  
DG OP2   HOP2   sing N N 79  
DG "O5'" "C5'"  sing N N 80  
DG "C5'" "C4'"  sing N N 81  
DG "C5'" "H5'"  sing N N 82  
DG "C5'" "H5''" sing N N 83  
DG "C4'" "O4'"  sing N N 84  
DG "C4'" "C3'"  sing N N 85  
DG "C4'" "H4'"  sing N N 86  
DG "O4'" "C1'"  sing N N 87  
DG "C3'" "O3'"  sing N N 88  
DG "C3'" "C2'"  sing N N 89  
DG "C3'" "H3'"  sing N N 90  
DG "O3'" "HO3'" sing N N 91  
DG "C2'" "C1'"  sing N N 92  
DG "C2'" "H2'"  sing N N 93  
DG "C2'" "H2''" sing N N 94  
DG "C1'" N9     sing N N 95  
DG "C1'" "H1'"  sing N N 96  
DG N9    C8     sing Y N 97  
DG N9    C4     sing Y N 98  
DG C8    N7     doub Y N 99  
DG C8    H8     sing N N 100 
DG N7    C5     sing Y N 101 
DG C5    C6     sing N N 102 
DG C5    C4     doub Y N 103 
DG C6    O6     doub N N 104 
DG C6    N1     sing N N 105 
DG N1    C2     sing N N 106 
DG N1    H1     sing N N 107 
DG C2    N2     sing N N 108 
DG C2    N3     doub N N 109 
DG N2    H21    sing N N 110 
DG N2    H22    sing N N 111 
DG N3    C4     sing N N 112 
DT OP3   P      sing N N 113 
DT OP3   HOP3   sing N N 114 
DT P     OP1    doub N N 115 
DT P     OP2    sing N N 116 
DT P     "O5'"  sing N N 117 
DT OP2   HOP2   sing N N 118 
DT "O5'" "C5'"  sing N N 119 
DT "C5'" "C4'"  sing N N 120 
DT "C5'" "H5'"  sing N N 121 
DT "C5'" "H5''" sing N N 122 
DT "C4'" "O4'"  sing N N 123 
DT "C4'" "C3'"  sing N N 124 
DT "C4'" "H4'"  sing N N 125 
DT "O4'" "C1'"  sing N N 126 
DT "C3'" "O3'"  sing N N 127 
DT "C3'" "C2'"  sing N N 128 
DT "C3'" "H3'"  sing N N 129 
DT "O3'" "HO3'" sing N N 130 
DT "C2'" "C1'"  sing N N 131 
DT "C2'" "H2'"  sing N N 132 
DT "C2'" "H2''" sing N N 133 
DT "C1'" N1     sing N N 134 
DT "C1'" "H1'"  sing N N 135 
DT N1    C2     sing N N 136 
DT N1    C6     sing N N 137 
DT C2    O2     doub N N 138 
DT C2    N3     sing N N 139 
DT N3    C4     sing N N 140 
DT N3    H3     sing N N 141 
DT C4    O4     doub N N 142 
DT C4    C5     sing N N 143 
DT C5    C7     sing N N 144 
DT C5    C6     doub N N 145 
DT C7    H71    sing N N 146 
DT C7    H72    sing N N 147 
DT C7    H73    sing N N 148 
DT C6    H6     sing N N 149 
# 
loop_
_ndb_struct_conf_na.entry_id 
_ndb_struct_conf_na.feature 
6WSX 'double helix'        
6WSX 'a-form double helix' 
6WSX 'b-form double helix' 
# 
loop_
_ndb_struct_na_base_pair.model_number 
_ndb_struct_na_base_pair.i_label_asym_id 
_ndb_struct_na_base_pair.i_label_comp_id 
_ndb_struct_na_base_pair.i_label_seq_id 
_ndb_struct_na_base_pair.i_symmetry 
_ndb_struct_na_base_pair.j_label_asym_id 
_ndb_struct_na_base_pair.j_label_comp_id 
_ndb_struct_na_base_pair.j_label_seq_id 
_ndb_struct_na_base_pair.j_symmetry 
_ndb_struct_na_base_pair.shear 
_ndb_struct_na_base_pair.stretch 
_ndb_struct_na_base_pair.stagger 
_ndb_struct_na_base_pair.buckle 
_ndb_struct_na_base_pair.propeller 
_ndb_struct_na_base_pair.opening 
_ndb_struct_na_base_pair.pair_number 
_ndb_struct_na_base_pair.pair_name 
_ndb_struct_na_base_pair.i_auth_asym_id 
_ndb_struct_na_base_pair.i_auth_seq_id 
_ndb_struct_na_base_pair.i_PDB_ins_code 
_ndb_struct_na_base_pair.j_auth_asym_id 
_ndb_struct_na_base_pair.j_auth_seq_id 
_ndb_struct_na_base_pair.j_PDB_ins_code 
_ndb_struct_na_base_pair.hbond_type_28 
_ndb_struct_na_base_pair.hbond_type_12 
1 A DG 3  1_555 D DC 7 1_555 -0.090 -0.125 0.341  2.551  -4.078 -0.666 1  A_DG3:DC16_D A 3  ? D 16 ? 19 1 
1 A DC 4  1_555 D DG 6 1_555 0.226  -0.096 0.116  -2.101 -2.855 1.145  2  A_DC4:DG15_D A 4  ? D 15 ? 19 1 
1 A DA 5  1_555 D DT 5 1_555 -0.026 -0.143 0.207  -5.132 -0.392 3.990  3  A_DA5:DT14_D A 5  ? D 14 ? 20 1 
1 A DG 6  1_555 D DC 4 1_555 -0.202 -0.137 0.274  -0.565 0.967  -0.610 4  A_DG6:DC13_D A 6  ? D 13 ? 19 1 
1 A DA 7  1_555 D DT 3 1_555 0.206  -0.133 -0.164 -6.601 0.357  -8.509 5  A_DA7:DT12_D A 7  ? D 12 ? 20 1 
1 A DC 8  1_555 D DG 2 1_555 0.079  -0.182 0.405  5.658  -2.794 -0.106 6  A_DC8:DG11_D A 8  ? D 11 ? 19 1 
1 A DC 9  1_555 D DG 1 1_555 0.051  -0.150 0.404  4.279  -5.308 0.082  7  A_DC9:DG10_D A 9  ? D 10 ? 19 1 
1 A DT 10 1_555 B DA 5 1_555 -2.441 0.207  0.456  -4.490 -0.442 10.011 8  A_DT10:DA5_B A 10 ? B 5  ? ?  1 
1 A DG 11 1_555 B DC 4 1_555 -0.121 -0.303 1.041  6.854  -1.063 -3.960 9  A_DG11:DC4_B A 11 ? B 4  ? 19 1 
1 A DA 12 1_555 B DT 3 1_555 0.243  -0.203 0.699  1.732  -1.714 -6.362 10 A_DA12:DT3_B A 12 ? B 3  ? 20 1 
1 A DC 13 1_555 B DG 2 1_555 0.090  -0.023 0.477  4.553  -0.473 -0.393 11 A_DC13:DG2_B A 13 ? B 2  ? 19 1 
1 A DG 14 1_555 B DC 1 1_555 -0.021 -0.125 0.556  1.705  -4.029 -4.770 12 A_DG14:DC1_B A 14 ? B 1  ? 19 1 
1 A DC 15 1_555 C DG 9 1_555 0.166  0.033  0.138  -8.017 -0.562 3.852  13 A_DC15:DG9_C A 15 ? C 9  ? 19 1 
1 A DC 16 1_555 C DG 8 1_555 0.164  -0.018 0.502  -0.946 -0.063 -1.182 14 A_DC16:DG8_C A 16 ? C 8  ? 19 1 
1 A DA 17 1_555 C DT 7 1_555 0.360  -0.263 0.341  -1.756 0.297  -2.759 15 A_DA17:DT7_C A 17 ? C 7  ? 20 1 
1 A DC 18 1_555 C DG 6 1_555 0.132  -0.226 0.189  -2.404 0.045  0.471  16 A_DC18:DG6_C A 18 ? C 6  ? 19 1 
1 A DT 19 1_555 C DA 5 1_555 -0.036 -0.113 0.474  -2.588 -9.151 2.798  17 A_DT19:DA5_C A 19 ? C 5  ? 20 1 
1 A DA 21 1_555 C DT 3 1_555 0.259  -0.130 0.111  2.156  1.791  1.504  18 A_DA21:DT3_C A 21 ? C 3  ? 20 1 
# 
loop_
_ndb_struct_na_base_pair_step.model_number 
_ndb_struct_na_base_pair_step.i_label_asym_id_1 
_ndb_struct_na_base_pair_step.i_label_comp_id_1 
_ndb_struct_na_base_pair_step.i_label_seq_id_1 
_ndb_struct_na_base_pair_step.i_symmetry_1 
_ndb_struct_na_base_pair_step.j_label_asym_id_1 
_ndb_struct_na_base_pair_step.j_label_comp_id_1 
_ndb_struct_na_base_pair_step.j_label_seq_id_1 
_ndb_struct_na_base_pair_step.j_symmetry_1 
_ndb_struct_na_base_pair_step.i_label_asym_id_2 
_ndb_struct_na_base_pair_step.i_label_comp_id_2 
_ndb_struct_na_base_pair_step.i_label_seq_id_2 
_ndb_struct_na_base_pair_step.i_symmetry_2 
_ndb_struct_na_base_pair_step.j_label_asym_id_2 
_ndb_struct_na_base_pair_step.j_label_comp_id_2 
_ndb_struct_na_base_pair_step.j_label_seq_id_2 
_ndb_struct_na_base_pair_step.j_symmetry_2 
_ndb_struct_na_base_pair_step.shift 
_ndb_struct_na_base_pair_step.slide 
_ndb_struct_na_base_pair_step.rise 
_ndb_struct_na_base_pair_step.tilt 
_ndb_struct_na_base_pair_step.roll 
_ndb_struct_na_base_pair_step.twist 
_ndb_struct_na_base_pair_step.x_displacement 
_ndb_struct_na_base_pair_step.y_displacement 
_ndb_struct_na_base_pair_step.helical_rise 
_ndb_struct_na_base_pair_step.inclination 
_ndb_struct_na_base_pair_step.tip 
_ndb_struct_na_base_pair_step.helical_twist 
_ndb_struct_na_base_pair_step.step_number 
_ndb_struct_na_base_pair_step.step_name 
_ndb_struct_na_base_pair_step.i_auth_asym_id_1 
_ndb_struct_na_base_pair_step.i_auth_seq_id_1 
_ndb_struct_na_base_pair_step.i_PDB_ins_code_1 
_ndb_struct_na_base_pair_step.j_auth_asym_id_1 
_ndb_struct_na_base_pair_step.j_auth_seq_id_1 
_ndb_struct_na_base_pair_step.j_PDB_ins_code_1 
_ndb_struct_na_base_pair_step.i_auth_asym_id_2 
_ndb_struct_na_base_pair_step.i_auth_seq_id_2 
_ndb_struct_na_base_pair_step.i_PDB_ins_code_2 
_ndb_struct_na_base_pair_step.j_auth_asym_id_2 
_ndb_struct_na_base_pair_step.j_auth_seq_id_2 
_ndb_struct_na_base_pair_step.j_PDB_ins_code_2 
1 A DG 3  1_555 D DC 7 1_555 A DC 4  1_555 D DG 6 1_555 -0.476 -0.989 3.408 3.473  2.193  36.212 -1.895  1.257  3.286 3.515  
-5.566 36.436 1  AA_DG3DC4:DG15DC16_DD A 3  ? D 16 ? A 4  ? D 15 ? 
1 A DC 4  1_555 D DG 6 1_555 A DA 5  1_555 D DT 5 1_555 0.106  1.412  3.528 -2.607 -0.694 38.129 2.251   -0.515 3.488 -1.061 3.985 
38.221 2  AA_DC4DA5:DT14DG15_DD A 4  ? D 15 ? A 5  ? D 14 ? 
1 A DA 5  1_555 D DT 5 1_555 A DG 6  1_555 D DC 4 1_555 -0.589 -0.514 3.316 -4.350 0.933  28.220 -1.259  0.180  3.348 1.899  8.853 
28.562 3  AA_DA5DG6:DC13DT14_DD A 5  ? D 14 ? A 6  ? D 13 ? 
1 A DG 6  1_555 D DC 4 1_555 A DA 7  1_555 D DT 3 1_555 -0.149 -1.594 3.529 1.755  1.685  34.492 -2.960  0.540  3.438 2.838  
-2.955 34.575 4  AA_DG6DA7:DT12DC13_DD A 6  ? D 13 ? A 7  ? D 12 ? 
1 A DA 7  1_555 D DT 3 1_555 A DC 8  1_555 D DG 2 1_555 0.829  -0.634 3.009 -3.582 1.831  40.698 -1.090  -1.542 2.899 2.625  5.135 
40.888 5  AA_DA7DC8:DG11DT12_DD A 7  ? D 12 ? A 8  ? D 11 ? 
1 A DC 8  1_555 D DG 2 1_555 A DC 9  1_555 D DG 1 1_555 -0.444 -1.792 3.168 -3.474 -2.635 29.177 -2.958  0.132  3.343 -5.193 6.848 
29.494 6  AA_DC8DC9:DG10DG11_DD A 8  ? D 11 ? A 9  ? D 10 ? 
1 A DC 9  1_555 D DG 1 1_555 A DT 10 1_555 B DA 5 1_555 -0.592 -2.170 3.400 -0.194 4.172  11.745 -14.653 2.510  2.490 19.594 0.912 
12.463 7  AA_DC9DT10:DA5DG10_BD A 9  ? D 10 ? A 10 ? B 5  ? 
1 A DT 10 1_555 B DA 5 1_555 A DG 11 1_555 B DC 4 1_555 -0.464 1.428  3.258 -4.552 0.002  47.782 1.756   0.211  3.287 0.003  5.605 
47.985 8  AA_DT10DG11:DC4DA5_BB A 10 ? B 5  ? A 11 ? B 4  ? 
1 A DG 11 1_555 B DC 4 1_555 A DA 12 1_555 B DT 3 1_555 -0.176 -0.832 3.333 2.206  0.745  35.181 -1.485  0.623  3.299 1.230  
-3.644 35.256 9  AA_DG11DA12:DT3DC4_BB A 11 ? B 4  ? A 12 ? B 3  ? 
1 A DA 12 1_555 B DT 3 1_555 A DC 13 1_555 B DG 2 1_555 1.208  -1.454 3.207 -2.655 -2.525 35.168 -2.028  -2.374 3.204 -4.164 4.379 
35.352 10 AA_DA12DC13:DG2DT3_BB A 12 ? B 3  ? A 13 ? B 2  ? 
1 A DC 13 1_555 B DG 2 1_555 A DG 14 1_555 B DC 1 1_555 -1.098 -0.721 3.332 -0.553 -0.596 37.658 -1.038  1.627  3.358 -0.924 0.857 
37.667 11 AA_DC13DG14:DC1DG2_BB A 13 ? B 2  ? A 14 ? B 1  ? 
1 A DG 14 1_555 B DC 1 1_555 A DC 15 1_555 C DG 9 1_555 -0.252 -0.976 3.439 2.517  0.190  25.982 -2.214  1.277  3.393 0.422  
-5.583 26.102 12 AA_DG14DC15:DG9DC1_CB A 14 ? B 1  ? A 15 ? C 9  ? 
1 A DC 15 1_555 C DG 9 1_555 A DC 16 1_555 C DG 8 1_555 -0.792 -0.070 3.354 -2.099 3.680  29.918 -0.906  1.080  3.368 7.083  4.040 
30.210 13 AA_DC15DC16:DG8DG9_CC A 15 ? C 9  ? A 16 ? C 8  ? 
1 A DC 16 1_555 C DG 8 1_555 A DA 17 1_555 C DT 7 1_555 0.189  1.461  3.446 -0.856 -0.784 43.383 2.056   -0.342 3.417 -1.060 1.158 
43.398 14 AA_DC16DA17:DT7DG8_CC A 16 ? C 8  ? A 17 ? C 7  ? 
1 A DA 17 1_555 C DT 7 1_555 A DC 18 1_555 C DG 6 1_555 -0.201 -0.841 3.271 -0.785 2.081  33.470 -1.797  0.221  3.218 3.609  1.361 
33.542 15 AA_DA17DC18:DG6DT7_CC A 17 ? C 7  ? A 18 ? C 6  ? 
1 A DC 18 1_555 C DG 6 1_555 A DT 19 1_555 C DA 5 1_555 0.034  -0.966 3.347 -0.193 -3.546 34.575 -1.055  -0.088 3.426 -5.946 0.324 
34.751 16 AA_DC18DT19:DA5DG6_CC A 18 ? C 6  ? A 19 ? C 5  ? 
1 A DT 19 1_555 C DA 5 1_555 A DA 21 1_555 C DT 3 1_555 -0.022 1.931  6.756 1.344  0.794  75.985 1.519   0.100  6.772 0.645  
-1.092 75.999 17 AA_DT19DA21:DT3DA5_CC A 19 ? C 5  ? A 21 ? C 3  ? 
# 
loop_
_pdbx_audit_support.funding_organization 
_pdbx_audit_support.country 
_pdbx_audit_support.grant_number 
_pdbx_audit_support.ordinal 
'National Science Foundation (NSF, United States)'                                         'United States' 1360635     1 
'National Institutes of Health/National Institute of General Medical Sciences (NIH/NIGMS)' 'United States' R01GM104960 2 
'National Science Foundation (NSF, United States)'                                         'United States' NSF2004250  3 
# 
_pdbx_initial_refinement_model.id               1 
_pdbx_initial_refinement_model.entity_id_list   ? 
_pdbx_initial_refinement_model.type             'experimental model' 
_pdbx_initial_refinement_model.source_name      PDB 
_pdbx_initial_refinement_model.accession_code   5KEK 
_pdbx_initial_refinement_model.details          ? 
# 
_pdbx_struct_assembly_auth_evidence.id                     1 
_pdbx_struct_assembly_auth_evidence.assembly_id            1 
_pdbx_struct_assembly_auth_evidence.experimental_support   none 
_pdbx_struct_assembly_auth_evidence.details                ? 
# 
